data_1QZN
# 
_entry.id   1QZN 
# 
_audit_conform.dict_name       mmcif_pdbx.dic 
_audit_conform.dict_version    5.389 
_audit_conform.dict_location   http://mmcif.pdb.org/dictionaries/ascii/mmcif_pdbx.dic 
# 
loop_
_database_2.database_id 
_database_2.database_code 
_database_2.pdbx_database_accession 
_database_2.pdbx_DOI 
PDB   1QZN         pdb_00001qzn 10.2210/pdb1qzn/pdb 
RCSB  RCSB020264   ?            ?                   
WWPDB D_1000020264 ?            ?                   
# 
loop_
_pdbx_audit_revision_history.ordinal 
_pdbx_audit_revision_history.data_content_type 
_pdbx_audit_revision_history.major_revision 
_pdbx_audit_revision_history.minor_revision 
_pdbx_audit_revision_history.revision_date 
1 'Structure model' 1 0 2004-09-21 
2 'Structure model' 1 1 2008-04-29 
3 'Structure model' 1 2 2011-07-13 
4 'Structure model' 1 3 2018-04-04 
5 'Structure model' 1 4 2024-02-14 
6 'Structure model' 1 5 2024-04-03 
# 
_pdbx_audit_revision_details.ordinal             1 
_pdbx_audit_revision_details.revision_ordinal    1 
_pdbx_audit_revision_details.data_content_type   'Structure model' 
_pdbx_audit_revision_details.provider            repository 
_pdbx_audit_revision_details.type                'Initial release' 
_pdbx_audit_revision_details.description         ? 
_pdbx_audit_revision_details.details             ? 
# 
loop_
_pdbx_audit_revision_group.ordinal 
_pdbx_audit_revision_group.revision_ordinal 
_pdbx_audit_revision_group.data_content_type 
_pdbx_audit_revision_group.group 
1 2 'Structure model' 'Version format compliance' 
2 3 'Structure model' 'Version format compliance' 
3 4 'Structure model' 'Data collection'           
4 5 'Structure model' 'Data collection'           
5 5 'Structure model' 'Database references'       
6 6 'Structure model' 'Refinement description'    
# 
loop_
_pdbx_audit_revision_category.ordinal 
_pdbx_audit_revision_category.revision_ordinal 
_pdbx_audit_revision_category.data_content_type 
_pdbx_audit_revision_category.category 
1 4 'Structure model' diffrn_source                 
2 5 'Structure model' chem_comp_atom                
3 5 'Structure model' chem_comp_bond                
4 5 'Structure model' database_2                    
5 6 'Structure model' pdbx_initial_refinement_model 
6 6 'Structure model' refine                        
# 
loop_
_pdbx_audit_revision_item.ordinal 
_pdbx_audit_revision_item.revision_ordinal 
_pdbx_audit_revision_item.data_content_type 
_pdbx_audit_revision_item.item 
1 4 'Structure model' '_diffrn_source.type'                 
2 5 'Structure model' '_database_2.pdbx_DOI'                
3 5 'Structure model' '_database_2.pdbx_database_accession' 
4 6 'Structure model' '_refine.pdbx_starting_model'         
# 
_pdbx_database_status.status_code                     REL 
_pdbx_database_status.entry_id                        1QZN 
_pdbx_database_status.recvd_initial_deposition_date   2003-09-17 
_pdbx_database_status.deposit_site                    RCSB 
_pdbx_database_status.process_site                    RCSB 
_pdbx_database_status.status_code_sf                  REL 
_pdbx_database_status.status_code_mr                  ? 
_pdbx_database_status.SG_entry                        ? 
_pdbx_database_status.pdb_format_compatible           Y 
_pdbx_database_status.status_code_cs                  ? 
_pdbx_database_status.methods_development_category    ? 
_pdbx_database_status.status_code_nmr_data            ? 
# 
loop_
_audit_author.name 
_audit_author.pdbx_ordinal 
'Frolow, F.'     1 
'Noach, I.'      2 
'Rosenheck, S.'  3 
'Lamed, R.'      4 
'Qi, X.'         5 
'Shimon, L.J.W.' 6 
'Bayer, E.A.'    7 
# 
_citation.id                        primary 
_citation.title                     
;Crystal structure of a type-II cohesin module from the Bacteroides cellulosolvens cellulosome reveals novel and distinctive secondary structural elements.
;
_citation.journal_abbrev            J.Mol.Biol. 
_citation.journal_volume            348 
_citation.page_first                1 
_citation.page_last                 12 
_citation.year                      2005 
_citation.journal_id_ASTM           JMOBAK 
_citation.country                   UK 
_citation.journal_id_ISSN           0022-2836 
_citation.journal_id_CSD            0070 
_citation.book_publisher            ? 
_citation.pdbx_database_id_PubMed   15808849 
_citation.pdbx_database_id_DOI      10.1016/j.jmb.2005.02.024 
# 
loop_
_citation_author.citation_id 
_citation_author.name 
_citation_author.ordinal 
_citation_author.identifier_ORCID 
primary 'Noach, I.'     1 ? 
primary 'Frolow, F.'    2 ? 
primary 'Jakoby, H.'    3 ? 
primary 'Rosenheck, S.' 4 ? 
primary 'Shimon, L.W.'  5 ? 
primary 'Lamed, R.'     6 ? 
primary 'Bayer, E.A.'   7 ? 
# 
loop_
_entity.id 
_entity.type 
_entity.src_method 
_entity.pdbx_description 
_entity.formula_weight 
_entity.pdbx_number_of_molecules 
_entity.pdbx_ec 
_entity.pdbx_mutation 
_entity.pdbx_fragment 
_entity.details 
1 polymer man 'cellulosomal scaffoldin adaptor protein B' 18459.680 1  ? ? 'COHESIN II DOMAIN FROM CELLULOSOME ASSEMBLY' ? 
2 water   nat water                                       18.015    96 ? ? ?                                             ? 
# 
_entity_poly.entity_id                      1 
_entity_poly.type                           'polypeptide(L)' 
_entity_poly.nstd_linkage                   no 
_entity_poly.nstd_monomer                   no 
_entity_poly.pdbx_seq_one_letter_code       
;AAPTSSIEIVLDKTTASVGEIVTASINIKNITNFSGCQLNMKYDPAVLQPVTSSGVAYTKSTMPGAGTILNSDFNLRQVA
DNDLEKGILNFSKAYVSLDDYRTAAAPEQTGTVAVVKFKVLKEETSSISFEDTTSVPNAIDGTVLFDWNGDRIQSGYSVI
QPAVINLDMIKAS
;
_entity_poly.pdbx_seq_one_letter_code_can   
;AAPTSSIEIVLDKTTASVGEIVTASINIKNITNFSGCQLNMKYDPAVLQPVTSSGVAYTKSTMPGAGTILNSDFNLRQVA
DNDLEKGILNFSKAYVSLDDYRTAAAPEQTGTVAVVKFKVLKEETSSISFEDTTSVPNAIDGTVLFDWNGDRIQSGYSVI
QPAVINLDMIKAS
;
_entity_poly.pdbx_strand_id                 A 
_entity_poly.pdbx_target_identifier         ? 
# 
_pdbx_entity_nonpoly.entity_id   2 
_pdbx_entity_nonpoly.name        water 
_pdbx_entity_nonpoly.comp_id     HOH 
# 
loop_
_entity_poly_seq.entity_id 
_entity_poly_seq.num 
_entity_poly_seq.mon_id 
_entity_poly_seq.hetero 
1 1   ALA n 
1 2   ALA n 
1 3   PRO n 
1 4   THR n 
1 5   SER n 
1 6   SER n 
1 7   ILE n 
1 8   GLU n 
1 9   ILE n 
1 10  VAL n 
1 11  LEU n 
1 12  ASP n 
1 13  LYS n 
1 14  THR n 
1 15  THR n 
1 16  ALA n 
1 17  SER n 
1 18  VAL n 
1 19  GLY n 
1 20  GLU n 
1 21  ILE n 
1 22  VAL n 
1 23  THR n 
1 24  ALA n 
1 25  SER n 
1 26  ILE n 
1 27  ASN n 
1 28  ILE n 
1 29  LYS n 
1 30  ASN n 
1 31  ILE n 
1 32  THR n 
1 33  ASN n 
1 34  PHE n 
1 35  SER n 
1 36  GLY n 
1 37  CYS n 
1 38  GLN n 
1 39  LEU n 
1 40  ASN n 
1 41  MET n 
1 42  LYS n 
1 43  TYR n 
1 44  ASP n 
1 45  PRO n 
1 46  ALA n 
1 47  VAL n 
1 48  LEU n 
1 49  GLN n 
1 50  PRO n 
1 51  VAL n 
1 52  THR n 
1 53  SER n 
1 54  SER n 
1 55  GLY n 
1 56  VAL n 
1 57  ALA n 
1 58  TYR n 
1 59  THR n 
1 60  LYS n 
1 61  SER n 
1 62  THR n 
1 63  MET n 
1 64  PRO n 
1 65  GLY n 
1 66  ALA n 
1 67  GLY n 
1 68  THR n 
1 69  ILE n 
1 70  LEU n 
1 71  ASN n 
1 72  SER n 
1 73  ASP n 
1 74  PHE n 
1 75  ASN n 
1 76  LEU n 
1 77  ARG n 
1 78  GLN n 
1 79  VAL n 
1 80  ALA n 
1 81  ASP n 
1 82  ASN n 
1 83  ASP n 
1 84  LEU n 
1 85  GLU n 
1 86  LYS n 
1 87  GLY n 
1 88  ILE n 
1 89  LEU n 
1 90  ASN n 
1 91  PHE n 
1 92  SER n 
1 93  LYS n 
1 94  ALA n 
1 95  TYR n 
1 96  VAL n 
1 97  SER n 
1 98  LEU n 
1 99  ASP n 
1 100 ASP n 
1 101 TYR n 
1 102 ARG n 
1 103 THR n 
1 104 ALA n 
1 105 ALA n 
1 106 ALA n 
1 107 PRO n 
1 108 GLU n 
1 109 GLN n 
1 110 THR n 
1 111 GLY n 
1 112 THR n 
1 113 VAL n 
1 114 ALA n 
1 115 VAL n 
1 116 VAL n 
1 117 LYS n 
1 118 PHE n 
1 119 LYS n 
1 120 VAL n 
1 121 LEU n 
1 122 LYS n 
1 123 GLU n 
1 124 GLU n 
1 125 THR n 
1 126 SER n 
1 127 SER n 
1 128 ILE n 
1 129 SER n 
1 130 PHE n 
1 131 GLU n 
1 132 ASP n 
1 133 THR n 
1 134 THR n 
1 135 SER n 
1 136 VAL n 
1 137 PRO n 
1 138 ASN n 
1 139 ALA n 
1 140 ILE n 
1 141 ASP n 
1 142 GLY n 
1 143 THR n 
1 144 VAL n 
1 145 LEU n 
1 146 PHE n 
1 147 ASP n 
1 148 TRP n 
1 149 ASN n 
1 150 GLY n 
1 151 ASP n 
1 152 ARG n 
1 153 ILE n 
1 154 GLN n 
1 155 SER n 
1 156 GLY n 
1 157 TYR n 
1 158 SER n 
1 159 VAL n 
1 160 ILE n 
1 161 GLN n 
1 162 PRO n 
1 163 ALA n 
1 164 VAL n 
1 165 ILE n 
1 166 ASN n 
1 167 LEU n 
1 168 ASP n 
1 169 MET n 
1 170 ILE n 
1 171 LYS n 
1 172 ALA n 
1 173 SER n 
# 
_entity_src_gen.entity_id                          1 
_entity_src_gen.pdbx_src_id                        1 
_entity_src_gen.pdbx_alt_source_flag               sample 
_entity_src_gen.pdbx_seq_type                      ? 
_entity_src_gen.pdbx_beg_seq_num                   ? 
_entity_src_gen.pdbx_end_seq_num                   ? 
_entity_src_gen.gene_src_common_name               ? 
_entity_src_gen.gene_src_genus                     Acetivibrio 
_entity_src_gen.pdbx_gene_src_gene                 ScaB 
_entity_src_gen.gene_src_species                   ? 
_entity_src_gen.gene_src_strain                    ? 
_entity_src_gen.gene_src_tissue                    ? 
_entity_src_gen.gene_src_tissue_fraction           ? 
_entity_src_gen.gene_src_details                   ? 
_entity_src_gen.pdbx_gene_src_fragment             ? 
_entity_src_gen.pdbx_gene_src_scientific_name      'Acetivibrio cellulolyticus' 
_entity_src_gen.pdbx_gene_src_ncbi_taxonomy_id     35830 
_entity_src_gen.pdbx_gene_src_variant              ? 
_entity_src_gen.pdbx_gene_src_cell_line            ? 
_entity_src_gen.pdbx_gene_src_atcc                 ? 
_entity_src_gen.pdbx_gene_src_organ                ? 
_entity_src_gen.pdbx_gene_src_organelle            ? 
_entity_src_gen.pdbx_gene_src_cell                 ? 
_entity_src_gen.pdbx_gene_src_cellular_location    ? 
_entity_src_gen.host_org_common_name               ? 
_entity_src_gen.pdbx_host_org_scientific_name      'Escherichia coli BL21' 
_entity_src_gen.pdbx_host_org_ncbi_taxonomy_id     511693 
_entity_src_gen.host_org_genus                     Escherichia 
_entity_src_gen.pdbx_host_org_gene                 ? 
_entity_src_gen.pdbx_host_org_organ                ? 
_entity_src_gen.host_org_species                   'Escherichia coli' 
_entity_src_gen.pdbx_host_org_tissue               ? 
_entity_src_gen.pdbx_host_org_tissue_fraction      ? 
_entity_src_gen.pdbx_host_org_strain               BL21 
_entity_src_gen.pdbx_host_org_variant              ? 
_entity_src_gen.pdbx_host_org_cell_line            ? 
_entity_src_gen.pdbx_host_org_atcc                 ? 
_entity_src_gen.pdbx_host_org_culture_collection   ? 
_entity_src_gen.pdbx_host_org_cell                 ? 
_entity_src_gen.pdbx_host_org_organelle            ? 
_entity_src_gen.pdbx_host_org_cellular_location    ? 
_entity_src_gen.pdbx_host_org_vector_type          PLASMID 
_entity_src_gen.pdbx_host_org_vector               ? 
_entity_src_gen.host_org_details                   ? 
_entity_src_gen.expression_system_id               ? 
_entity_src_gen.plasmid_name                       pET28a 
_entity_src_gen.plasmid_details                    ? 
_entity_src_gen.pdbx_description                   ? 
# 
loop_
_chem_comp.id 
_chem_comp.type 
_chem_comp.mon_nstd_flag 
_chem_comp.name 
_chem_comp.pdbx_synonyms 
_chem_comp.formula 
_chem_comp.formula_weight 
ALA 'L-peptide linking' y ALANINE         ? 'C3 H7 N O2'     89.093  
ARG 'L-peptide linking' y ARGININE        ? 'C6 H15 N4 O2 1' 175.209 
ASN 'L-peptide linking' y ASPARAGINE      ? 'C4 H8 N2 O3'    132.118 
ASP 'L-peptide linking' y 'ASPARTIC ACID' ? 'C4 H7 N O4'     133.103 
CYS 'L-peptide linking' y CYSTEINE        ? 'C3 H7 N O2 S'   121.158 
GLN 'L-peptide linking' y GLUTAMINE       ? 'C5 H10 N2 O3'   146.144 
GLU 'L-peptide linking' y 'GLUTAMIC ACID' ? 'C5 H9 N O4'     147.129 
GLY 'peptide linking'   y GLYCINE         ? 'C2 H5 N O2'     75.067  
HOH non-polymer         . WATER           ? 'H2 O'           18.015  
ILE 'L-peptide linking' y ISOLEUCINE      ? 'C6 H13 N O2'    131.173 
LEU 'L-peptide linking' y LEUCINE         ? 'C6 H13 N O2'    131.173 
LYS 'L-peptide linking' y LYSINE          ? 'C6 H15 N2 O2 1' 147.195 
MET 'L-peptide linking' y METHIONINE      ? 'C5 H11 N O2 S'  149.211 
PHE 'L-peptide linking' y PHENYLALANINE   ? 'C9 H11 N O2'    165.189 
PRO 'L-peptide linking' y PROLINE         ? 'C5 H9 N O2'     115.130 
SER 'L-peptide linking' y SERINE          ? 'C3 H7 N O3'     105.093 
THR 'L-peptide linking' y THREONINE       ? 'C4 H9 N O3'     119.119 
TRP 'L-peptide linking' y TRYPTOPHAN      ? 'C11 H12 N2 O2'  204.225 
TYR 'L-peptide linking' y TYROSINE        ? 'C9 H11 N O3'    181.189 
VAL 'L-peptide linking' y VALINE          ? 'C5 H11 N O2'    117.146 
# 
loop_
_pdbx_poly_seq_scheme.asym_id 
_pdbx_poly_seq_scheme.entity_id 
_pdbx_poly_seq_scheme.seq_id 
_pdbx_poly_seq_scheme.mon_id 
_pdbx_poly_seq_scheme.ndb_seq_num 
_pdbx_poly_seq_scheme.pdb_seq_num 
_pdbx_poly_seq_scheme.auth_seq_num 
_pdbx_poly_seq_scheme.pdb_mon_id 
_pdbx_poly_seq_scheme.auth_mon_id 
_pdbx_poly_seq_scheme.pdb_strand_id 
_pdbx_poly_seq_scheme.pdb_ins_code 
_pdbx_poly_seq_scheme.hetero 
A 1 1   ALA 1   1   ?   ?   ?   A . n 
A 1 2   ALA 2   2   ?   ?   ?   A . n 
A 1 3   PRO 3   3   3   PRO PRO A . n 
A 1 4   THR 4   4   4   THR THR A . n 
A 1 5   SER 5   5   5   SER SER A . n 
A 1 6   SER 6   6   6   SER SER A . n 
A 1 7   ILE 7   7   7   ILE ILE A . n 
A 1 8   GLU 8   8   8   GLU GLU A . n 
A 1 9   ILE 9   9   9   ILE ILE A . n 
A 1 10  VAL 10  10  10  VAL VAL A . n 
A 1 11  LEU 11  11  11  LEU LEU A . n 
A 1 12  ASP 12  12  12  ASP ASP A . n 
A 1 13  LYS 13  13  13  LYS LYS A . n 
A 1 14  THR 14  14  14  THR THR A . n 
A 1 15  THR 15  15  15  THR THR A . n 
A 1 16  ALA 16  16  16  ALA ALA A . n 
A 1 17  SER 17  17  17  SER SER A . n 
A 1 18  VAL 18  18  18  VAL VAL A . n 
A 1 19  GLY 19  19  19  GLY GLY A . n 
A 1 20  GLU 20  20  20  GLU GLU A . n 
A 1 21  ILE 21  21  21  ILE ILE A . n 
A 1 22  VAL 22  22  22  VAL VAL A . n 
A 1 23  THR 23  23  23  THR THR A . n 
A 1 24  ALA 24  24  24  ALA ALA A . n 
A 1 25  SER 25  25  25  SER SER A . n 
A 1 26  ILE 26  26  26  ILE ILE A . n 
A 1 27  ASN 27  27  27  ASN ASN A . n 
A 1 28  ILE 28  28  28  ILE ILE A . n 
A 1 29  LYS 29  29  29  LYS LYS A . n 
A 1 30  ASN 30  30  30  ASN ASN A . n 
A 1 31  ILE 31  31  31  ILE ILE A . n 
A 1 32  THR 32  32  32  THR THR A . n 
A 1 33  ASN 33  33  33  ASN ASN A . n 
A 1 34  PHE 34  34  34  PHE PHE A . n 
A 1 35  SER 35  35  35  SER SER A . n 
A 1 36  GLY 36  36  36  GLY GLY A . n 
A 1 37  CYS 37  37  37  CYS CYS A . n 
A 1 38  GLN 38  38  38  GLN GLN A . n 
A 1 39  LEU 39  39  39  LEU LEU A . n 
A 1 40  ASN 40  40  40  ASN ASN A . n 
A 1 41  MET 41  41  41  MET MET A . n 
A 1 42  LYS 42  42  42  LYS LYS A . n 
A 1 43  TYR 43  43  43  TYR TYR A . n 
A 1 44  ASP 44  44  44  ASP ASP A . n 
A 1 45  PRO 45  45  45  PRO PRO A . n 
A 1 46  ALA 46  46  46  ALA ALA A . n 
A 1 47  VAL 47  47  47  VAL VAL A . n 
A 1 48  LEU 48  48  48  LEU LEU A . n 
A 1 49  GLN 49  49  49  GLN GLN A . n 
A 1 50  PRO 50  50  50  PRO PRO A . n 
A 1 51  VAL 51  51  51  VAL VAL A . n 
A 1 52  THR 52  52  52  THR THR A . n 
A 1 53  SER 53  53  53  SER SER A . n 
A 1 54  SER 54  54  54  SER SER A . n 
A 1 55  GLY 55  55  55  GLY GLY A . n 
A 1 56  VAL 56  56  56  VAL VAL A . n 
A 1 57  ALA 57  57  57  ALA ALA A . n 
A 1 58  TYR 58  58  58  TYR TYR A . n 
A 1 59  THR 59  59  59  THR THR A . n 
A 1 60  LYS 60  60  60  LYS LYS A . n 
A 1 61  SER 61  61  61  SER SER A . n 
A 1 62  THR 62  62  62  THR THR A . n 
A 1 63  MET 63  63  63  MET MET A . n 
A 1 64  PRO 64  64  64  PRO PRO A . n 
A 1 65  GLY 65  65  65  GLY GLY A . n 
A 1 66  ALA 66  66  66  ALA ALA A . n 
A 1 67  GLY 67  67  67  GLY GLY A . n 
A 1 68  THR 68  68  68  THR THR A . n 
A 1 69  ILE 69  69  69  ILE ILE A . n 
A 1 70  LEU 70  70  70  LEU LEU A . n 
A 1 71  ASN 71  71  71  ASN ASN A . n 
A 1 72  SER 72  72  72  SER SER A . n 
A 1 73  ASP 73  73  73  ASP ASP A . n 
A 1 74  PHE 74  74  74  PHE PHE A . n 
A 1 75  ASN 75  75  75  ASN ASN A . n 
A 1 76  LEU 76  76  76  LEU LEU A . n 
A 1 77  ARG 77  77  77  ARG ARG A . n 
A 1 78  GLN 78  78  78  GLN GLN A . n 
A 1 79  VAL 79  79  79  VAL VAL A . n 
A 1 80  ALA 80  80  80  ALA ALA A . n 
A 1 81  ASP 81  81  81  ASP ASP A . n 
A 1 82  ASN 82  82  82  ASN ASN A . n 
A 1 83  ASP 83  83  83  ASP ASP A . n 
A 1 84  LEU 84  84  84  LEU LEU A . n 
A 1 85  GLU 85  85  85  GLU GLU A . n 
A 1 86  LYS 86  86  86  LYS LYS A . n 
A 1 87  GLY 87  87  87  GLY GLY A . n 
A 1 88  ILE 88  88  88  ILE ILE A . n 
A 1 89  LEU 89  89  89  LEU LEU A . n 
A 1 90  ASN 90  90  90  ASN ASN A . n 
A 1 91  PHE 91  91  91  PHE PHE A . n 
A 1 92  SER 92  92  92  SER SER A . n 
A 1 93  LYS 93  93  93  LYS LYS A . n 
A 1 94  ALA 94  94  94  ALA ALA A . n 
A 1 95  TYR 95  95  95  TYR TYR A . n 
A 1 96  VAL 96  96  96  VAL VAL A . n 
A 1 97  SER 97  97  97  SER SER A . n 
A 1 98  LEU 98  98  98  LEU LEU A . n 
A 1 99  ASP 99  99  99  ASP ASP A . n 
A 1 100 ASP 100 100 100 ASP ASP A . n 
A 1 101 TYR 101 101 101 TYR TYR A . n 
A 1 102 ARG 102 102 102 ARG ARG A . n 
A 1 103 THR 103 103 103 THR THR A . n 
A 1 104 ALA 104 104 104 ALA ALA A . n 
A 1 105 ALA 105 105 105 ALA ALA A . n 
A 1 106 ALA 106 106 106 ALA ALA A . n 
A 1 107 PRO 107 107 107 PRO PRO A . n 
A 1 108 GLU 108 108 108 GLU GLU A . n 
A 1 109 GLN 109 109 109 GLN GLN A . n 
A 1 110 THR 110 110 110 THR THR A . n 
A 1 111 GLY 111 111 111 GLY GLY A . n 
A 1 112 THR 112 112 112 THR THR A . n 
A 1 113 VAL 113 113 113 VAL VAL A . n 
A 1 114 ALA 114 114 114 ALA ALA A . n 
A 1 115 VAL 115 115 115 VAL VAL A . n 
A 1 116 VAL 116 116 116 VAL VAL A . n 
A 1 117 LYS 117 117 117 LYS LYS A . n 
A 1 118 PHE 118 118 118 PHE PHE A . n 
A 1 119 LYS 119 119 119 LYS LYS A . n 
A 1 120 VAL 120 120 120 VAL VAL A . n 
A 1 121 LEU 121 121 121 LEU LEU A . n 
A 1 122 LYS 122 122 122 LYS LYS A . n 
A 1 123 GLU 123 123 123 GLU GLU A . n 
A 1 124 GLU 124 124 124 GLU GLU A . n 
A 1 125 THR 125 125 125 THR THR A . n 
A 1 126 SER 126 126 126 SER SER A . n 
A 1 127 SER 127 127 127 SER SER A . n 
A 1 128 ILE 128 128 128 ILE ILE A . n 
A 1 129 SER 129 129 129 SER SER A . n 
A 1 130 PHE 130 130 130 PHE PHE A . n 
A 1 131 GLU 131 131 131 GLU GLU A . n 
A 1 132 ASP 132 132 132 ASP ASP A . n 
A 1 133 THR 133 133 133 THR THR A . n 
A 1 134 THR 134 134 134 THR THR A . n 
A 1 135 SER 135 135 135 SER SER A . n 
A 1 136 VAL 136 136 136 VAL VAL A . n 
A 1 137 PRO 137 137 137 PRO PRO A . n 
A 1 138 ASN 138 138 138 ASN ASN A . n 
A 1 139 ALA 139 139 139 ALA ALA A . n 
A 1 140 ILE 140 140 140 ILE ILE A . n 
A 1 141 ASP 141 141 141 ASP ASP A . n 
A 1 142 GLY 142 142 142 GLY GLY A . n 
A 1 143 THR 143 143 143 THR THR A . n 
A 1 144 VAL 144 144 144 VAL VAL A . n 
A 1 145 LEU 145 145 145 LEU LEU A . n 
A 1 146 PHE 146 146 146 PHE PHE A . n 
A 1 147 ASP 147 147 147 ASP ASP A . n 
A 1 148 TRP 148 148 148 TRP TRP A . n 
A 1 149 ASN 149 149 149 ASN ASN A . n 
A 1 150 GLY 150 150 150 GLY GLY A . n 
A 1 151 ASP 151 151 151 ASP ASP A . n 
A 1 152 ARG 152 152 152 ARG ARG A . n 
A 1 153 ILE 153 153 153 ILE ILE A . n 
A 1 154 GLN 154 154 154 GLN GLN A . n 
A 1 155 SER 155 155 155 SER SER A . n 
A 1 156 GLY 156 156 156 GLY GLY A . n 
A 1 157 TYR 157 157 157 TYR TYR A . n 
A 1 158 SER 158 158 158 SER SER A . n 
A 1 159 VAL 159 159 159 VAL VAL A . n 
A 1 160 ILE 160 160 160 ILE ILE A . n 
A 1 161 GLN 161 161 161 GLN GLN A . n 
A 1 162 PRO 162 162 162 PRO PRO A . n 
A 1 163 ALA 163 163 163 ALA ALA A . n 
A 1 164 VAL 164 164 164 VAL VAL A . n 
A 1 165 ILE 165 165 165 ILE ILE A . n 
A 1 166 ASN 166 166 166 ASN ASN A . n 
A 1 167 LEU 167 167 167 LEU LEU A . n 
A 1 168 ASP 168 168 168 ASP ASP A . n 
A 1 169 MET 169 169 169 MET MET A . n 
A 1 170 ILE 170 170 170 ILE ILE A . n 
A 1 171 LYS 171 171 171 LYS LYS A . n 
A 1 172 ALA 172 172 172 ALA ALA A . n 
A 1 173 SER 173 173 173 SER SER A . n 
# 
loop_
_pdbx_nonpoly_scheme.asym_id 
_pdbx_nonpoly_scheme.entity_id 
_pdbx_nonpoly_scheme.mon_id 
_pdbx_nonpoly_scheme.ndb_seq_num 
_pdbx_nonpoly_scheme.pdb_seq_num 
_pdbx_nonpoly_scheme.auth_seq_num 
_pdbx_nonpoly_scheme.pdb_mon_id 
_pdbx_nonpoly_scheme.auth_mon_id 
_pdbx_nonpoly_scheme.pdb_strand_id 
_pdbx_nonpoly_scheme.pdb_ins_code 
B 2 HOH 1  174 1  HOH HOH A . 
B 2 HOH 2  175 2  HOH HOH A . 
B 2 HOH 3  176 3  HOH HOH A . 
B 2 HOH 4  177 4  HOH HOH A . 
B 2 HOH 5  178 5  HOH HOH A . 
B 2 HOH 6  179 6  HOH HOH A . 
B 2 HOH 7  180 7  HOH HOH A . 
B 2 HOH 8  181 8  HOH HOH A . 
B 2 HOH 9  182 9  HOH HOH A . 
B 2 HOH 10 183 10 HOH HOH A . 
B 2 HOH 11 184 11 HOH HOH A . 
B 2 HOH 12 185 12 HOH HOH A . 
B 2 HOH 13 186 13 HOH HOH A . 
B 2 HOH 14 187 14 HOH HOH A . 
B 2 HOH 15 188 15 HOH HOH A . 
B 2 HOH 16 189 16 HOH HOH A . 
B 2 HOH 17 190 17 HOH HOH A . 
B 2 HOH 18 191 18 HOH HOH A . 
B 2 HOH 19 192 19 HOH HOH A . 
B 2 HOH 20 193 20 HOH HOH A . 
B 2 HOH 21 194 21 HOH HOH A . 
B 2 HOH 22 195 22 HOH HOH A . 
B 2 HOH 23 196 23 HOH HOH A . 
B 2 HOH 24 197 24 HOH HOH A . 
B 2 HOH 25 198 25 HOH HOH A . 
B 2 HOH 26 199 26 HOH HOH A . 
B 2 HOH 27 200 27 HOH HOH A . 
B 2 HOH 28 201 28 HOH HOH A . 
B 2 HOH 29 202 29 HOH HOH A . 
B 2 HOH 30 203 30 HOH HOH A . 
B 2 HOH 31 204 31 HOH HOH A . 
B 2 HOH 32 205 32 HOH HOH A . 
B 2 HOH 33 206 33 HOH HOH A . 
B 2 HOH 34 207 34 HOH HOH A . 
B 2 HOH 35 208 35 HOH HOH A . 
B 2 HOH 36 209 36 HOH HOH A . 
B 2 HOH 37 210 38 HOH HOH A . 
B 2 HOH 38 211 39 HOH HOH A . 
B 2 HOH 39 212 40 HOH HOH A . 
B 2 HOH 40 213 41 HOH HOH A . 
B 2 HOH 41 214 42 HOH HOH A . 
B 2 HOH 42 215 43 HOH HOH A . 
B 2 HOH 43 216 44 HOH HOH A . 
B 2 HOH 44 217 45 HOH HOH A . 
B 2 HOH 45 218 46 HOH HOH A . 
B 2 HOH 46 219 47 HOH HOH A . 
B 2 HOH 47 220 48 HOH HOH A . 
B 2 HOH 48 221 49 HOH HOH A . 
B 2 HOH 49 222 50 HOH HOH A . 
B 2 HOH 50 223 51 HOH HOH A . 
B 2 HOH 51 224 52 HOH HOH A . 
B 2 HOH 52 225 53 HOH HOH A . 
B 2 HOH 53 226 54 HOH HOH A . 
B 2 HOH 54 227 55 HOH HOH A . 
B 2 HOH 55 228 56 HOH HOH A . 
B 2 HOH 56 229 57 HOH HOH A . 
B 2 HOH 57 230 58 HOH HOH A . 
B 2 HOH 58 231 59 HOH HOH A . 
B 2 HOH 59 232 60 HOH HOH A . 
B 2 HOH 60 233 61 HOH HOH A . 
B 2 HOH 61 234 62 HOH HOH A . 
B 2 HOH 62 235 63 HOH HOH A . 
B 2 HOH 63 236 64 HOH HOH A . 
B 2 HOH 64 237 65 HOH HOH A . 
B 2 HOH 65 238 66 HOH HOH A . 
B 2 HOH 66 239 67 HOH HOH A . 
B 2 HOH 67 240 68 HOH HOH A . 
B 2 HOH 68 241 69 HOH HOH A . 
B 2 HOH 69 242 70 HOH HOH A . 
B 2 HOH 70 243 71 HOH HOH A . 
B 2 HOH 71 244 72 HOH HOH A . 
B 2 HOH 72 245 73 HOH HOH A . 
B 2 HOH 73 246 74 HOH HOH A . 
B 2 HOH 74 247 75 HOH HOH A . 
B 2 HOH 75 248 76 HOH HOH A . 
B 2 HOH 76 249 77 HOH HOH A . 
B 2 HOH 77 250 78 HOH HOH A . 
B 2 HOH 78 251 79 HOH HOH A . 
B 2 HOH 79 252 80 HOH HOH A . 
B 2 HOH 80 253 81 HOH HOH A . 
B 2 HOH 81 254 82 HOH HOH A . 
B 2 HOH 82 255 83 HOH HOH A . 
B 2 HOH 83 256 84 HOH HOH A . 
B 2 HOH 84 257 85 HOH HOH A . 
B 2 HOH 85 258 86 HOH HOH A . 
B 2 HOH 86 259 87 HOH HOH A . 
B 2 HOH 87 260 88 HOH HOH A . 
B 2 HOH 88 261 89 HOH HOH A . 
B 2 HOH 89 262 90 HOH HOH A . 
B 2 HOH 90 263 91 HOH HOH A . 
B 2 HOH 91 264 92 HOH HOH A . 
B 2 HOH 92 265 93 HOH HOH A . 
B 2 HOH 93 266 94 HOH HOH A . 
B 2 HOH 94 267 95 HOH HOH A . 
B 2 HOH 95 268 96 HOH HOH A . 
B 2 HOH 96 269 97 HOH HOH A . 
# 
loop_
_software.name 
_software.classification 
_software.version 
_software.citation_id 
_software.pdbx_ordinal 
REFMAC    refinement       5.1.24 ? 1 
DENZO     'data reduction' .      ? 2 
SCALEPACK 'data scaling'   .      ? 3 
MLPHARE   phasing          .      ? 4 
# 
_cell.entry_id           1QZN 
_cell.length_a           55.088 
_cell.length_b           55.088 
_cell.length_c           112.553 
_cell.angle_alpha        90.00 
_cell.angle_beta         90.00 
_cell.angle_gamma        120.00 
_cell.Z_PDB              6 
_cell.pdbx_unique_axis   ? 
# 
_symmetry.entry_id                         1QZN 
_symmetry.space_group_name_H-M             'P 31 2 1' 
_symmetry.pdbx_full_space_group_name_H-M   ? 
_symmetry.cell_setting                     ? 
_symmetry.Int_Tables_number                152 
_symmetry.space_group_name_Hall            ? 
# 
_exptl.entry_id          1QZN 
_exptl.method            'X-RAY DIFFRACTION' 
_exptl.crystals_number   1 
# 
_exptl_crystal.id                    1 
_exptl_crystal.density_meas          ? 
_exptl_crystal.density_Matthews      2.67 
_exptl_crystal.density_percent_sol   53.94 
_exptl_crystal.description           ? 
_exptl_crystal.F_000                 ? 
_exptl_crystal.preparation           ? 
# 
_exptl_crystal_grow.crystal_id      1 
_exptl_crystal_grow.method          'VAPOR DIFFUSION, HANGING DROP' 
_exptl_crystal_grow.temp            298.0 
_exptl_crystal_grow.temp_details    ? 
_exptl_crystal_grow.pH              4.6 
_exptl_crystal_grow.pdbx_details    
'ammonium sulfate, sodium acetate trihydrate, pH 4.6, VAPOR DIFFUSION, HANGING DROP, temperature 298.0K' 
_exptl_crystal_grow.pdbx_pH_range   . 
# 
_diffrn.id                     1 
_diffrn.ambient_temp           298.0 
_diffrn.ambient_temp_details   ? 
_diffrn.crystal_id             1 
# 
_diffrn_detector.diffrn_id              1 
_diffrn_detector.detector               'IMAGE PLATE' 
_diffrn_detector.type                   'RIGAKU RAXIS IV' 
_diffrn_detector.pdbx_collection_date   2002-02-10 
_diffrn_detector.details                'OSMIC confocal multi-layer mirrors' 
# 
_diffrn_radiation.diffrn_id                        1 
_diffrn_radiation.wavelength_id                    1 
_diffrn_radiation.pdbx_monochromatic_or_laue_m_l   M 
_diffrn_radiation.monochromator                    'OSMIC CONFOCAL MIRRORS' 
_diffrn_radiation.pdbx_diffrn_protocol             'SINGLE WAVELENGTH' 
_diffrn_radiation.pdbx_scattering_type             x-ray 
# 
_diffrn_radiation_wavelength.id           1 
_diffrn_radiation_wavelength.wavelength   1.5418 
_diffrn_radiation_wavelength.wt           1.0 
# 
_diffrn_source.diffrn_id                   1 
_diffrn_source.source                      'ROTATING ANODE' 
_diffrn_source.type                        'RIGAKU ULTRAX 18' 
_diffrn_source.pdbx_synchrotron_site       ? 
_diffrn_source.pdbx_synchrotron_beamline   ? 
_diffrn_source.pdbx_wavelength             ? 
_diffrn_source.pdbx_wavelength_list        1.5418 
# 
_reflns.entry_id                     1QZN 
_reflns.observed_criterion_sigma_F   0.0 
_reflns.observed_criterion_sigma_I   -3.0 
_reflns.d_resolution_high            1.90 
_reflns.d_resolution_low             47.68 
_reflns.number_all                   16118 
_reflns.number_obs                   16118 
_reflns.percent_possible_obs         99.8 
_reflns.pdbx_Rmerge_I_obs            0.072 
_reflns.pdbx_Rsym_value              0.072 
_reflns.pdbx_netI_over_sigmaI        20.8 
_reflns.B_iso_Wilson_estimate        20.0 
_reflns.pdbx_redundancy              8.0 
_reflns.R_free_details               ? 
_reflns.limit_h_max                  ? 
_reflns.limit_h_min                  ? 
_reflns.limit_k_max                  ? 
_reflns.limit_k_min                  ? 
_reflns.limit_l_max                  ? 
_reflns.limit_l_min                  ? 
_reflns.observed_criterion_F_max     ? 
_reflns.observed_criterion_F_min     ? 
_reflns.pdbx_chi_squared             ? 
_reflns.pdbx_scaling_rejects         ? 
_reflns.pdbx_diffrn_id               1 
_reflns.pdbx_ordinal                 1 
_reflns.pdbx_CC_half                 ? 
_reflns.pdbx_CC_star                 ? 
_reflns.pdbx_Rpim_I_all              ? 
_reflns.pdbx_Rrim_I_all              ? 
# 
_reflns_shell.d_res_high             1.90 
_reflns_shell.d_res_low              1.93 
_reflns_shell.percent_possible_all   99.1 
_reflns_shell.Rmerge_I_obs           0.662 
_reflns_shell.pdbx_Rsym_value        0.662 
_reflns_shell.meanI_over_sigI_obs    2.016 
_reflns_shell.pdbx_redundancy        6 
_reflns_shell.percent_possible_obs   ? 
_reflns_shell.number_unique_all      759 
_reflns_shell.number_measured_all    ? 
_reflns_shell.number_measured_obs    ? 
_reflns_shell.number_unique_obs      ? 
_reflns_shell.pdbx_chi_squared       ? 
_reflns_shell.pdbx_diffrn_id         ? 
_reflns_shell.pdbx_ordinal           1 
_reflns_shell.pdbx_CC_half           ? 
_reflns_shell.pdbx_CC_star           ? 
_reflns_shell.pdbx_Rpim_I_all        ? 
_reflns_shell.pdbx_Rrim_I_all        ? 
# 
_refine.entry_id                                 1QZN 
_refine.ls_number_reflns_obs                     15308 
_refine.ls_number_reflns_all                     15308 
_refine.pdbx_ls_sigma_I                          ? 
_refine.pdbx_ls_sigma_F                          0.0 
_refine.pdbx_data_cutoff_high_absF               ? 
_refine.pdbx_data_cutoff_low_absF                ? 
_refine.pdbx_data_cutoff_high_rms_absF           ? 
_refine.ls_d_res_low                             47.67 
_refine.ls_d_res_high                            1.90 
_refine.ls_percent_reflns_obs                    99.71 
_refine.ls_R_factor_obs                          0.16133 
_refine.ls_R_factor_all                          0.16133 
_refine.ls_R_factor_R_work                       0.15933 
_refine.ls_R_factor_R_free                       0.19868 
_refine.ls_R_factor_R_free_error                 ? 
_refine.ls_R_factor_R_free_error_details         ? 
_refine.ls_percent_reflns_R_free                 5.0 
_refine.ls_number_reflns_R_free                  810 
_refine.ls_number_parameters                     ? 
_refine.ls_number_restraints                     ? 
_refine.occupancy_min                            ? 
_refine.occupancy_max                            ? 
_refine.correlation_coeff_Fo_to_Fc               0.975 
_refine.correlation_coeff_Fo_to_Fc_free          0.962 
_refine.B_iso_mean                               26.327 
_refine.aniso_B[1][1]                            -0.53 
_refine.aniso_B[2][2]                            -0.53 
_refine.aniso_B[3][3]                            0.80 
_refine.aniso_B[1][2]                            -0.27 
_refine.aniso_B[1][3]                            0.00 
_refine.aniso_B[2][3]                            0.00 
_refine.solvent_model_details                    'BABINET MODEL WITH MASK' 
_refine.solvent_model_param_ksol                 ? 
_refine.solvent_model_param_bsol                 ? 
_refine.pdbx_solvent_vdw_probe_radii             1.40 
_refine.pdbx_solvent_ion_probe_radii             0.80 
_refine.pdbx_solvent_shrinkage_radii             0.80 
_refine.pdbx_ls_cross_valid_method               THROUGHOUT 
_refine.details                                  'HYDROGENS HAVE BEEN ADDED IN THE RIDING POSITIONS' 
_refine.pdbx_starting_model                      ? 
_refine.pdbx_method_to_determine_struct          SIRAS 
_refine.pdbx_isotropic_thermal_model             ISOTROPIC 
_refine.pdbx_stereochemistry_target_values       'Engh & Huber' 
_refine.pdbx_stereochem_target_val_spec_case     ? 
_refine.pdbx_R_Free_selection_details            RANDOM 
_refine.pdbx_overall_ESU_R                       0.117 
_refine.pdbx_overall_ESU_R_Free                  0.116 
_refine.overall_SU_ML                            0.088 
_refine.overall_SU_B                             3.077 
_refine.ls_redundancy_reflns_obs                 ? 
_refine.B_iso_min                                ? 
_refine.B_iso_max                                ? 
_refine.overall_SU_R_Cruickshank_DPI             ? 
_refine.overall_SU_R_free                        ? 
_refine.ls_wR_factor_R_free                      ? 
_refine.ls_wR_factor_R_work                      ? 
_refine.overall_FOM_free_R_set                   ? 
_refine.overall_FOM_work_R_set                   ? 
_refine.pdbx_refine_id                           'X-RAY DIFFRACTION' 
_refine.pdbx_diffrn_id                           1 
_refine.pdbx_TLS_residual_ADP_flag               ? 
_refine.pdbx_overall_phase_error                 ? 
_refine.pdbx_overall_SU_R_free_Cruickshank_DPI   ? 
_refine.pdbx_overall_SU_R_Blow_DPI               ? 
_refine.pdbx_overall_SU_R_free_Blow_DPI          ? 
# 
_refine_hist.pdbx_refine_id                   'X-RAY DIFFRACTION' 
_refine_hist.cycle_id                         LAST 
_refine_hist.pdbx_number_atoms_protein        1286 
_refine_hist.pdbx_number_atoms_nucleic_acid   0 
_refine_hist.pdbx_number_atoms_ligand         0 
_refine_hist.number_atoms_solvent             96 
_refine_hist.number_atoms_total               1382 
_refine_hist.d_res_high                       1.90 
_refine_hist.d_res_low                        47.67 
# 
loop_
_refine_ls_restr.type 
_refine_ls_restr.dev_ideal 
_refine_ls_restr.dev_ideal_target 
_refine_ls_restr.weight 
_refine_ls_restr.number 
_refine_ls_restr.pdbx_refine_id 
_refine_ls_restr.pdbx_restraint_function 
r_bond_refined_d       0.027 0.022 ? 1304 'X-RAY DIFFRACTION' ? 
r_bond_other_d         0.002 0.020 ? 1180 'X-RAY DIFFRACTION' ? 
r_angle_refined_deg    2.021 1.954 ? 1775 'X-RAY DIFFRACTION' ? 
r_angle_other_deg      0.910 3.000 ? 2763 'X-RAY DIFFRACTION' ? 
r_dihedral_angle_1_deg 7.280 5.000 ? 170  'X-RAY DIFFRACTION' ? 
r_chiral_restr         0.123 0.200 ? 218  'X-RAY DIFFRACTION' ? 
r_gen_planes_refined   0.008 0.020 ? 1447 'X-RAY DIFFRACTION' ? 
r_gen_planes_other     0.001 0.020 ? 231  'X-RAY DIFFRACTION' ? 
r_nbd_refined          0.250 0.200 ? 189  'X-RAY DIFFRACTION' ? 
r_nbd_other            0.253 0.200 ? 1339 'X-RAY DIFFRACTION' ? 
r_nbtor_other          0.090 0.200 ? 857  'X-RAY DIFFRACTION' ? 
r_xyhbond_nbd_refined  0.205 0.200 ? 73   'X-RAY DIFFRACTION' ? 
r_symmetry_vdw_refined 0.265 0.200 ? 6    'X-RAY DIFFRACTION' ? 
r_symmetry_vdw_other   0.362 0.200 ? 18   'X-RAY DIFFRACTION' ? 
r_mcbond_it            1.489 1.500 ? 851  'X-RAY DIFFRACTION' ? 
r_mcangle_it           2.848 2.000 ? 1387 'X-RAY DIFFRACTION' ? 
r_scbond_it            4.028 3.000 ? 453  'X-RAY DIFFRACTION' ? 
r_scangle_it           6.407 4.500 ? 388  'X-RAY DIFFRACTION' ? 
# 
_refine_ls_shell.pdbx_total_number_of_bins_used   20 
_refine_ls_shell.d_res_high                       1.901 
_refine_ls_shell.d_res_low                        1.950 
_refine_ls_shell.number_reflns_R_work             1082 
_refine_ls_shell.R_factor_R_work                  0.255 
_refine_ls_shell.percent_reflns_obs               99.1 
_refine_ls_shell.R_factor_R_free                  0.27 
_refine_ls_shell.R_factor_R_free_error            ? 
_refine_ls_shell.percent_reflns_R_free            ? 
_refine_ls_shell.number_reflns_R_free             58 
_refine_ls_shell.number_reflns_obs                1253 
_refine_ls_shell.redundancy_reflns_obs            ? 
_refine_ls_shell.number_reflns_all                ? 
_refine_ls_shell.pdbx_refine_id                   'X-RAY DIFFRACTION' 
_refine_ls_shell.R_factor_all                     ? 
_refine_ls_shell.R_factor_obs                     ? 
# 
_struct.entry_id                  1QZN 
_struct.title                     
'Crystal Structure Analysis of a type II cohesin domain from the cellulosome of Acetivibrio cellulolyticus' 
_struct.pdbx_model_details        ? 
_struct.pdbx_CASP_flag            ? 
_struct.pdbx_model_type_details   ? 
# 
_struct_keywords.entry_id        1QZN 
_struct_keywords.pdbx_keywords   'STRUCTURAL PROTEIN' 
_struct_keywords.text            'Keywords: cohesins TYPE II; cellulosome;, STRUCTURAL PROTEIN' 
# 
loop_
_struct_asym.id 
_struct_asym.pdbx_blank_PDB_chainid_flag 
_struct_asym.pdbx_modified 
_struct_asym.entity_id 
_struct_asym.details 
A N N 1 ? 
B N N 2 ? 
# 
_struct_ref.id                         1 
_struct_ref.db_name                    UNP 
_struct_ref.db_code                    Q7WYN3_9CLOT 
_struct_ref.pdbx_db_accession          Q7WYN3 
_struct_ref.entity_id                  1 
_struct_ref.pdbx_seq_one_letter_code   
;AAPTSSIEIVLDKTTASVGEIVTASINIKNITNFSGCQLNMKYDPAVLQPVTSSGVAYTKSTMPGAGTILNSDFNLRQVA
DNDLEKGILNFSKAYVSLDDYRTAAAPEQTGTVAVVKFKVLKEETSSISFEDTTSVPNAIDGTVLFDWNGDRIQSGYSVI
QPAVINLDMIKAS
;
_struct_ref.pdbx_align_begin           27 
_struct_ref.pdbx_db_isoform            ? 
# 
_struct_ref_seq.align_id                      1 
_struct_ref_seq.ref_id                        1 
_struct_ref_seq.pdbx_PDB_id_code              1QZN 
_struct_ref_seq.pdbx_strand_id                A 
_struct_ref_seq.seq_align_beg                 1 
_struct_ref_seq.pdbx_seq_align_beg_ins_code   ? 
_struct_ref_seq.seq_align_end                 173 
_struct_ref_seq.pdbx_seq_align_end_ins_code   ? 
_struct_ref_seq.pdbx_db_accession             Q7WYN3 
_struct_ref_seq.db_align_beg                  27 
_struct_ref_seq.pdbx_db_align_beg_ins_code    ? 
_struct_ref_seq.db_align_end                  199 
_struct_ref_seq.pdbx_db_align_end_ins_code    ? 
_struct_ref_seq.pdbx_auth_seq_align_beg       1 
_struct_ref_seq.pdbx_auth_seq_align_end       173 
# 
_pdbx_struct_assembly.id                   1 
_pdbx_struct_assembly.details              author_defined_assembly 
_pdbx_struct_assembly.method_details       ? 
_pdbx_struct_assembly.oligomeric_details   monomeric 
_pdbx_struct_assembly.oligomeric_count     1 
# 
_pdbx_struct_assembly_gen.assembly_id       1 
_pdbx_struct_assembly_gen.oper_expression   1 
_pdbx_struct_assembly_gen.asym_id_list      A,B 
# 
_pdbx_struct_oper_list.id                   1 
_pdbx_struct_oper_list.type                 'identity operation' 
_pdbx_struct_oper_list.name                 1_555 
_pdbx_struct_oper_list.symmetry_operation   x,y,z 
_pdbx_struct_oper_list.matrix[1][1]         1.0000000000 
_pdbx_struct_oper_list.matrix[1][2]         0.0000000000 
_pdbx_struct_oper_list.matrix[1][3]         0.0000000000 
_pdbx_struct_oper_list.vector[1]            0.0000000000 
_pdbx_struct_oper_list.matrix[2][1]         0.0000000000 
_pdbx_struct_oper_list.matrix[2][2]         1.0000000000 
_pdbx_struct_oper_list.matrix[2][3]         0.0000000000 
_pdbx_struct_oper_list.vector[2]            0.0000000000 
_pdbx_struct_oper_list.matrix[3][1]         0.0000000000 
_pdbx_struct_oper_list.matrix[3][2]         0.0000000000 
_pdbx_struct_oper_list.matrix[3][3]         1.0000000000 
_pdbx_struct_oper_list.vector[3]            0.0000000000 
# 
loop_
_struct_conf.conf_type_id 
_struct_conf.id 
_struct_conf.pdbx_PDB_helix_id 
_struct_conf.beg_label_comp_id 
_struct_conf.beg_label_asym_id 
_struct_conf.beg_label_seq_id 
_struct_conf.pdbx_beg_PDB_ins_code 
_struct_conf.end_label_comp_id 
_struct_conf.end_label_asym_id 
_struct_conf.end_label_seq_id 
_struct_conf.pdbx_end_PDB_ins_code 
_struct_conf.beg_auth_comp_id 
_struct_conf.beg_auth_asym_id 
_struct_conf.beg_auth_seq_id 
_struct_conf.end_auth_comp_id 
_struct_conf.end_auth_asym_id 
_struct_conf.end_auth_seq_id 
_struct_conf.pdbx_PDB_helix_class 
_struct_conf.details 
_struct_conf.pdbx_PDB_helix_length 
HELX_P HELX_P1 1 SER A 97  ? ALA A 105 ? SER A 97  ALA A 105 1 ? 9 
HELX_P HELX_P2 2 ASN A 166 ? ILE A 170 ? ASN A 166 ILE A 170 5 ? 5 
# 
_struct_conf_type.id          HELX_P 
_struct_conf_type.criteria    ? 
_struct_conf_type.reference   ? 
# 
_struct_mon_prot_cis.pdbx_id                1 
_struct_mon_prot_cis.label_comp_id          GLN 
_struct_mon_prot_cis.label_seq_id           161 
_struct_mon_prot_cis.label_asym_id          A 
_struct_mon_prot_cis.label_alt_id           . 
_struct_mon_prot_cis.pdbx_PDB_ins_code      ? 
_struct_mon_prot_cis.auth_comp_id           GLN 
_struct_mon_prot_cis.auth_seq_id            161 
_struct_mon_prot_cis.auth_asym_id           A 
_struct_mon_prot_cis.pdbx_label_comp_id_2   PRO 
_struct_mon_prot_cis.pdbx_label_seq_id_2    162 
_struct_mon_prot_cis.pdbx_label_asym_id_2   A 
_struct_mon_prot_cis.pdbx_PDB_ins_code_2    ? 
_struct_mon_prot_cis.pdbx_auth_comp_id_2    PRO 
_struct_mon_prot_cis.pdbx_auth_seq_id_2     162 
_struct_mon_prot_cis.pdbx_auth_asym_id_2    A 
_struct_mon_prot_cis.pdbx_PDB_model_num     1 
_struct_mon_prot_cis.pdbx_omega_angle       0.92 
# 
loop_
_struct_sheet.id 
_struct_sheet.type 
_struct_sheet.number_strands 
_struct_sheet.details 
A ? 3 ? 
B ? 5 ? 
C ? 4 ? 
D ? 5 ? 
# 
loop_
_struct_sheet_order.sheet_id 
_struct_sheet_order.range_id_1 
_struct_sheet_order.range_id_2 
_struct_sheet_order.offset 
_struct_sheet_order.sense 
A 1 2 ? anti-parallel 
A 2 3 ? anti-parallel 
B 1 2 ? anti-parallel 
B 2 3 ? anti-parallel 
B 3 4 ? anti-parallel 
B 4 5 ? parallel      
C 1 2 ? anti-parallel 
C 2 3 ? anti-parallel 
C 3 4 ? anti-parallel 
D 1 2 ? anti-parallel 
D 2 3 ? anti-parallel 
D 3 4 ? anti-parallel 
D 4 5 ? anti-parallel 
# 
loop_
_struct_sheet_range.sheet_id 
_struct_sheet_range.id 
_struct_sheet_range.beg_label_comp_id 
_struct_sheet_range.beg_label_asym_id 
_struct_sheet_range.beg_label_seq_id 
_struct_sheet_range.pdbx_beg_PDB_ins_code 
_struct_sheet_range.end_label_comp_id 
_struct_sheet_range.end_label_asym_id 
_struct_sheet_range.end_label_seq_id 
_struct_sheet_range.pdbx_end_PDB_ins_code 
_struct_sheet_range.beg_auth_comp_id 
_struct_sheet_range.beg_auth_asym_id 
_struct_sheet_range.beg_auth_seq_id 
_struct_sheet_range.end_auth_comp_id 
_struct_sheet_range.end_auth_asym_id 
_struct_sheet_range.end_auth_seq_id 
A 1 LEU A 48  ? VAL A 51  ? LEU A 48  VAL A 51  
A 2 GLY A 111 ? VAL A 120 ? GLY A 111 VAL A 120 
A 3 GLY A 65  ? ALA A 66  ? GLY A 65  ALA A 66  
B 1 LEU A 48  ? VAL A 51  ? LEU A 48  VAL A 51  
B 2 GLY A 111 ? VAL A 120 ? GLY A 111 VAL A 120 
B 3 ILE A 21  ? LYS A 29  ? ILE A 21  LYS A 29  
B 4 SER A 6   ? LEU A 11  ? SER A 6   LEU A 11  
B 5 SER A 158 ? ILE A 160 ? SER A 158 ILE A 160 
C 1 LEU A 76  ? ALA A 80  ? LEU A 76  ALA A 80  
C 2 ILE A 88  ? TYR A 95  ? ILE A 88  TYR A 95  
C 3 PHE A 34  ? LYS A 42  ? PHE A 34  LYS A 42  
C 4 THR A 143 ? ASP A 147 ? THR A 143 ASP A 147 
D 1 LEU A 76  ? ALA A 80  ? LEU A 76  ALA A 80  
D 2 ILE A 88  ? TYR A 95  ? ILE A 88  TYR A 95  
D 3 PHE A 34  ? LYS A 42  ? PHE A 34  LYS A 42  
D 4 SER A 126 ? PHE A 130 ? SER A 126 PHE A 130 
D 5 ALA A 163 ? ILE A 165 ? ALA A 163 ILE A 165 
# 
loop_
_pdbx_struct_sheet_hbond.sheet_id 
_pdbx_struct_sheet_hbond.range_id_1 
_pdbx_struct_sheet_hbond.range_id_2 
_pdbx_struct_sheet_hbond.range_1_label_atom_id 
_pdbx_struct_sheet_hbond.range_1_label_comp_id 
_pdbx_struct_sheet_hbond.range_1_label_asym_id 
_pdbx_struct_sheet_hbond.range_1_label_seq_id 
_pdbx_struct_sheet_hbond.range_1_PDB_ins_code 
_pdbx_struct_sheet_hbond.range_1_auth_atom_id 
_pdbx_struct_sheet_hbond.range_1_auth_comp_id 
_pdbx_struct_sheet_hbond.range_1_auth_asym_id 
_pdbx_struct_sheet_hbond.range_1_auth_seq_id 
_pdbx_struct_sheet_hbond.range_2_label_atom_id 
_pdbx_struct_sheet_hbond.range_2_label_comp_id 
_pdbx_struct_sheet_hbond.range_2_label_asym_id 
_pdbx_struct_sheet_hbond.range_2_label_seq_id 
_pdbx_struct_sheet_hbond.range_2_PDB_ins_code 
_pdbx_struct_sheet_hbond.range_2_auth_atom_id 
_pdbx_struct_sheet_hbond.range_2_auth_comp_id 
_pdbx_struct_sheet_hbond.range_2_auth_asym_id 
_pdbx_struct_sheet_hbond.range_2_auth_seq_id 
A 1 2 N GLN A 49  ? N GLN A 49  O LYS A 119 ? O LYS A 119 
A 2 3 O VAL A 115 ? O VAL A 115 N GLY A 65  ? N GLY A 65  
B 1 2 N GLN A 49  ? N GLN A 49  O LYS A 119 ? O LYS A 119 
B 2 3 O VAL A 116 ? O VAL A 116 N ALA A 24  ? N ALA A 24  
B 3 4 O SER A 25  ? O SER A 25  N VAL A 10  ? N VAL A 10  
B 4 5 N ILE A 7   ? N ILE A 7   O ILE A 160 ? O ILE A 160 
C 1 2 N ARG A 77  ? N ARG A 77  O ALA A 94  ? O ALA A 94  
C 2 3 O LEU A 89  ? O LEU A 89  N MET A 41  ? N MET A 41  
C 3 4 N GLY A 36  ? N GLY A 36  O PHE A 146 ? O PHE A 146 
D 1 2 N ARG A 77  ? N ARG A 77  O ALA A 94  ? O ALA A 94  
D 2 3 O LEU A 89  ? O LEU A 89  N MET A 41  ? N MET A 41  
D 3 4 N LYS A 42  ? N LYS A 42  O SER A 129 ? O SER A 129 
D 4 5 N ILE A 128 ? N ILE A 128 O ALA A 163 ? O ALA A 163 
# 
loop_
_pdbx_validate_close_contact.id 
_pdbx_validate_close_contact.PDB_model_num 
_pdbx_validate_close_contact.auth_atom_id_1 
_pdbx_validate_close_contact.auth_asym_id_1 
_pdbx_validate_close_contact.auth_comp_id_1 
_pdbx_validate_close_contact.auth_seq_id_1 
_pdbx_validate_close_contact.PDB_ins_code_1 
_pdbx_validate_close_contact.label_alt_id_1 
_pdbx_validate_close_contact.auth_atom_id_2 
_pdbx_validate_close_contact.auth_asym_id_2 
_pdbx_validate_close_contact.auth_comp_id_2 
_pdbx_validate_close_contact.auth_seq_id_2 
_pdbx_validate_close_contact.PDB_ins_code_2 
_pdbx_validate_close_contact.label_alt_id_2 
_pdbx_validate_close_contact.dist 
1 1 OG A SER 173 ? ? O A HOH 260 ? ? 1.91 
2 1 O  A HOH 187 ? ? O A HOH 225 ? ? 2.19 
# 
_pdbx_validate_rmsd_bond.id                        1 
_pdbx_validate_rmsd_bond.PDB_model_num             1 
_pdbx_validate_rmsd_bond.auth_atom_id_1            N 
_pdbx_validate_rmsd_bond.auth_asym_id_1            A 
_pdbx_validate_rmsd_bond.auth_comp_id_1            GLY 
_pdbx_validate_rmsd_bond.auth_seq_id_1             156 
_pdbx_validate_rmsd_bond.PDB_ins_code_1            ? 
_pdbx_validate_rmsd_bond.label_alt_id_1            ? 
_pdbx_validate_rmsd_bond.auth_atom_id_2            CA 
_pdbx_validate_rmsd_bond.auth_asym_id_2            A 
_pdbx_validate_rmsd_bond.auth_comp_id_2            GLY 
_pdbx_validate_rmsd_bond.auth_seq_id_2             156 
_pdbx_validate_rmsd_bond.PDB_ins_code_2            ? 
_pdbx_validate_rmsd_bond.label_alt_id_2            ? 
_pdbx_validate_rmsd_bond.bond_value                1.567 
_pdbx_validate_rmsd_bond.bond_target_value         1.456 
_pdbx_validate_rmsd_bond.bond_deviation            0.111 
_pdbx_validate_rmsd_bond.bond_standard_deviation   0.015 
_pdbx_validate_rmsd_bond.linker_flag               N 
# 
loop_
_pdbx_validate_torsion.id 
_pdbx_validate_torsion.PDB_model_num 
_pdbx_validate_torsion.auth_comp_id 
_pdbx_validate_torsion.auth_asym_id 
_pdbx_validate_torsion.auth_seq_id 
_pdbx_validate_torsion.PDB_ins_code 
_pdbx_validate_torsion.label_alt_id 
_pdbx_validate_torsion.phi 
_pdbx_validate_torsion.psi 
1 1 PHE A 74 ? ? -108.63 41.12 
2 1 ASN A 75 ? ? 59.38   72.68 
# 
loop_
_pdbx_unobs_or_zero_occ_residues.id 
_pdbx_unobs_or_zero_occ_residues.PDB_model_num 
_pdbx_unobs_or_zero_occ_residues.polymer_flag 
_pdbx_unobs_or_zero_occ_residues.occupancy_flag 
_pdbx_unobs_or_zero_occ_residues.auth_asym_id 
_pdbx_unobs_or_zero_occ_residues.auth_comp_id 
_pdbx_unobs_or_zero_occ_residues.auth_seq_id 
_pdbx_unobs_or_zero_occ_residues.PDB_ins_code 
_pdbx_unobs_or_zero_occ_residues.label_asym_id 
_pdbx_unobs_or_zero_occ_residues.label_comp_id 
_pdbx_unobs_or_zero_occ_residues.label_seq_id 
1 1 Y 1 A ALA 1 ? A ALA 1 
2 1 Y 1 A ALA 2 ? A ALA 2 
# 
loop_
_chem_comp_atom.comp_id 
_chem_comp_atom.atom_id 
_chem_comp_atom.type_symbol 
_chem_comp_atom.pdbx_aromatic_flag 
_chem_comp_atom.pdbx_stereo_config 
_chem_comp_atom.pdbx_ordinal 
ALA N    N N N 1   
ALA CA   C N S 2   
ALA C    C N N 3   
ALA O    O N N 4   
ALA CB   C N N 5   
ALA OXT  O N N 6   
ALA H    H N N 7   
ALA H2   H N N 8   
ALA HA   H N N 9   
ALA HB1  H N N 10  
ALA HB2  H N N 11  
ALA HB3  H N N 12  
ALA HXT  H N N 13  
ARG N    N N N 14  
ARG CA   C N S 15  
ARG C    C N N 16  
ARG O    O N N 17  
ARG CB   C N N 18  
ARG CG   C N N 19  
ARG CD   C N N 20  
ARG NE   N N N 21  
ARG CZ   C N N 22  
ARG NH1  N N N 23  
ARG NH2  N N N 24  
ARG OXT  O N N 25  
ARG H    H N N 26  
ARG H2   H N N 27  
ARG HA   H N N 28  
ARG HB2  H N N 29  
ARG HB3  H N N 30  
ARG HG2  H N N 31  
ARG HG3  H N N 32  
ARG HD2  H N N 33  
ARG HD3  H N N 34  
ARG HE   H N N 35  
ARG HH11 H N N 36  
ARG HH12 H N N 37  
ARG HH21 H N N 38  
ARG HH22 H N N 39  
ARG HXT  H N N 40  
ASN N    N N N 41  
ASN CA   C N S 42  
ASN C    C N N 43  
ASN O    O N N 44  
ASN CB   C N N 45  
ASN CG   C N N 46  
ASN OD1  O N N 47  
ASN ND2  N N N 48  
ASN OXT  O N N 49  
ASN H    H N N 50  
ASN H2   H N N 51  
ASN HA   H N N 52  
ASN HB2  H N N 53  
ASN HB3  H N N 54  
ASN HD21 H N N 55  
ASN HD22 H N N 56  
ASN HXT  H N N 57  
ASP N    N N N 58  
ASP CA   C N S 59  
ASP C    C N N 60  
ASP O    O N N 61  
ASP CB   C N N 62  
ASP CG   C N N 63  
ASP OD1  O N N 64  
ASP OD2  O N N 65  
ASP OXT  O N N 66  
ASP H    H N N 67  
ASP H2   H N N 68  
ASP HA   H N N 69  
ASP HB2  H N N 70  
ASP HB3  H N N 71  
ASP HD2  H N N 72  
ASP HXT  H N N 73  
CYS N    N N N 74  
CYS CA   C N R 75  
CYS C    C N N 76  
CYS O    O N N 77  
CYS CB   C N N 78  
CYS SG   S N N 79  
CYS OXT  O N N 80  
CYS H    H N N 81  
CYS H2   H N N 82  
CYS HA   H N N 83  
CYS HB2  H N N 84  
CYS HB3  H N N 85  
CYS HG   H N N 86  
CYS HXT  H N N 87  
GLN N    N N N 88  
GLN CA   C N S 89  
GLN C    C N N 90  
GLN O    O N N 91  
GLN CB   C N N 92  
GLN CG   C N N 93  
GLN CD   C N N 94  
GLN OE1  O N N 95  
GLN NE2  N N N 96  
GLN OXT  O N N 97  
GLN H    H N N 98  
GLN H2   H N N 99  
GLN HA   H N N 100 
GLN HB2  H N N 101 
GLN HB3  H N N 102 
GLN HG2  H N N 103 
GLN HG3  H N N 104 
GLN HE21 H N N 105 
GLN HE22 H N N 106 
GLN HXT  H N N 107 
GLU N    N N N 108 
GLU CA   C N S 109 
GLU C    C N N 110 
GLU O    O N N 111 
GLU CB   C N N 112 
GLU CG   C N N 113 
GLU CD   C N N 114 
GLU OE1  O N N 115 
GLU OE2  O N N 116 
GLU OXT  O N N 117 
GLU H    H N N 118 
GLU H2   H N N 119 
GLU HA   H N N 120 
GLU HB2  H N N 121 
GLU HB3  H N N 122 
GLU HG2  H N N 123 
GLU HG3  H N N 124 
GLU HE2  H N N 125 
GLU HXT  H N N 126 
GLY N    N N N 127 
GLY CA   C N N 128 
GLY C    C N N 129 
GLY O    O N N 130 
GLY OXT  O N N 131 
GLY H    H N N 132 
GLY H2   H N N 133 
GLY HA2  H N N 134 
GLY HA3  H N N 135 
GLY HXT  H N N 136 
HOH O    O N N 137 
HOH H1   H N N 138 
HOH H2   H N N 139 
ILE N    N N N 140 
ILE CA   C N S 141 
ILE C    C N N 142 
ILE O    O N N 143 
ILE CB   C N S 144 
ILE CG1  C N N 145 
ILE CG2  C N N 146 
ILE CD1  C N N 147 
ILE OXT  O N N 148 
ILE H    H N N 149 
ILE H2   H N N 150 
ILE HA   H N N 151 
ILE HB   H N N 152 
ILE HG12 H N N 153 
ILE HG13 H N N 154 
ILE HG21 H N N 155 
ILE HG22 H N N 156 
ILE HG23 H N N 157 
ILE HD11 H N N 158 
ILE HD12 H N N 159 
ILE HD13 H N N 160 
ILE HXT  H N N 161 
LEU N    N N N 162 
LEU CA   C N S 163 
LEU C    C N N 164 
LEU O    O N N 165 
LEU CB   C N N 166 
LEU CG   C N N 167 
LEU CD1  C N N 168 
LEU CD2  C N N 169 
LEU OXT  O N N 170 
LEU H    H N N 171 
LEU H2   H N N 172 
LEU HA   H N N 173 
LEU HB2  H N N 174 
LEU HB3  H N N 175 
LEU HG   H N N 176 
LEU HD11 H N N 177 
LEU HD12 H N N 178 
LEU HD13 H N N 179 
LEU HD21 H N N 180 
LEU HD22 H N N 181 
LEU HD23 H N N 182 
LEU HXT  H N N 183 
LYS N    N N N 184 
LYS CA   C N S 185 
LYS C    C N N 186 
LYS O    O N N 187 
LYS CB   C N N 188 
LYS CG   C N N 189 
LYS CD   C N N 190 
LYS CE   C N N 191 
LYS NZ   N N N 192 
LYS OXT  O N N 193 
LYS H    H N N 194 
LYS H2   H N N 195 
LYS HA   H N N 196 
LYS HB2  H N N 197 
LYS HB3  H N N 198 
LYS HG2  H N N 199 
LYS HG3  H N N 200 
LYS HD2  H N N 201 
LYS HD3  H N N 202 
LYS HE2  H N N 203 
LYS HE3  H N N 204 
LYS HZ1  H N N 205 
LYS HZ2  H N N 206 
LYS HZ3  H N N 207 
LYS HXT  H N N 208 
MET N    N N N 209 
MET CA   C N S 210 
MET C    C N N 211 
MET O    O N N 212 
MET CB   C N N 213 
MET CG   C N N 214 
MET SD   S N N 215 
MET CE   C N N 216 
MET OXT  O N N 217 
MET H    H N N 218 
MET H2   H N N 219 
MET HA   H N N 220 
MET HB2  H N N 221 
MET HB3  H N N 222 
MET HG2  H N N 223 
MET HG3  H N N 224 
MET HE1  H N N 225 
MET HE2  H N N 226 
MET HE3  H N N 227 
MET HXT  H N N 228 
PHE N    N N N 229 
PHE CA   C N S 230 
PHE C    C N N 231 
PHE O    O N N 232 
PHE CB   C N N 233 
PHE CG   C Y N 234 
PHE CD1  C Y N 235 
PHE CD2  C Y N 236 
PHE CE1  C Y N 237 
PHE CE2  C Y N 238 
PHE CZ   C Y N 239 
PHE OXT  O N N 240 
PHE H    H N N 241 
PHE H2   H N N 242 
PHE HA   H N N 243 
PHE HB2  H N N 244 
PHE HB3  H N N 245 
PHE HD1  H N N 246 
PHE HD2  H N N 247 
PHE HE1  H N N 248 
PHE HE2  H N N 249 
PHE HZ   H N N 250 
PHE HXT  H N N 251 
PRO N    N N N 252 
PRO CA   C N S 253 
PRO C    C N N 254 
PRO O    O N N 255 
PRO CB   C N N 256 
PRO CG   C N N 257 
PRO CD   C N N 258 
PRO OXT  O N N 259 
PRO H    H N N 260 
PRO HA   H N N 261 
PRO HB2  H N N 262 
PRO HB3  H N N 263 
PRO HG2  H N N 264 
PRO HG3  H N N 265 
PRO HD2  H N N 266 
PRO HD3  H N N 267 
PRO HXT  H N N 268 
SER N    N N N 269 
SER CA   C N S 270 
SER C    C N N 271 
SER O    O N N 272 
SER CB   C N N 273 
SER OG   O N N 274 
SER OXT  O N N 275 
SER H    H N N 276 
SER H2   H N N 277 
SER HA   H N N 278 
SER HB2  H N N 279 
SER HB3  H N N 280 
SER HG   H N N 281 
SER HXT  H N N 282 
THR N    N N N 283 
THR CA   C N S 284 
THR C    C N N 285 
THR O    O N N 286 
THR CB   C N R 287 
THR OG1  O N N 288 
THR CG2  C N N 289 
THR OXT  O N N 290 
THR H    H N N 291 
THR H2   H N N 292 
THR HA   H N N 293 
THR HB   H N N 294 
THR HG1  H N N 295 
THR HG21 H N N 296 
THR HG22 H N N 297 
THR HG23 H N N 298 
THR HXT  H N N 299 
TRP N    N N N 300 
TRP CA   C N S 301 
TRP C    C N N 302 
TRP O    O N N 303 
TRP CB   C N N 304 
TRP CG   C Y N 305 
TRP CD1  C Y N 306 
TRP CD2  C Y N 307 
TRP NE1  N Y N 308 
TRP CE2  C Y N 309 
TRP CE3  C Y N 310 
TRP CZ2  C Y N 311 
TRP CZ3  C Y N 312 
TRP CH2  C Y N 313 
TRP OXT  O N N 314 
TRP H    H N N 315 
TRP H2   H N N 316 
TRP HA   H N N 317 
TRP HB2  H N N 318 
TRP HB3  H N N 319 
TRP HD1  H N N 320 
TRP HE1  H N N 321 
TRP HE3  H N N 322 
TRP HZ2  H N N 323 
TRP HZ3  H N N 324 
TRP HH2  H N N 325 
TRP HXT  H N N 326 
TYR N    N N N 327 
TYR CA   C N S 328 
TYR C    C N N 329 
TYR O    O N N 330 
TYR CB   C N N 331 
TYR CG   C Y N 332 
TYR CD1  C Y N 333 
TYR CD2  C Y N 334 
TYR CE1  C Y N 335 
TYR CE2  C Y N 336 
TYR CZ   C Y N 337 
TYR OH   O N N 338 
TYR OXT  O N N 339 
TYR H    H N N 340 
TYR H2   H N N 341 
TYR HA   H N N 342 
TYR HB2  H N N 343 
TYR HB3  H N N 344 
TYR HD1  H N N 345 
TYR HD2  H N N 346 
TYR HE1  H N N 347 
TYR HE2  H N N 348 
TYR HH   H N N 349 
TYR HXT  H N N 350 
VAL N    N N N 351 
VAL CA   C N S 352 
VAL C    C N N 353 
VAL O    O N N 354 
VAL CB   C N N 355 
VAL CG1  C N N 356 
VAL CG2  C N N 357 
VAL OXT  O N N 358 
VAL H    H N N 359 
VAL H2   H N N 360 
VAL HA   H N N 361 
VAL HB   H N N 362 
VAL HG11 H N N 363 
VAL HG12 H N N 364 
VAL HG13 H N N 365 
VAL HG21 H N N 366 
VAL HG22 H N N 367 
VAL HG23 H N N 368 
VAL HXT  H N N 369 
# 
loop_
_chem_comp_bond.comp_id 
_chem_comp_bond.atom_id_1 
_chem_comp_bond.atom_id_2 
_chem_comp_bond.value_order 
_chem_comp_bond.pdbx_aromatic_flag 
_chem_comp_bond.pdbx_stereo_config 
_chem_comp_bond.pdbx_ordinal 
ALA N   CA   sing N N 1   
ALA N   H    sing N N 2   
ALA N   H2   sing N N 3   
ALA CA  C    sing N N 4   
ALA CA  CB   sing N N 5   
ALA CA  HA   sing N N 6   
ALA C   O    doub N N 7   
ALA C   OXT  sing N N 8   
ALA CB  HB1  sing N N 9   
ALA CB  HB2  sing N N 10  
ALA CB  HB3  sing N N 11  
ALA OXT HXT  sing N N 12  
ARG N   CA   sing N N 13  
ARG N   H    sing N N 14  
ARG N   H2   sing N N 15  
ARG CA  C    sing N N 16  
ARG CA  CB   sing N N 17  
ARG CA  HA   sing N N 18  
ARG C   O    doub N N 19  
ARG C   OXT  sing N N 20  
ARG CB  CG   sing N N 21  
ARG CB  HB2  sing N N 22  
ARG CB  HB3  sing N N 23  
ARG CG  CD   sing N N 24  
ARG CG  HG2  sing N N 25  
ARG CG  HG3  sing N N 26  
ARG CD  NE   sing N N 27  
ARG CD  HD2  sing N N 28  
ARG CD  HD3  sing N N 29  
ARG NE  CZ   sing N N 30  
ARG NE  HE   sing N N 31  
ARG CZ  NH1  sing N N 32  
ARG CZ  NH2  doub N N 33  
ARG NH1 HH11 sing N N 34  
ARG NH1 HH12 sing N N 35  
ARG NH2 HH21 sing N N 36  
ARG NH2 HH22 sing N N 37  
ARG OXT HXT  sing N N 38  
ASN N   CA   sing N N 39  
ASN N   H    sing N N 40  
ASN N   H2   sing N N 41  
ASN CA  C    sing N N 42  
ASN CA  CB   sing N N 43  
ASN CA  HA   sing N N 44  
ASN C   O    doub N N 45  
ASN C   OXT  sing N N 46  
ASN CB  CG   sing N N 47  
ASN CB  HB2  sing N N 48  
ASN CB  HB3  sing N N 49  
ASN CG  OD1  doub N N 50  
ASN CG  ND2  sing N N 51  
ASN ND2 HD21 sing N N 52  
ASN ND2 HD22 sing N N 53  
ASN OXT HXT  sing N N 54  
ASP N   CA   sing N N 55  
ASP N   H    sing N N 56  
ASP N   H2   sing N N 57  
ASP CA  C    sing N N 58  
ASP CA  CB   sing N N 59  
ASP CA  HA   sing N N 60  
ASP C   O    doub N N 61  
ASP C   OXT  sing N N 62  
ASP CB  CG   sing N N 63  
ASP CB  HB2  sing N N 64  
ASP CB  HB3  sing N N 65  
ASP CG  OD1  doub N N 66  
ASP CG  OD2  sing N N 67  
ASP OD2 HD2  sing N N 68  
ASP OXT HXT  sing N N 69  
CYS N   CA   sing N N 70  
CYS N   H    sing N N 71  
CYS N   H2   sing N N 72  
CYS CA  C    sing N N 73  
CYS CA  CB   sing N N 74  
CYS CA  HA   sing N N 75  
CYS C   O    doub N N 76  
CYS C   OXT  sing N N 77  
CYS CB  SG   sing N N 78  
CYS CB  HB2  sing N N 79  
CYS CB  HB3  sing N N 80  
CYS SG  HG   sing N N 81  
CYS OXT HXT  sing N N 82  
GLN N   CA   sing N N 83  
GLN N   H    sing N N 84  
GLN N   H2   sing N N 85  
GLN CA  C    sing N N 86  
GLN CA  CB   sing N N 87  
GLN CA  HA   sing N N 88  
GLN C   O    doub N N 89  
GLN C   OXT  sing N N 90  
GLN CB  CG   sing N N 91  
GLN CB  HB2  sing N N 92  
GLN CB  HB3  sing N N 93  
GLN CG  CD   sing N N 94  
GLN CG  HG2  sing N N 95  
GLN CG  HG3  sing N N 96  
GLN CD  OE1  doub N N 97  
GLN CD  NE2  sing N N 98  
GLN NE2 HE21 sing N N 99  
GLN NE2 HE22 sing N N 100 
GLN OXT HXT  sing N N 101 
GLU N   CA   sing N N 102 
GLU N   H    sing N N 103 
GLU N   H2   sing N N 104 
GLU CA  C    sing N N 105 
GLU CA  CB   sing N N 106 
GLU CA  HA   sing N N 107 
GLU C   O    doub N N 108 
GLU C   OXT  sing N N 109 
GLU CB  CG   sing N N 110 
GLU CB  HB2  sing N N 111 
GLU CB  HB3  sing N N 112 
GLU CG  CD   sing N N 113 
GLU CG  HG2  sing N N 114 
GLU CG  HG3  sing N N 115 
GLU CD  OE1  doub N N 116 
GLU CD  OE2  sing N N 117 
GLU OE2 HE2  sing N N 118 
GLU OXT HXT  sing N N 119 
GLY N   CA   sing N N 120 
GLY N   H    sing N N 121 
GLY N   H2   sing N N 122 
GLY CA  C    sing N N 123 
GLY CA  HA2  sing N N 124 
GLY CA  HA3  sing N N 125 
GLY C   O    doub N N 126 
GLY C   OXT  sing N N 127 
GLY OXT HXT  sing N N 128 
HOH O   H1   sing N N 129 
HOH O   H2   sing N N 130 
ILE N   CA   sing N N 131 
ILE N   H    sing N N 132 
ILE N   H2   sing N N 133 
ILE CA  C    sing N N 134 
ILE CA  CB   sing N N 135 
ILE CA  HA   sing N N 136 
ILE C   O    doub N N 137 
ILE C   OXT  sing N N 138 
ILE CB  CG1  sing N N 139 
ILE CB  CG2  sing N N 140 
ILE CB  HB   sing N N 141 
ILE CG1 CD1  sing N N 142 
ILE CG1 HG12 sing N N 143 
ILE CG1 HG13 sing N N 144 
ILE CG2 HG21 sing N N 145 
ILE CG2 HG22 sing N N 146 
ILE CG2 HG23 sing N N 147 
ILE CD1 HD11 sing N N 148 
ILE CD1 HD12 sing N N 149 
ILE CD1 HD13 sing N N 150 
ILE OXT HXT  sing N N 151 
LEU N   CA   sing N N 152 
LEU N   H    sing N N 153 
LEU N   H2   sing N N 154 
LEU CA  C    sing N N 155 
LEU CA  CB   sing N N 156 
LEU CA  HA   sing N N 157 
LEU C   O    doub N N 158 
LEU C   OXT  sing N N 159 
LEU CB  CG   sing N N 160 
LEU CB  HB2  sing N N 161 
LEU CB  HB3  sing N N 162 
LEU CG  CD1  sing N N 163 
LEU CG  CD2  sing N N 164 
LEU CG  HG   sing N N 165 
LEU CD1 HD11 sing N N 166 
LEU CD1 HD12 sing N N 167 
LEU CD1 HD13 sing N N 168 
LEU CD2 HD21 sing N N 169 
LEU CD2 HD22 sing N N 170 
LEU CD2 HD23 sing N N 171 
LEU OXT HXT  sing N N 172 
LYS N   CA   sing N N 173 
LYS N   H    sing N N 174 
LYS N   H2   sing N N 175 
LYS CA  C    sing N N 176 
LYS CA  CB   sing N N 177 
LYS CA  HA   sing N N 178 
LYS C   O    doub N N 179 
LYS C   OXT  sing N N 180 
LYS CB  CG   sing N N 181 
LYS CB  HB2  sing N N 182 
LYS CB  HB3  sing N N 183 
LYS CG  CD   sing N N 184 
LYS CG  HG2  sing N N 185 
LYS CG  HG3  sing N N 186 
LYS CD  CE   sing N N 187 
LYS CD  HD2  sing N N 188 
LYS CD  HD3  sing N N 189 
LYS CE  NZ   sing N N 190 
LYS CE  HE2  sing N N 191 
LYS CE  HE3  sing N N 192 
LYS NZ  HZ1  sing N N 193 
LYS NZ  HZ2  sing N N 194 
LYS NZ  HZ3  sing N N 195 
LYS OXT HXT  sing N N 196 
MET N   CA   sing N N 197 
MET N   H    sing N N 198 
MET N   H2   sing N N 199 
MET CA  C    sing N N 200 
MET CA  CB   sing N N 201 
MET CA  HA   sing N N 202 
MET C   O    doub N N 203 
MET C   OXT  sing N N 204 
MET CB  CG   sing N N 205 
MET CB  HB2  sing N N 206 
MET CB  HB3  sing N N 207 
MET CG  SD   sing N N 208 
MET CG  HG2  sing N N 209 
MET CG  HG3  sing N N 210 
MET SD  CE   sing N N 211 
MET CE  HE1  sing N N 212 
MET CE  HE2  sing N N 213 
MET CE  HE3  sing N N 214 
MET OXT HXT  sing N N 215 
PHE N   CA   sing N N 216 
PHE N   H    sing N N 217 
PHE N   H2   sing N N 218 
PHE CA  C    sing N N 219 
PHE CA  CB   sing N N 220 
PHE CA  HA   sing N N 221 
PHE C   O    doub N N 222 
PHE C   OXT  sing N N 223 
PHE CB  CG   sing N N 224 
PHE CB  HB2  sing N N 225 
PHE CB  HB3  sing N N 226 
PHE CG  CD1  doub Y N 227 
PHE CG  CD2  sing Y N 228 
PHE CD1 CE1  sing Y N 229 
PHE CD1 HD1  sing N N 230 
PHE CD2 CE2  doub Y N 231 
PHE CD2 HD2  sing N N 232 
PHE CE1 CZ   doub Y N 233 
PHE CE1 HE1  sing N N 234 
PHE CE2 CZ   sing Y N 235 
PHE CE2 HE2  sing N N 236 
PHE CZ  HZ   sing N N 237 
PHE OXT HXT  sing N N 238 
PRO N   CA   sing N N 239 
PRO N   CD   sing N N 240 
PRO N   H    sing N N 241 
PRO CA  C    sing N N 242 
PRO CA  CB   sing N N 243 
PRO CA  HA   sing N N 244 
PRO C   O    doub N N 245 
PRO C   OXT  sing N N 246 
PRO CB  CG   sing N N 247 
PRO CB  HB2  sing N N 248 
PRO CB  HB3  sing N N 249 
PRO CG  CD   sing N N 250 
PRO CG  HG2  sing N N 251 
PRO CG  HG3  sing N N 252 
PRO CD  HD2  sing N N 253 
PRO CD  HD3  sing N N 254 
PRO OXT HXT  sing N N 255 
SER N   CA   sing N N 256 
SER N   H    sing N N 257 
SER N   H2   sing N N 258 
SER CA  C    sing N N 259 
SER CA  CB   sing N N 260 
SER CA  HA   sing N N 261 
SER C   O    doub N N 262 
SER C   OXT  sing N N 263 
SER CB  OG   sing N N 264 
SER CB  HB2  sing N N 265 
SER CB  HB3  sing N N 266 
SER OG  HG   sing N N 267 
SER OXT HXT  sing N N 268 
THR N   CA   sing N N 269 
THR N   H    sing N N 270 
THR N   H2   sing N N 271 
THR CA  C    sing N N 272 
THR CA  CB   sing N N 273 
THR CA  HA   sing N N 274 
THR C   O    doub N N 275 
THR C   OXT  sing N N 276 
THR CB  OG1  sing N N 277 
THR CB  CG2  sing N N 278 
THR CB  HB   sing N N 279 
THR OG1 HG1  sing N N 280 
THR CG2 HG21 sing N N 281 
THR CG2 HG22 sing N N 282 
THR CG2 HG23 sing N N 283 
THR OXT HXT  sing N N 284 
TRP N   CA   sing N N 285 
TRP N   H    sing N N 286 
TRP N   H2   sing N N 287 
TRP CA  C    sing N N 288 
TRP CA  CB   sing N N 289 
TRP CA  HA   sing N N 290 
TRP C   O    doub N N 291 
TRP C   OXT  sing N N 292 
TRP CB  CG   sing N N 293 
TRP CB  HB2  sing N N 294 
TRP CB  HB3  sing N N 295 
TRP CG  CD1  doub Y N 296 
TRP CG  CD2  sing Y N 297 
TRP CD1 NE1  sing Y N 298 
TRP CD1 HD1  sing N N 299 
TRP CD2 CE2  doub Y N 300 
TRP CD2 CE3  sing Y N 301 
TRP NE1 CE2  sing Y N 302 
TRP NE1 HE1  sing N N 303 
TRP CE2 CZ2  sing Y N 304 
TRP CE3 CZ3  doub Y N 305 
TRP CE3 HE3  sing N N 306 
TRP CZ2 CH2  doub Y N 307 
TRP CZ2 HZ2  sing N N 308 
TRP CZ3 CH2  sing Y N 309 
TRP CZ3 HZ3  sing N N 310 
TRP CH2 HH2  sing N N 311 
TRP OXT HXT  sing N N 312 
TYR N   CA   sing N N 313 
TYR N   H    sing N N 314 
TYR N   H2   sing N N 315 
TYR CA  C    sing N N 316 
TYR CA  CB   sing N N 317 
TYR CA  HA   sing N N 318 
TYR C   O    doub N N 319 
TYR C   OXT  sing N N 320 
TYR CB  CG   sing N N 321 
TYR CB  HB2  sing N N 322 
TYR CB  HB3  sing N N 323 
TYR CG  CD1  doub Y N 324 
TYR CG  CD2  sing Y N 325 
TYR CD1 CE1  sing Y N 326 
TYR CD1 HD1  sing N N 327 
TYR CD2 CE2  doub Y N 328 
TYR CD2 HD2  sing N N 329 
TYR CE1 CZ   doub Y N 330 
TYR CE1 HE1  sing N N 331 
TYR CE2 CZ   sing Y N 332 
TYR CE2 HE2  sing N N 333 
TYR CZ  OH   sing N N 334 
TYR OH  HH   sing N N 335 
TYR OXT HXT  sing N N 336 
VAL N   CA   sing N N 337 
VAL N   H    sing N N 338 
VAL N   H2   sing N N 339 
VAL CA  C    sing N N 340 
VAL CA  CB   sing N N 341 
VAL CA  HA   sing N N 342 
VAL C   O    doub N N 343 
VAL C   OXT  sing N N 344 
VAL CB  CG1  sing N N 345 
VAL CB  CG2  sing N N 346 
VAL CB  HB   sing N N 347 
VAL CG1 HG11 sing N N 348 
VAL CG1 HG12 sing N N 349 
VAL CG1 HG13 sing N N 350 
VAL CG2 HG21 sing N N 351 
VAL CG2 HG22 sing N N 352 
VAL CG2 HG23 sing N N 353 
VAL OXT HXT  sing N N 354 
# 
_pdbx_initial_refinement_model.accession_code   ? 
_pdbx_initial_refinement_model.id               1 
_pdbx_initial_refinement_model.entity_id_list   ? 
_pdbx_initial_refinement_model.type             'experimental model' 
_pdbx_initial_refinement_model.source_name      Other 
_pdbx_initial_refinement_model.details          'SIRAS MODEL BUILD INTO EXPERIMENTAL ELECTRON DENSITY MAP' 
# 
_atom_sites.entry_id                    1QZN 
_atom_sites.fract_transf_matrix[1][1]   0.00409796 
_atom_sites.fract_transf_matrix[1][2]   0.01958790 
_atom_sites.fract_transf_matrix[1][3]   0.00623727 
_atom_sites.fract_transf_matrix[2][1]   0.01983778 
_atom_sites.fract_transf_matrix[2][2]   0.00662972 
_atom_sites.fract_transf_matrix[2][3]   0.00136846 
_atom_sites.fract_transf_matrix[3][1]   -0.00033966 
_atom_sites.fract_transf_matrix[3][2]   0.00275830 
_atom_sites.fract_transf_matrix[3][3]   -0.00843917 
_atom_sites.fract_transf_vector[1]      0.632367 
_atom_sites.fract_transf_vector[2]      -0.006548 
_atom_sites.fract_transf_vector[3]      0.096830 
# 
loop_
_atom_type.symbol 
C 
N 
O 
S 
# 
loop_
_atom_site.group_PDB 
_atom_site.id 
_atom_site.type_symbol 
_atom_site.label_atom_id 
_atom_site.label_alt_id 
_atom_site.label_comp_id 
_atom_site.label_asym_id 
_atom_site.label_entity_id 
_atom_site.label_seq_id 
_atom_site.pdbx_PDB_ins_code 
_atom_site.Cartn_x 
_atom_site.Cartn_y 
_atom_site.Cartn_z 
_atom_site.occupancy 
_atom_site.B_iso_or_equiv 
_atom_site.pdbx_formal_charge 
_atom_site.auth_seq_id 
_atom_site.auth_comp_id 
_atom_site.auth_asym_id 
_atom_site.auth_atom_id 
_atom_site.pdbx_PDB_model_num 
ATOM   1    N N   . PRO A 1 3   ? 20.087  8.185   7.608   1.00 56.99 ? 3   PRO A N   1 
ATOM   2    C CA  . PRO A 1 3   ? 19.995  6.869   8.342   1.00 57.48 ? 3   PRO A CA  1 
ATOM   3    C C   . PRO A 1 3   ? 18.527  6.467   8.576   1.00 56.07 ? 3   PRO A C   1 
ATOM   4    O O   . PRO A 1 3   ? 18.073  6.302   9.721   1.00 56.97 ? 3   PRO A O   1 
ATOM   5    C CB  . PRO A 1 3   ? 20.743  7.133   9.669   1.00 57.38 ? 3   PRO A CB  1 
ATOM   6    C CG  . PRO A 1 3   ? 21.530  8.420   9.449   1.00 58.01 ? 3   PRO A CG  1 
ATOM   7    C CD  . PRO A 1 3   ? 20.830  9.210   8.369   1.00 56.91 ? 3   PRO A CD  1 
ATOM   8    N N   . THR A 1 4   ? 17.802  6.280   7.474   1.00 53.71 ? 4   THR A N   1 
ATOM   9    C CA  . THR A 1 4   ? 16.346  6.282   7.511   1.00 50.69 ? 4   THR A CA  1 
ATOM   10   C C   . THR A 1 4   ? 15.660  4.964   7.085   1.00 46.40 ? 4   THR A C   1 
ATOM   11   O O   . THR A 1 4   ? 16.104  4.252   6.169   1.00 46.97 ? 4   THR A O   1 
ATOM   12   C CB  . THR A 1 4   ? 15.811  7.499   6.680   1.00 52.61 ? 4   THR A CB  1 
ATOM   13   O OG1 . THR A 1 4   ? 14.498  7.884   7.136   1.00 56.72 ? 4   THR A OG1 1 
ATOM   14   C CG2 . THR A 1 4   ? 15.631  7.158   5.176   1.00 52.75 ? 4   THR A CG2 1 
ATOM   15   N N   . SER A 1 5   ? 14.560  4.674   7.782   1.00 37.44 ? 5   SER A N   1 
ATOM   16   C CA  . SER A 1 5   ? 13.652  3.614   7.431   1.00 27.33 ? 5   SER A CA  1 
ATOM   17   C C   . SER A 1 5   ? 12.292  4.233   7.142   1.00 23.50 ? 5   SER A C   1 
ATOM   18   O O   . SER A 1 5   ? 11.868  5.164   7.827   1.00 19.75 ? 5   SER A O   1 
ATOM   19   C CB  . SER A 1 5   ? 13.551  2.630   8.574   1.00 25.35 ? 5   SER A CB  1 
ATOM   20   O OG  . SER A 1 5   ? 14.772  1.901   8.666   1.00 28.87 ? 5   SER A OG  1 
ATOM   21   N N   . SER A 1 6   ? 11.620  3.749   6.106   1.00 21.67 ? 6   SER A N   1 
ATOM   22   C CA  . SER A 1 6   ? 10.386  4.400   5.672   1.00 19.86 ? 6   SER A CA  1 
ATOM   23   C C   . SER A 1 6   ? 9.440   3.472   4.911   1.00 20.30 ? 6   SER A C   1 
ATOM   24   O O   . SER A 1 6   ? 9.856   2.445   4.356   1.00 17.95 ? 6   SER A O   1 
ATOM   25   C CB  . SER A 1 6   ? 10.715  5.647   4.822   1.00 20.44 ? 6   SER A CB  1 
ATOM   26   O OG  . SER A 1 6   ? 11.354  5.313   3.585   1.00 23.30 ? 6   SER A OG  1 
ATOM   27   N N   . ILE A 1 7   ? 8.156   3.871   4.906   1.00 19.31 ? 7   ILE A N   1 
ATOM   28   C CA  . ILE A 1 7   ? 7.174   3.381   3.948   1.00 17.20 ? 7   ILE A CA  1 
ATOM   29   C C   . ILE A 1 7   ? 6.560   4.610   3.295   1.00 19.44 ? 7   ILE A C   1 
ATOM   30   O O   . ILE A 1 7   ? 6.325   5.653   3.960   1.00 20.00 ? 7   ILE A O   1 
ATOM   31   C CB  . ILE A 1 7   ? 6.130   2.459   4.634   1.00 17.52 ? 7   ILE A CB  1 
ATOM   32   C CG1 . ILE A 1 7   ? 5.135   1.908   3.631   1.00 19.78 ? 7   ILE A CG1 1 
ATOM   33   C CG2 . ILE A 1 7   ? 5.407   3.165   5.765   1.00 20.80 ? 7   ILE A CG2 1 
ATOM   34   C CD1 . ILE A 1 7   ? 4.256   0.757   4.173   1.00 20.74 ? 7   ILE A CD1 1 
ATOM   35   N N   . GLU A 1 8   ? 6.307   4.517   1.991   1.00 16.20 ? 8   GLU A N   1 
ATOM   36   C CA  . GLU A 1 8   ? 5.893   5.670   1.221   1.00 18.49 ? 8   GLU A CA  1 
ATOM   37   C C   . GLU A 1 8   ? 4.937   5.224   0.139   1.00 20.57 ? 8   GLU A C   1 
ATOM   38   O O   . GLU A 1 8   ? 5.078   4.123   -0.410  1.00 20.33 ? 8   GLU A O   1 
ATOM   39   C CB  . GLU A 1 8   ? 7.114   6.315   0.570   1.00 24.25 ? 8   GLU A CB  1 
ATOM   40   C CG  . GLU A 1 8   ? 6.772   7.605   -0.199  1.00 31.59 ? 8   GLU A CG  1 
ATOM   41   C CD  . GLU A 1 8   ? 8.019   8.331   -0.749  1.00 42.04 ? 8   GLU A CD  1 
ATOM   42   O OE1 . GLU A 1 8   ? 9.133   7.766   -0.646  1.00 37.91 ? 8   GLU A OE1 1 
ATOM   43   O OE2 . GLU A 1 8   ? 7.863   9.452   -1.297  1.00 41.27 ? 8   GLU A OE2 1 
ATOM   44   N N   . ILE A 1 9   ? 3.947   6.061   -0.144  1.00 20.14 ? 9   ILE A N   1 
ATOM   45   C CA  . ILE A 1 9   ? 3.135   5.902   -1.335  1.00 19.62 ? 9   ILE A CA  1 
ATOM   46   C C   . ILE A 1 9   ? 3.716   6.816   -2.412  1.00 23.29 ? 9   ILE A C   1 
ATOM   47   O O   . ILE A 1 9   ? 3.756   8.016   -2.234  1.00 22.32 ? 9   ILE A O   1 
ATOM   48   C CB  . ILE A 1 9   ? 1.661   6.229   -1.049  1.00 20.29 ? 9   ILE A CB  1 
ATOM   49   C CG1 . ILE A 1 9   ? 1.141   5.378   0.098   1.00 26.16 ? 9   ILE A CG1 1 
ATOM   50   C CG2 . ILE A 1 9   ? 0.821   5.987   -2.301  1.00 21.32 ? 9   ILE A CG2 1 
ATOM   51   C CD1 . ILE A 1 9   ? -0.197  5.791   0.660   1.00 30.68 ? 9   ILE A CD1 1 
ATOM   52   N N   . VAL A 1 10  ? 4.173   6.229   -3.514  1.00 20.04 ? 10  VAL A N   1 
ATOM   53   C CA  . VAL A 1 10  ? 4.770   6.958   -4.639  1.00 25.84 ? 10  VAL A CA  1 
ATOM   54   C C   . VAL A 1 10  ? 3.865   6.827   -5.889  1.00 23.53 ? 10  VAL A C   1 
ATOM   55   O O   . VAL A 1 10  ? 3.497   5.716   -6.249  1.00 23.07 ? 10  VAL A O   1 
ATOM   56   C CB  . VAL A 1 10  ? 6.154   6.344   -4.975  1.00 27.41 ? 10  VAL A CB  1 
ATOM   57   C CG1 . VAL A 1 10  ? 6.830   7.106   -6.120  1.00 38.01 ? 10  VAL A CG1 1 
ATOM   58   C CG2 . VAL A 1 10  ? 7.059   6.363   -3.738  1.00 34.06 ? 10  VAL A CG2 1 
ATOM   59   N N   . LEU A 1 11  ? 3.539   7.947   -6.529  1.00 22.01 ? 11  LEU A N   1 
ATOM   60   C CA  . LEU A 1 11  ? 2.785   7.963   -7.800  1.00 21.68 ? 11  LEU A CA  1 
ATOM   61   C C   . LEU A 1 11  ? 3.710   8.057   -8.977  1.00 24.68 ? 11  LEU A C   1 
ATOM   62   O O   . LEU A 1 11  ? 4.722   8.768   -8.932  1.00 26.84 ? 11  LEU A O   1 
ATOM   63   C CB  . LEU A 1 11  ? 1.783   9.141   -7.843  1.00 22.50 ? 11  LEU A CB  1 
ATOM   64   C CG  . LEU A 1 11  ? 0.815   9.199   -6.639  1.00 26.95 ? 11  LEU A CG  1 
ATOM   65   C CD1 . LEU A 1 11  ? -0.092  10.436  -6.679  1.00 34.37 ? 11  LEU A CD1 1 
ATOM   66   C CD2 . LEU A 1 11  ? 0.009   7.967   -6.511  1.00 28.02 ? 11  LEU A CD2 1 
ATOM   67   N N   . ASP A 1 12  ? 3.356   7.388   -10.058 1.00 26.01 ? 12  ASP A N   1 
ATOM   68   C CA  . ASP A 1 12  ? 4.141   7.502   -11.303 1.00 24.83 ? 12  ASP A CA  1 
ATOM   69   C C   . ASP A 1 12  ? 3.942   8.796   -12.059 1.00 25.37 ? 12  ASP A C   1 
ATOM   70   O O   . ASP A 1 12  ? 4.819   9.182   -12.828 1.00 29.28 ? 12  ASP A O   1 
ATOM   71   C CB  . ASP A 1 12  ? 3.944   6.293   -12.198 1.00 26.69 ? 12  ASP A CB  1 
ATOM   72   C CG  . ASP A 1 12  ? 2.552   6.169   -12.751 1.00 24.85 ? 12  ASP A CG  1 
ATOM   73   O OD1 . ASP A 1 12  ? 1.555   6.682   -12.187 1.00 21.81 ? 12  ASP A OD1 1 
ATOM   74   O OD2 . ASP A 1 12  ? 2.374   5.512   -13.766 1.00 27.04 ? 12  ASP A OD2 1 
ATOM   75   N N   . LYS A 1 13  ? 2.823   9.480   -11.801 1.00 25.04 ? 13  LYS A N   1 
ATOM   76   C CA  . LYS A 1 13  ? 2.451   10.758  -12.410 1.00 30.04 ? 13  LYS A CA  1 
ATOM   77   C C   . LYS A 1 13  ? 2.039   11.753  -11.323 1.00 31.67 ? 13  LYS A C   1 
ATOM   78   O O   . LYS A 1 13  ? 1.390   11.376  -10.360 1.00 36.91 ? 13  LYS A O   1 
ATOM   79   C CB  . LYS A 1 13  ? 1.221   10.554  -13.306 1.00 31.79 ? 13  LYS A CB  1 
ATOM   80   C CG  . LYS A 1 13  ? 1.459   9.656   -14.457 1.00 34.25 ? 13  LYS A CG  1 
ATOM   81   C CD  . LYS A 1 13  ? 0.191   9.440   -15.258 1.00 36.54 ? 13  LYS A CD  1 
ATOM   82   C CE  . LYS A 1 13  ? 0.289   8.141   -16.054 1.00 38.44 ? 13  LYS A CE  1 
ATOM   83   N NZ  . LYS A 1 13  ? -0.857  7.951   -16.986 1.00 35.38 ? 13  LYS A NZ  1 
ATOM   84   N N   . THR A 1 14  ? 2.354   13.014  -11.506 1.00 31.79 ? 14  THR A N   1 
ATOM   85   C CA  . THR A 1 14  ? 1.916   14.063  -10.565 1.00 34.54 ? 14  THR A CA  1 
ATOM   86   C C   . THR A 1 14  ? 0.649   14.759  -11.092 1.00 28.76 ? 14  THR A C   1 
ATOM   87   O O   . THR A 1 14  ? -0.061  15.451  -10.371 1.00 24.97 ? 14  THR A O   1 
ATOM   88   C CB  . THR A 1 14  ? 3.056   15.122  -10.359 1.00 34.45 ? 14  THR A CB  1 
ATOM   89   O OG1 . THR A 1 14  ? 3.334   15.809  -11.594 1.00 38.93 ? 14  THR A OG1 1 
ATOM   90   C CG2 . THR A 1 14  ? 4.373   14.490  -10.037 1.00 40.81 ? 14  THR A CG2 1 
ATOM   91   N N   . THR A 1 15  ? 0.402   14.561  -12.374 1.00 27.19 ? 15  THR A N   1 
ATOM   92   C CA  . THR A 1 15  ? -0.670  15.207  -13.098 1.00 26.75 ? 15  THR A CA  1 
ATOM   93   C C   . THR A 1 15  ? -1.356  14.161  -13.976 1.00 23.63 ? 15  THR A C   1 
ATOM   94   O O   . THR A 1 15  ? -0.695  13.297  -14.542 1.00 23.72 ? 15  THR A O   1 
ATOM   95   C CB  . THR A 1 15  ? -0.009  16.341  -13.924 1.00 27.78 ? 15  THR A CB  1 
ATOM   96   O OG1 . THR A 1 15  ? -0.061  17.561  -13.165 1.00 38.75 ? 15  THR A OG1 1 
ATOM   97   C CG2 . THR A 1 15  ? -0.707  16.640  -15.121 1.00 30.15 ? 15  THR A CG2 1 
ATOM   98   N N   . ALA A 1 16  ? -2.674  14.235  -14.088 1.00 21.08 ? 16  ALA A N   1 
ATOM   99   C CA  . ALA A 1 16  ? -3.421  13.250  -14.878 1.00 20.88 ? 16  ALA A CA  1 
ATOM   100  C C   . ALA A 1 16  ? -4.774  13.811  -15.235 1.00 21.72 ? 16  ALA A C   1 
ATOM   101  O O   . ALA A 1 16  ? -5.390  14.527  -14.433 1.00 23.18 ? 16  ALA A O   1 
ATOM   102  C CB  . ALA A 1 16  ? -3.593  11.997  -14.106 1.00 22.88 ? 16  ALA A CB  1 
ATOM   103  N N   . SER A 1 17  ? -5.239  13.485  -16.427 1.00 22.75 ? 17  SER A N   1 
ATOM   104  C CA  . SER A 1 17  ? -6.553  13.930  -16.876 1.00 22.62 ? 17  SER A CA  1 
ATOM   105  C C   . SER A 1 17  ? -7.557  12.779  -16.756 1.00 20.45 ? 17  SER A C   1 
ATOM   106  O O   . SER A 1 17  ? -7.203  11.649  -16.416 1.00 16.07 ? 17  SER A O   1 
ATOM   107  C CB  . SER A 1 17  ? -6.474  14.482  -18.300 1.00 28.11 ? 17  SER A CB  1 
ATOM   108  O OG  . SER A 1 17  ? -5.823  13.561  -19.136 1.00 39.43 ? 17  SER A OG  1 
ATOM   109  N N   . VAL A 1 18  ? -8.820  13.082  -16.998 1.00 19.72 ? 18  VAL A N   1 
ATOM   110  C CA  . VAL A 1 18  ? -9.885  12.103  -16.890 1.00 20.70 ? 18  VAL A CA  1 
ATOM   111  C C   . VAL A 1 18  ? -9.632  10.936  -17.835 1.00 20.82 ? 18  VAL A C   1 
ATOM   112  O O   . VAL A 1 18  ? -9.327  11.150  -18.989 1.00 18.83 ? 18  VAL A O   1 
ATOM   113  C CB  . VAL A 1 18  ? -11.266 12.723  -17.185 1.00 17.33 ? 18  VAL A CB  1 
ATOM   114  C CG1 . VAL A 1 18  ? -12.375 11.709  -17.021 1.00 22.36 ? 18  VAL A CG1 1 
ATOM   115  C CG2 . VAL A 1 18  ? -11.520 13.927  -16.269 1.00 25.80 ? 18  VAL A CG2 1 
ATOM   116  N N   . GLY A 1 19  ? -9.742  9.707   -17.304 1.00 20.47 ? 19  GLY A N   1 
ATOM   117  C CA  . GLY A 1 19  ? -9.537  8.493   -18.065 1.00 21.76 ? 19  GLY A CA  1 
ATOM   118  C C   . GLY A 1 19  ? -8.136  7.922   -18.008 1.00 24.47 ? 19  GLY A C   1 
ATOM   119  O O   . GLY A 1 19  ? -7.925  6.799   -18.455 1.00 25.59 ? 19  GLY A O   1 
ATOM   120  N N   . GLU A 1 20  ? -7.159  8.692   -17.502 1.00 23.13 ? 20  GLU A N   1 
ATOM   121  C CA  . GLU A 1 20  ? -5.807  8.187   -17.345 1.00 23.58 ? 20  GLU A CA  1 
ATOM   122  C C   . GLU A 1 20  ? -5.744  7.224   -16.160 1.00 24.58 ? 20  GLU A C   1 
ATOM   123  O O   . GLU A 1 20  ? -6.585  7.279   -15.275 1.00 22.66 ? 20  GLU A O   1 
ATOM   124  C CB  . GLU A 1 20  ? -4.791  9.313   -17.089 1.00 23.69 ? 20  GLU A CB  1 
ATOM   125  C CG  . GLU A 1 20  ? -4.166  9.881   -18.367 1.00 37.07 ? 20  GLU A CG  1 
ATOM   126  C CD  . GLU A 1 20  ? -3.037  10.864  -18.062 1.00 33.68 ? 20  GLU A CD  1 
ATOM   127  O OE1 . GLU A 1 20  ? -1.900  10.457  -17.758 1.00 35.31 ? 20  GLU A OE1 1 
ATOM   128  O OE2 . GLU A 1 20  ? -3.316  12.046  -18.100 1.00 34.90 ? 20  GLU A OE2 1 
ATOM   129  N N   . ILE A 1 21  ? -4.723  6.379   -16.185 1.00 22.89 ? 21  ILE A N   1 
ATOM   130  C CA  . ILE A 1 21  ? -4.343  5.517   -15.072 1.00 24.64 ? 21  ILE A CA  1 
ATOM   131  C C   . ILE A 1 21  ? -3.129  6.103   -14.348 1.00 25.66 ? 21  ILE A C   1 
ATOM   132  O O   . ILE A 1 21  ? -2.108  6.501   -14.954 1.00 25.33 ? 21  ILE A O   1 
ATOM   133  C CB  . ILE A 1 21  ? -3.986  4.105   -15.570 1.00 28.19 ? 21  ILE A CB  1 
ATOM   134  C CG1 . ILE A 1 21  ? -5.128  3.451   -16.359 1.00 32.53 ? 21  ILE A CG1 1 
ATOM   135  C CG2 . ILE A 1 21  ? -3.579  3.206   -14.393 1.00 31.34 ? 21  ILE A CG2 1 
ATOM   136  C CD1 . ILE A 1 21  ? -6.397  3.234   -15.613 1.00 38.47 ? 21  ILE A CD1 1 
ATOM   137  N N   . VAL A 1 22  ? -3.260  6.191   -13.037 1.00 23.11 ? 22  VAL A N   1 
ATOM   138  C CA  . VAL A 1 22  ? -2.171  6.575   -12.142 1.00 23.10 ? 22  VAL A CA  1 
ATOM   139  C C   . VAL A 1 22  ? -1.828  5.346   -11.331 1.00 21.98 ? 22  VAL A C   1 
ATOM   140  O O   . VAL A 1 22  ? -2.707  4.636   -10.862 1.00 21.90 ? 22  VAL A O   1 
ATOM   141  C CB  . VAL A 1 22  ? -2.633  7.719   -11.234 1.00 22.16 ? 22  VAL A CB  1 
ATOM   142  C CG1 . VAL A 1 22  ? -1.565  8.108   -10.254 1.00 35.69 ? 22  VAL A CG1 1 
ATOM   143  C CG2 . VAL A 1 22  ? -2.967  8.918   -12.098 1.00 32.42 ? 22  VAL A CG2 1 
ATOM   144  N N   . THR A 1 23  ? -0.540  5.066   -11.198 1.00 21.57 ? 23  THR A N   1 
ATOM   145  C CA  . THR A 1 23  ? -0.062  3.877   -10.505 1.00 19.38 ? 23  THR A CA  1 
ATOM   146  C C   . THR A 1 23  ? 0.560   4.310   -9.200  1.00 19.46 ? 23  THR A C   1 
ATOM   147  O O   . THR A 1 23  ? 1.503   5.123   -9.206  1.00 21.32 ? 23  THR A O   1 
ATOM   148  C CB  . THR A 1 23  ? 0.989   3.161   -11.343 1.00 22.57 ? 23  THR A CB  1 
ATOM   149  O OG1 . THR A 1 23  ? 0.379   2.701   -12.537 1.00 24.49 ? 23  THR A OG1 1 
ATOM   150  C CG2 . THR A 1 23  ? 1.420   1.873   -10.686 1.00 23.77 ? 23  THR A CG2 1 
ATOM   151  N N   . ALA A 1 24  ? -0.001  3.828   -8.103  1.00 16.59 ? 24  ALA A N   1 
ATOM   152  C CA  . ALA A 1 24  ? 0.575   4.040   -6.776  1.00 16.96 ? 24  ALA A CA  1 
ATOM   153  C C   . ALA A 1 24  ? 1.392   2.840   -6.352  1.00 19.17 ? 24  ALA A C   1 
ATOM   154  O O   . ALA A 1 24  ? 0.865   1.718   -6.270  1.00 23.26 ? 24  ALA A O   1 
ATOM   155  C CB  . ALA A 1 24  ? -0.488  4.287   -5.803  1.00 18.43 ? 24  ALA A CB  1 
ATOM   156  N N   . SER A 1 25  ? 2.667   3.063   -6.058  1.00 18.63 ? 25  SER A N   1 
ATOM   157  C CA  . SER A 1 25  ? 3.586   2.028   -5.577  1.00 18.54 ? 25  SER A CA  1 
ATOM   158  C C   . SER A 1 25  ? 3.764   2.215   -4.091  1.00 21.26 ? 25  SER A C   1 
ATOM   159  O O   . SER A 1 25  ? 3.983   3.339   -3.633  1.00 22.50 ? 25  SER A O   1 
ATOM   160  C CB  . SER A 1 25  ? 4.923   2.160   -6.296  1.00 23.40 ? 25  SER A CB  1 
ATOM   161  O OG  . SER A 1 25  ? 4.714   1.778   -7.631  1.00 25.30 ? 25  SER A OG  1 
ATOM   162  N N   . ILE A 1 26  ? 3.581   1.147   -3.320  1.00 18.29 ? 26  ILE A N   1 
ATOM   163  C CA  . ILE A 1 26  ? 3.808   1.239   -1.894  1.00 17.90 ? 26  ILE A CA  1 
ATOM   164  C C   . ILE A 1 26  ? 5.199   0.657   -1.630  1.00 19.09 ? 26  ILE A C   1 
ATOM   165  O O   . ILE A 1 26  ? 5.418   -0.552  -1.770  1.00 19.61 ? 26  ILE A O   1 
ATOM   166  C CB  . ILE A 1 26  ? 2.738   0.503   -1.131  1.00 16.98 ? 26  ILE A CB  1 
ATOM   167  C CG1 . ILE A 1 26  ? 1.374   1.094   -1.475  1.00 26.16 ? 26  ILE A CG1 1 
ATOM   168  C CG2 . ILE A 1 26  ? 3.093   0.525   0.377   1.00 24.85 ? 26  ILE A CG2 1 
ATOM   169  C CD1 . ILE A 1 26  ? 0.240   0.231   -1.034  1.00 35.83 ? 26  ILE A CD1 1 
ATOM   170  N N   . ASN A 1 27  ? 6.136   1.544   -1.307  1.00 18.80 ? 27  ASN A N   1 
ATOM   171  C CA  . ASN A 1 27  ? 7.538   1.205   -1.204  1.00 20.12 ? 27  ASN A CA  1 
ATOM   172  C C   . ASN A 1 27  ? 8.003   1.269   0.211   1.00 21.49 ? 27  ASN A C   1 
ATOM   173  O O   . ASN A 1 27  ? 7.665   2.210   0.927   1.00 21.61 ? 27  ASN A O   1 
ATOM   174  C CB  . ASN A 1 27  ? 8.367   2.214   -1.994  1.00 21.67 ? 27  ASN A CB  1 
ATOM   175  C CG  . ASN A 1 27  ? 8.141   2.134   -3.508  1.00 24.99 ? 27  ASN A CG  1 
ATOM   176  O OD1 . ASN A 1 27  ? 8.547   3.027   -4.238  1.00 29.03 ? 27  ASN A OD1 1 
ATOM   177  N ND2 . ASN A 1 27  ? 7.518   1.091   -3.960  1.00 18.86 ? 27  ASN A ND2 1 
ATOM   178  N N   . ILE A 1 28  ? 8.798   0.291   0.617   1.00 18.60 ? 28  ILE A N   1 
ATOM   179  C CA  . ILE A 1 28  ? 9.533   0.368   1.877   1.00 18.49 ? 28  ILE A CA  1 
ATOM   180  C C   . ILE A 1 28  ? 11.022  0.494   1.633   1.00 19.04 ? 28  ILE A C   1 
ATOM   181  O O   . ILE A 1 28  ? 11.548  0.095   0.596   1.00 19.02 ? 28  ILE A O   1 
ATOM   182  C CB  . ILE A 1 28  ? 9.253   -0.860  2.766   1.00 19.87 ? 28  ILE A CB  1 
ATOM   183  C CG1 . ILE A 1 28  ? 9.721   -2.159  2.071   1.00 22.26 ? 28  ILE A CG1 1 
ATOM   184  C CG2 . ILE A 1 28  ? 7.805   -0.948  3.117   1.00 26.54 ? 28  ILE A CG2 1 
ATOM   185  C CD1 . ILE A 1 28  ? 9.782   -3.345  3.004   1.00 20.34 ? 28  ILE A CD1 1 
ATOM   186  N N   . LYS A 1 29  ? 11.701  1.044   2.617   1.00 23.16 ? 29  LYS A N   1 
ATOM   187  C CA  . LYS A 1 29  ? 13.137  1.254   2.547   1.00 24.09 ? 29  LYS A CA  1 
ATOM   188  C C   . LYS A 1 29  ? 13.699  0.923   3.916   1.00 23.13 ? 29  LYS A C   1 
ATOM   189  O O   . LYS A 1 29  ? 13.296  1.504   4.925   1.00 23.09 ? 29  LYS A O   1 
ATOM   190  C CB  . LYS A 1 29  ? 13.482  2.695   2.144   1.00 26.81 ? 29  LYS A CB  1 
ATOM   191  C CG  . LYS A 1 29  ? 14.977  3.006   2.188   1.00 37.26 ? 29  LYS A CG  1 
ATOM   192  C CD  . LYS A 1 29  ? 15.426  4.072   1.167   1.00 50.28 ? 29  LYS A CD  1 
ATOM   193  C CE  . LYS A 1 29  ? 14.977  5.491   1.554   1.00 56.97 ? 29  LYS A CE  1 
ATOM   194  N NZ  . LYS A 1 29  ? 15.796  6.556   0.871   1.00 59.46 ? 29  LYS A NZ  1 
ATOM   195  N N   . ASN A 1 30  ? 14.621  -0.026  3.926   1.00 21.91 ? 30  ASN A N   1 
ATOM   196  C CA  . ASN A 1 30  ? 15.430  -0.353  5.113   1.00 23.77 ? 30  ASN A CA  1 
ATOM   197  C C   . ASN A 1 30  ? 14.604  -0.740  6.322   1.00 21.41 ? 30  ASN A C   1 
ATOM   198  O O   . ASN A 1 30  ? 14.892  -0.296  7.409   1.00 21.31 ? 30  ASN A O   1 
ATOM   199  C CB  . ASN A 1 30  ? 16.342  0.834   5.501   1.00 24.69 ? 30  ASN A CB  1 
ATOM   200  C CG  . ASN A 1 30  ? 17.483  1.053   4.514   1.00 33.27 ? 30  ASN A CG  1 
ATOM   201  O OD1 . ASN A 1 30  ? 17.960  0.118   3.874   1.00 34.87 ? 30  ASN A OD1 1 
ATOM   202  N ND2 . ASN A 1 30  ? 17.900  2.307   4.367   1.00 43.09 ? 30  ASN A ND2 1 
ATOM   203  N N   . ILE A 1 31  ? 13.580  -1.563  6.124   1.00 22.68 ? 31  ILE A N   1 
ATOM   204  C CA  . ILE A 1 31  ? 12.799  -2.091  7.227   1.00 24.14 ? 31  ILE A CA  1 
ATOM   205  C C   . ILE A 1 31  ? 13.415  -3.387  7.687   1.00 23.04 ? 31  ILE A C   1 
ATOM   206  O O   . ILE A 1 31  ? 13.237  -4.416  7.065   1.00 23.08 ? 31  ILE A O   1 
ATOM   207  C CB  . ILE A 1 31  ? 11.314  -2.345  6.816   1.00 24.31 ? 31  ILE A CB  1 
ATOM   208  C CG1 . ILE A 1 31  ? 10.661  -1.067  6.307   1.00 18.96 ? 31  ILE A CG1 1 
ATOM   209  C CG2 . ILE A 1 31  ? 10.542  -2.911  7.998   1.00 24.93 ? 31  ILE A CG2 1 
ATOM   210  C CD1 . ILE A 1 31  ? 10.645  0.073   7.295   1.00 23.57 ? 31  ILE A CD1 1 
ATOM   211  N N   . THR A 1 32  ? 14.084  -3.329  8.818   1.00 27.92 ? 32  THR A N   1 
ATOM   212  C CA  . THR A 1 32  ? 14.832  -4.471  9.338   1.00 27.58 ? 32  THR A CA  1 
ATOM   213  C C   . THR A 1 32  ? 14.013  -5.773  9.462   1.00 26.28 ? 32  THR A C   1 
ATOM   214  O O   . THR A 1 32  ? 12.991  -5.828  10.158  1.00 24.32 ? 32  THR A O   1 
ATOM   215  C CB  . THR A 1 32  ? 15.451  -4.079  10.672  1.00 31.95 ? 32  THR A CB  1 
ATOM   216  O OG1 . THR A 1 32  ? 16.212  -2.866  10.503  1.00 34.35 ? 32  THR A OG1 1 
ATOM   217  C CG2 . THR A 1 32  ? 16.481  -5.109  11.125  1.00 33.15 ? 32  THR A CG2 1 
ATOM   218  N N   . ASN A 1 33  ? 14.485  -6.805  8.750   1.00 25.53 ? 33  ASN A N   1 
ATOM   219  C CA  . ASN A 1 33  ? 13.960  -8.174  8.811   1.00 25.86 ? 33  ASN A CA  1 
ATOM   220  C C   . ASN A 1 33  ? 12.450  -8.267  8.486   1.00 25.63 ? 33  ASN A C   1 
ATOM   221  O O   . ASN A 1 33  ? 11.716  -9.076  9.048   1.00 23.18 ? 33  ASN A O   1 
ATOM   222  C CB  . ASN A 1 33  ? 14.299  -8.816  10.179  1.00 28.04 ? 33  ASN A CB  1 
ATOM   223  C CG  . ASN A 1 33  ? 15.794  -8.902  10.434  1.00 30.51 ? 33  ASN A CG  1 
ATOM   224  O OD1 . ASN A 1 33  ? 16.231  -8.905  11.593  1.00 30.51 ? 33  ASN A OD1 1 
ATOM   225  N ND2 . ASN A 1 33  ? 16.590  -8.979  9.355   1.00 21.18 ? 33  ASN A ND2 1 
ATOM   226  N N   . PHE A 1 34  ? 12.016  -7.424  7.555   1.00 24.98 ? 34  PHE A N   1 
ATOM   227  C CA  . PHE A 1 34  ? 10.624  -7.344  7.121   1.00 21.98 ? 34  PHE A CA  1 
ATOM   228  C C   . PHE A 1 34  ? 10.112  -8.678  6.647   1.00 21.18 ? 34  PHE A C   1 
ATOM   229  O O   . PHE A 1 34  ? 10.765  -9.328  5.828   1.00 21.63 ? 34  PHE A O   1 
ATOM   230  C CB  . PHE A 1 34  ? 10.555  -6.354  5.946   1.00 21.91 ? 34  PHE A CB  1 
ATOM   231  C CG  . PHE A 1 34  ? 9.182   -6.161  5.376   1.00 20.36 ? 34  PHE A CG  1 
ATOM   232  C CD1 . PHE A 1 34  ? 8.856   -6.622  4.120   1.00 20.51 ? 34  PHE A CD1 1 
ATOM   233  C CD2 . PHE A 1 34  ? 8.218   -5.502  6.115   1.00 21.83 ? 34  PHE A CD2 1 
ATOM   234  C CE1 . PHE A 1 34  ? 7.565   -6.417  3.574   1.00 21.28 ? 34  PHE A CE1 1 
ATOM   235  C CE2 . PHE A 1 34  ? 6.948   -5.286  5.583   1.00 20.64 ? 34  PHE A CE2 1 
ATOM   236  C CZ  . PHE A 1 34  ? 6.626   -5.728  4.306   1.00 22.04 ? 34  PHE A CZ  1 
ATOM   237  N N   . SER A 1 35  ? 8.929   -9.078  7.119   1.00 17.88 ? 35  SER A N   1 
ATOM   238  C CA  . SER A 1 35  ? 8.280   -10.293 6.611   1.00 20.87 ? 35  SER A CA  1 
ATOM   239  C C   . SER A 1 35  ? 6.854   -10.112 6.109   1.00 20.18 ? 35  SER A C   1 
ATOM   240  O O   . SER A 1 35  ? 6.235   -11.063 5.616   1.00 19.60 ? 35  SER A O   1 
ATOM   241  C CB  . SER A 1 35  ? 8.270   -11.365 7.706   1.00 18.71 ? 35  SER A CB  1 
ATOM   242  O OG  . SER A 1 35  ? 7.354   -11.012 8.718   1.00 23.14 ? 35  SER A OG  1 
ATOM   243  N N   . GLY A 1 36  ? 6.286   -8.918  6.273   1.00 21.43 ? 36  GLY A N   1 
ATOM   244  C CA  . GLY A 1 36  ? 4.904   -8.750  5.887   1.00 21.95 ? 36  GLY A CA  1 
ATOM   245  C C   . GLY A 1 36  ? 4.260   -7.546  6.500   1.00 20.17 ? 36  GLY A C   1 
ATOM   246  O O   . GLY A 1 36  ? 4.874   -6.879  7.312   1.00 19.60 ? 36  GLY A O   1 
ATOM   247  N N   . CYS A 1 37  ? 3.044   -7.256  6.067   1.00 19.21 ? 37  CYS A N   1 
ATOM   248  C CA  . CYS A 1 37  ? 2.356   -6.043  6.491   1.00 19.17 ? 37  CYS A CA  1 
ATOM   249  C C   . CYS A 1 37  ? 0.851   -6.157  6.432   1.00 21.27 ? 37  CYS A C   1 
ATOM   250  O O   . CYS A 1 37  ? 0.311   -7.090  5.856   1.00 22.06 ? 37  CYS A O   1 
ATOM   251  C CB  . CYS A 1 37  ? 2.819   -4.865  5.623   1.00 21.92 ? 37  CYS A CB  1 
ATOM   252  S SG  . CYS A 1 37  ? 2.363   -5.066  3.888   1.00 24.62 ? 37  CYS A SG  1 
ATOM   253  N N   . GLN A 1 38  ? 0.184   -5.213  7.093   1.00 20.78 ? 38  GLN A N   1 
ATOM   254  C CA  . GLN A 1 38  ? -1.226  -4.959  6.957   1.00 20.76 ? 38  GLN A CA  1 
ATOM   255  C C   . GLN A 1 38  ? -1.347  -3.452  6.810   1.00 20.01 ? 38  GLN A C   1 
ATOM   256  O O   . GLN A 1 38  ? -0.831  -2.682  7.619   1.00 20.30 ? 38  GLN A O   1 
ATOM   257  C CB  . GLN A 1 38  ? -2.046  -5.419  8.162   1.00 20.58 ? 38  GLN A CB  1 
ATOM   258  C CG  . GLN A 1 38  ? -3.533  -5.180  7.924   1.00 30.37 ? 38  GLN A CG  1 
ATOM   259  C CD  . GLN A 1 38  ? -4.458  -5.898  8.903   1.00 41.35 ? 38  GLN A CD  1 
ATOM   260  O OE1 . GLN A 1 38  ? -4.021  -6.423  9.945   1.00 41.94 ? 38  GLN A OE1 1 
ATOM   261  N NE2 . GLN A 1 38  ? -5.744  -5.937  8.555   1.00 42.24 ? 38  GLN A NE2 1 
ATOM   262  N N   . LEU A 1 39  ? -2.057  -3.037  5.792   1.00 18.68 ? 39  LEU A N   1 
ATOM   263  C CA  . LEU A 1 39  ? -2.127  -1.635  5.445   1.00 19.91 ? 39  LEU A CA  1 
ATOM   264  C C   . LEU A 1 39  ? -3.579  -1.238  5.174   1.00 19.87 ? 39  LEU A C   1 
ATOM   265  O O   . LEU A 1 39  ? -4.350  -2.019  4.632   1.00 21.77 ? 39  LEU A O   1 
ATOM   266  C CB  . LEU A 1 39  ? -1.272  -1.380  4.218   1.00 19.48 ? 39  LEU A CB  1 
ATOM   267  C CG  . LEU A 1 39  ? 0.217   -1.728  4.286   1.00 21.44 ? 39  LEU A CG  1 
ATOM   268  C CD1 . LEU A 1 39  ? 0.827   -1.491  2.948   1.00 21.89 ? 39  LEU A CD1 1 
ATOM   269  C CD2 . LEU A 1 39  ? 0.937   -0.905  5.338   1.00 22.91 ? 39  LEU A CD2 1 
ATOM   270  N N   . ASN A 1 40  ? -3.929  -0.021  5.571   1.00 17.87 ? 40  ASN A N   1 
ATOM   271  C CA  . ASN A 1 40  ? -5.267  0.545   5.422   1.00 18.01 ? 40  ASN A CA  1 
ATOM   272  C C   . ASN A 1 40  ? -5.120  1.853   4.688   1.00 18.22 ? 40  ASN A C   1 
ATOM   273  O O   . ASN A 1 40  ? -4.590  2.819   5.228   1.00 22.79 ? 40  ASN A O   1 
ATOM   274  C CB  . ASN A 1 40  ? -5.910  0.749   6.809   1.00 20.91 ? 40  ASN A CB  1 
ATOM   275  C CG  . ASN A 1 40  ? -7.374  1.061   6.742   1.00 24.75 ? 40  ASN A CG  1 
ATOM   276  O OD1 . ASN A 1 40  ? -7.828  2.181   7.091   1.00 27.15 ? 40  ASN A OD1 1 
ATOM   277  N ND2 . ASN A 1 40  ? -8.139  0.080   6.333   1.00 21.68 ? 40  ASN A ND2 1 
ATOM   278  N N   . MET A 1 41  ? -5.540  1.877   3.426   1.00 20.19 ? 41  MET A N   1 
ATOM   279  C CA  . MET A 1 41  ? -5.274  3.013   2.542   1.00 19.98 ? 41  MET A CA  1 
ATOM   280  C C   . MET A 1 41  ? -6.579  3.675   2.241   1.00 21.40 ? 41  MET A C   1 
ATOM   281  O O   . MET A 1 41  ? -7.547  2.993   1.956   1.00 23.33 ? 41  MET A O   1 
ATOM   282  C CB  . MET A 1 41  ? -4.727  2.565   1.163   1.00 23.65 ? 41  MET A CB  1 
ATOM   283  C CG  . MET A 1 41  ? -3.367  1.995   1.033   1.00 39.83 ? 41  MET A CG  1 
ATOM   284  S SD  . MET A 1 41  ? -2.634  2.412   -0.716  1.00 52.21 ? 41  MET A SD  1 
ATOM   285  C CE  . MET A 1 41  ? -3.889  2.668   -1.688  1.00 35.72 ? 41  MET A CE  1 
ATOM   286  N N   . LYS A 1 42  ? -6.585  4.997   2.216   1.00 19.18 ? 42  LYS A N   1 
ATOM   287  C CA  . LYS A 1 42  ? -7.785  5.791   1.967   1.00 20.90 ? 42  LYS A CA  1 
ATOM   288  C C   . LYS A 1 42  ? -7.619  6.627   0.697   1.00 21.01 ? 42  LYS A C   1 
ATOM   289  O O   . LYS A 1 42  ? -6.603  7.278   0.516   1.00 20.88 ? 42  LYS A O   1 
ATOM   290  C CB  . LYS A 1 42  ? -8.088  6.681   3.181   1.00 22.42 ? 42  LYS A CB  1 
ATOM   291  C CG  . LYS A 1 42  ? -9.320  7.581   3.024   1.00 26.11 ? 42  LYS A CG  1 
ATOM   292  C CD  . LYS A 1 42  ? -10.643 6.809   3.197   1.00 31.77 ? 42  LYS A CD  1 
ATOM   293  C CE  . LYS A 1 42  ? -11.909 7.690   3.107   1.00 33.66 ? 42  LYS A CE  1 
ATOM   294  N NZ  . LYS A 1 42  ? -12.214 8.172   1.731   1.00 26.98 ? 42  LYS A NZ  1 
ATOM   295  N N   . TYR A 1 43  ? -8.612  6.578   -0.181  1.00 19.76 ? 43  TYR A N   1 
ATOM   296  C CA  . TYR A 1 43  ? -8.689  7.445   -1.353  1.00 18.75 ? 43  TYR A CA  1 
ATOM   297  C C   . TYR A 1 43  ? -10.129 7.968   -1.484  1.00 19.37 ? 43  TYR A C   1 
ATOM   298  O O   . TYR A 1 43  ? -11.041 7.503   -0.794  1.00 21.21 ? 43  TYR A O   1 
ATOM   299  C CB  . TYR A 1 43  ? -8.257  6.677   -2.625  1.00 18.12 ? 43  TYR A CB  1 
ATOM   300  C CG  . TYR A 1 43  ? -9.205  5.539   -2.953  1.00 17.60 ? 43  TYR A CG  1 
ATOM   301  C CD1 . TYR A 1 43  ? -10.242 5.709   -3.818  1.00 19.33 ? 43  TYR A CD1 1 
ATOM   302  C CD2 . TYR A 1 43  ? -9.088  4.308   -2.331  1.00 20.17 ? 43  TYR A CD2 1 
ATOM   303  C CE1 . TYR A 1 43  ? -11.120 4.690   -4.107  1.00 18.02 ? 43  TYR A CE1 1 
ATOM   304  C CE2 . TYR A 1 43  ? -9.970  3.284   -2.602  1.00 20.93 ? 43  TYR A CE2 1 
ATOM   305  C CZ  . TYR A 1 43  ? -10.983 3.477   -3.495  1.00 19.15 ? 43  TYR A CZ  1 
ATOM   306  O OH  . TYR A 1 43  ? -11.902 2.461   -3.754  1.00 21.60 ? 43  TYR A OH  1 
ATOM   307  N N   . ASP A 1 44  ? -10.320 8.934   -2.361  1.00 18.19 ? 44  ASP A N   1 
ATOM   308  C CA  . ASP A 1 44  ? -11.630 9.538   -2.577  1.00 18.47 ? 44  ASP A CA  1 
ATOM   309  C C   . ASP A 1 44  ? -12.295 8.840   -3.752  1.00 16.77 ? 44  ASP A C   1 
ATOM   310  O O   . ASP A 1 44  ? -11.858 8.968   -4.892  1.00 20.77 ? 44  ASP A O   1 
ATOM   311  C CB  . ASP A 1 44  ? -11.460 11.020  -2.880  1.00 20.49 ? 44  ASP A CB  1 
ATOM   312  C CG  . ASP A 1 44  ? -12.752 11.748  -3.025  1.00 20.52 ? 44  ASP A CG  1 
ATOM   313  O OD1 . ASP A 1 44  ? -13.856 11.150  -3.140  1.00 19.80 ? 44  ASP A OD1 1 
ATOM   314  O OD2 . ASP A 1 44  ? -12.749 12.984  -3.063  1.00 22.73 ? 44  ASP A OD2 1 
ATOM   315  N N   . PRO A 1 45  ? -13.361 8.110   -3.485  1.00 18.65 ? 45  PRO A N   1 
ATOM   316  C CA  . PRO A 1 45  ? -13.998 7.292   -4.524  1.00 19.01 ? 45  PRO A CA  1 
ATOM   317  C C   . PRO A 1 45  ? -14.767 8.120   -5.569  1.00 18.97 ? 45  PRO A C   1 
ATOM   318  O O   . PRO A 1 45  ? -15.158 7.570   -6.584  1.00 21.86 ? 45  PRO A O   1 
ATOM   319  C CB  . PRO A 1 45  ? -14.913 6.387   -3.721  1.00 20.86 ? 45  PRO A CB  1 
ATOM   320  C CG  . PRO A 1 45  ? -15.295 7.216   -2.477  1.00 24.89 ? 45  PRO A CG  1 
ATOM   321  C CD  . PRO A 1 45  ? -14.037 7.987   -2.174  1.00 22.63 ? 45  PRO A CD  1 
ATOM   322  N N   . ALA A 1 46  ? -14.963 9.414   -5.341  1.00 20.67 ? 46  ALA A N   1 
ATOM   323  C CA  . ALA A 1 46  ? -15.555 10.287  -6.360  1.00 22.98 ? 46  ALA A CA  1 
ATOM   324  C C   . ALA A 1 46  ? -14.491 10.701  -7.405  1.00 21.34 ? 46  ALA A C   1 
ATOM   325  O O   . ALA A 1 46  ? -14.844 11.117  -8.493  1.00 20.94 ? 46  ALA A O   1 
ATOM   326  C CB  . ALA A 1 46  ? -16.190 11.527  -5.717  1.00 23.33 ? 46  ALA A CB  1 
ATOM   327  N N   . VAL A 1 47  ? -13.203 10.568  -7.078  1.00 15.57 ? 47  VAL A N   1 
ATOM   328  C CA  . VAL A 1 47  ? -12.132 11.044  -7.942  1.00 17.88 ? 47  VAL A CA  1 
ATOM   329  C C   . VAL A 1 47  ? -11.302 9.899   -8.560  1.00 18.41 ? 47  VAL A C   1 
ATOM   330  O O   . VAL A 1 47  ? -10.908 9.990   -9.720  1.00 18.72 ? 47  VAL A O   1 
ATOM   331  C CB  . VAL A 1 47  ? -11.194 12.024  -7.173  1.00 17.73 ? 47  VAL A CB  1 
ATOM   332  C CG1 . VAL A 1 47  ? -10.096 12.568  -8.093  1.00 21.15 ? 47  VAL A CG1 1 
ATOM   333  C CG2 . VAL A 1 47  ? -11.995 13.172  -6.590  1.00 20.33 ? 47  VAL A CG2 1 
ATOM   334  N N   . LEU A 1 48  ? -11.039 8.851   -7.778  1.00 19.20 ? 48  LEU A N   1 
ATOM   335  C CA  . LEU A 1 48  ? -10.213 7.708   -8.179  1.00 19.85 ? 48  LEU A CA  1 
ATOM   336  C C   . LEU A 1 48  ? -10.947 6.394   -8.012  1.00 18.02 ? 48  LEU A C   1 
ATOM   337  O O   . LEU A 1 48  ? -11.730 6.209   -7.096  1.00 19.39 ? 48  LEU A O   1 
ATOM   338  C CB  . LEU A 1 48  ? -8.942  7.660   -7.345  1.00 19.64 ? 48  LEU A CB  1 
ATOM   339  C CG  . LEU A 1 48  ? -7.992  8.863   -7.506  1.00 20.68 ? 48  LEU A CG  1 
ATOM   340  C CD1 . LEU A 1 48  ? -6.763  8.618   -6.658  1.00 23.47 ? 48  LEU A CD1 1 
ATOM   341  C CD2 . LEU A 1 48  ? -7.581  9.089   -8.950  1.00 22.72 ? 48  LEU A CD2 1 
ATOM   342  N N   . GLN A 1 49  ? -10.678 5.466   -8.906  1.00 19.74 ? 49  GLN A N   1 
ATOM   343  C CA  . GLN A 1 49  ? -11.237 4.118   -8.829  1.00 19.60 ? 49  GLN A CA  1 
ATOM   344  C C   . GLN A 1 49  ? -10.117 3.099   -9.016  1.00 20.16 ? 49  GLN A C   1 
ATOM   345  O O   . GLN A 1 49  ? -9.471  3.081   -10.043 1.00 19.79 ? 49  GLN A O   1 
ATOM   346  C CB  . GLN A 1 49  ? -12.290 3.887   -9.932  1.00 18.57 ? 49  GLN A CB  1 
ATOM   347  C CG  . GLN A 1 49  ? -12.966 2.522   -9.819  1.00 21.68 ? 49  GLN A CG  1 
ATOM   348  C CD  . GLN A 1 49  ? -13.864 2.215   -10.959 1.00 30.78 ? 49  GLN A CD  1 
ATOM   349  O OE1 . GLN A 1 49  ? -14.994 1.840   -10.755 1.00 35.92 ? 49  GLN A OE1 1 
ATOM   350  N NE2 . GLN A 1 49  ? -13.367 2.368   -12.167 1.00 30.08 ? 49  GLN A NE2 1 
ATOM   351  N N   . PRO A 1 50  ? -9.903  2.209   -8.055  1.00 18.99 ? 50  PRO A N   1 
ATOM   352  C CA  . PRO A 1 50  ? -8.858  1.206   -8.222  1.00 19.52 ? 50  PRO A CA  1 
ATOM   353  C C   . PRO A 1 50  ? -9.281  0.191   -9.266  1.00 18.84 ? 50  PRO A C   1 
ATOM   354  O O   . PRO A 1 50  ? -10.422 -0.276  -9.278  1.00 18.73 ? 50  PRO A O   1 
ATOM   355  C CB  . PRO A 1 50  ? -8.718  0.581   -6.826  1.00 19.51 ? 50  PRO A CB  1 
ATOM   356  C CG  . PRO A 1 50  ? -9.994  0.834   -6.169  1.00 24.60 ? 50  PRO A CG  1 
ATOM   357  C CD  . PRO A 1 50  ? -10.613 2.075   -6.790  1.00 17.88 ? 50  PRO A CD  1 
ATOM   358  N N   . VAL A 1 51  ? -8.361  -0.137  -10.162 1.00 17.84 ? 51  VAL A N   1 
ATOM   359  C CA  . VAL A 1 51  ? -8.616  -1.113  -11.232 1.00 19.99 ? 51  VAL A CA  1 
ATOM   360  C C   . VAL A 1 51  ? -7.460  -2.082  -11.287 1.00 21.86 ? 51  VAL A C   1 
ATOM   361  O O   . VAL A 1 51  ? -6.349  -1.742  -10.914 1.00 21.76 ? 51  VAL A O   1 
ATOM   362  C CB  . VAL A 1 51  ? -8.768  -0.495  -12.591 1.00 19.31 ? 51  VAL A CB  1 
ATOM   363  C CG1 . VAL A 1 51  ? -10.044 0.360   -12.662 1.00 24.87 ? 51  VAL A CG1 1 
ATOM   364  C CG2 . VAL A 1 51  ? -7.568  0.350   -12.958 1.00 23.96 ? 51  VAL A CG2 1 
ATOM   365  N N   . THR A 1 52  ? -7.748  -3.291  -11.723 1.00 22.22 ? 52  THR A N   1 
ATOM   366  C CA  . THR A 1 52  ? -6.735  -4.318  -11.905 1.00 29.59 ? 52  THR A CA  1 
ATOM   367  C C   . THR A 1 52  ? -5.935  -3.981  -13.168 1.00 33.05 ? 52  THR A C   1 
ATOM   368  O O   . THR A 1 52  ? -6.322  -3.101  -13.962 1.00 30.01 ? 52  THR A O   1 
ATOM   369  C CB  . THR A 1 52  ? -7.390  -5.745  -12.054 1.00 28.92 ? 52  THR A CB  1 
ATOM   370  O OG1 . THR A 1 52  ? -8.274  -5.732  -13.176 1.00 29.20 ? 52  THR A OG1 1 
ATOM   371  C CG2 . THR A 1 52  ? -8.256  -6.078  -10.873 1.00 27.32 ? 52  THR A CG2 1 
ATOM   372  N N   . SER A 1 53  ? -4.828  -4.697  -13.352 1.00 41.49 ? 53  SER A N   1 
ATOM   373  C CA  . SER A 1 53  ? -3.968  -4.500  -14.532 1.00 46.84 ? 53  SER A CA  1 
ATOM   374  C C   . SER A 1 53  ? -4.750  -4.678  -15.843 1.00 48.06 ? 53  SER A C   1 
ATOM   375  O O   . SER A 1 53  ? -4.435  -4.023  -16.838 1.00 50.82 ? 53  SER A O   1 
ATOM   376  C CB  . SER A 1 53  ? -2.723  -5.413  -14.493 1.00 48.28 ? 53  SER A CB  1 
ATOM   377  O OG  . SER A 1 53  ? -2.936  -6.599  -13.729 1.00 54.81 ? 53  SER A OG  1 
ATOM   378  N N   . SER A 1 54  ? -5.794  -5.513  -15.831 1.00 47.27 ? 54  SER A N   1 
ATOM   379  C CA  . SER A 1 54  ? -6.663  -5.690  -17.014 1.00 48.07 ? 54  SER A CA  1 
ATOM   380  C C   . SER A 1 54  ? -7.833  -4.685  -17.155 1.00 45.66 ? 54  SER A C   1 
ATOM   381  O O   . SER A 1 54  ? -8.624  -4.795  -18.084 1.00 44.72 ? 54  SER A O   1 
ATOM   382  C CB  . SER A 1 54  ? -7.203  -7.131  -17.089 1.00 47.89 ? 54  SER A CB  1 
ATOM   383  O OG  . SER A 1 54  ? -7.612  -7.602  -15.816 1.00 49.93 ? 54  SER A OG  1 
ATOM   384  N N   . GLY A 1 55  ? -7.960  -3.729  -16.239 1.00 41.21 ? 55  GLY A N   1 
ATOM   385  C CA  . GLY A 1 55  ? -8.890  -2.615  -16.407 1.00 39.81 ? 55  GLY A CA  1 
ATOM   386  C C   . GLY A 1 55  ? -10.245 -2.714  -15.711 1.00 36.89 ? 55  GLY A C   1 
ATOM   387  O O   . GLY A 1 55  ? -11.084 -1.847  -15.889 1.00 39.43 ? 55  GLY A O   1 
ATOM   388  N N   . VAL A 1 56  ? -10.437 -3.730  -14.886 1.00 36.00 ? 56  VAL A N   1 
ATOM   389  C CA  . VAL A 1 56  ? -11.703 -3.957  -14.184 1.00 35.98 ? 56  VAL A CA  1 
ATOM   390  C C   . VAL A 1 56  ? -11.638 -3.520  -12.716 1.00 32.83 ? 56  VAL A C   1 
ATOM   391  O O   . VAL A 1 56  ? -10.599 -3.637  -12.063 1.00 28.92 ? 56  VAL A O   1 
ATOM   392  C CB  . VAL A 1 56  ? -12.089 -5.441  -14.283 1.00 37.24 ? 56  VAL A CB  1 
ATOM   393  C CG1 . VAL A 1 56  ? -13.148 -5.867  -13.226 1.00 41.39 ? 56  VAL A CG1 1 
ATOM   394  C CG2 . VAL A 1 56  ? -12.597 -5.733  -15.686 1.00 41.65 ? 56  VAL A CG2 1 
ATOM   395  N N   . ALA A 1 57  ? -12.764 -3.033  -12.195 1.00 28.55 ? 57  ALA A N   1 
ATOM   396  C CA  . ALA A 1 57  ? -12.778 -2.450  -10.866 1.00 28.76 ? 57  ALA A CA  1 
ATOM   397  C C   . ALA A 1 57  ? -12.506 -3.527  -9.828  1.00 24.99 ? 57  ALA A C   1 
ATOM   398  O O   . ALA A 1 57  ? -12.800 -4.701  -10.041 1.00 22.48 ? 57  ALA A O   1 
ATOM   399  C CB  . ALA A 1 57  ? -14.123 -1.773  -10.592 1.00 29.97 ? 57  ALA A CB  1 
ATOM   400  N N   . TYR A 1 58  ? -11.901 -3.123  -8.714  1.00 20.85 ? 58  TYR A N   1 
ATOM   401  C CA  . TYR A 1 58  ? -11.729 -4.001  -7.569  1.00 22.27 ? 58  TYR A CA  1 
ATOM   402  C C   . TYR A 1 58  ? -13.081 -4.390  -6.999  1.00 25.29 ? 58  TYR A C   1 
ATOM   403  O O   . TYR A 1 58  ? -14.043 -3.637  -7.115  1.00 24.89 ? 58  TYR A O   1 
ATOM   404  C CB  . TYR A 1 58  ? -10.958 -3.273  -6.445  1.00 20.31 ? 58  TYR A CB  1 
ATOM   405  C CG  . TYR A 1 58  ? -9.449  -3.220  -6.579  1.00 17.11 ? 58  TYR A CG  1 
ATOM   406  C CD1 . TYR A 1 58  ? -8.826  -3.170  -7.796  1.00 17.92 ? 58  TYR A CD1 1 
ATOM   407  C CD2 . TYR A 1 58  ? -8.635  -3.230  -5.441  1.00 19.99 ? 58  TYR A CD2 1 
ATOM   408  C CE1 . TYR A 1 58  ? -7.435  -3.090  -7.894  1.00 19.92 ? 58  TYR A CE1 1 
ATOM   409  C CE2 . TYR A 1 58  ? -7.296  -3.176  -5.533  1.00 21.33 ? 58  TYR A CE2 1 
ATOM   410  C CZ  . TYR A 1 58  ? -6.687  -3.101  -6.744  1.00 20.02 ? 58  TYR A CZ  1 
ATOM   411  O OH  . TYR A 1 58  ? -5.313  -3.059  -6.859  1.00 23.80 ? 58  TYR A OH  1 
ATOM   412  N N   . THR A 1 59  ? -13.106 -5.549  -6.337  1.00 25.15 ? 59  THR A N   1 
ATOM   413  C CA  . THR A 1 59  ? -14.185 -5.977  -5.455  1.00 26.64 ? 59  THR A CA  1 
ATOM   414  C C   . THR A 1 59  ? -13.673 -6.000  -4.018  1.00 27.69 ? 59  THR A C   1 
ATOM   415  O O   . THR A 1 59  ? -12.498 -5.695  -3.785  1.00 25.41 ? 59  THR A O   1 
ATOM   416  C CB  . THR A 1 59  ? -14.666 -7.400  -5.844  1.00 27.58 ? 59  THR A CB  1 
ATOM   417  O OG1 . THR A 1 59  ? -13.664 -8.359  -5.485  1.00 28.50 ? 59  THR A OG1 1 
ATOM   418  C CG2 . THR A 1 59  ? -14.802 -7.546  -7.367  1.00 33.54 ? 59  THR A CG2 1 
ATOM   419  N N   . LYS A 1 60  ? -14.541 -6.390  -3.076  1.00 26.00 ? 60  LYS A N   1 
ATOM   420  C CA  . LYS A 1 60  ? -14.233 -6.394  -1.637  1.00 30.83 ? 60  LYS A CA  1 
ATOM   421  C C   . LYS A 1 60  ? -13.008 -7.243  -1.346  1.00 28.09 ? 60  LYS A C   1 
ATOM   422  O O   . LYS A 1 60  ? -12.282 -6.977  -0.403  1.00 29.03 ? 60  LYS A O   1 
ATOM   423  C CB  . LYS A 1 60  ? -15.416 -6.923  -0.779  1.00 34.58 ? 60  LYS A CB  1 
ATOM   424  C CG  . LYS A 1 60  ? -16.818 -6.542  -1.309  1.00 49.31 ? 60  LYS A CG  1 
ATOM   425  C CD  . LYS A 1 60  ? -17.938 -6.438  -0.239  1.00 58.32 ? 60  LYS A CD  1 
ATOM   426  C CE  . LYS A 1 60  ? -18.919 -5.289  -0.572  1.00 57.74 ? 60  LYS A CE  1 
ATOM   427  N NZ  . LYS A 1 60  ? -20.195 -5.355  0.209   1.00 57.84 ? 60  LYS A NZ  1 
ATOM   428  N N   . SER A 1 61  ? -12.789 -8.240  -2.195  1.00 25.49 ? 61  SER A N   1 
ATOM   429  C CA  . SER A 1 61  ? -11.756 -9.267  -2.046  1.00 25.45 ? 61  SER A CA  1 
ATOM   430  C C   . SER A 1 61  ? -10.484 -9.103  -2.837  1.00 22.99 ? 61  SER A C   1 
ATOM   431  O O   . SER A 1 61  ? -9.564  -9.912  -2.688  1.00 24.37 ? 61  SER A O   1 
ATOM   432  C CB  . SER A 1 61  ? -12.340 -10.626 -2.510  1.00 25.72 ? 61  SER A CB  1 
ATOM   433  O OG  . SER A 1 61  ? -12.888 -11.208 -1.408  1.00 37.41 ? 61  SER A OG  1 
ATOM   434  N N   . THR A 1 62  ? -10.421 -8.100  -3.700  1.00 20.71 ? 62  THR A N   1 
ATOM   435  C CA  . THR A 1 62  ? -9.300  -7.964  -4.596  1.00 20.53 ? 62  THR A CA  1 
ATOM   436  C C   . THR A 1 62  ? -8.044  -7.472  -3.854  1.00 20.98 ? 62  THR A C   1 
ATOM   437  O O   . THR A 1 62  ? -8.069  -6.423  -3.174  1.00 23.49 ? 62  THR A O   1 
ATOM   438  C CB  . THR A 1 62  ? -9.651  -6.963  -5.673  1.00 22.50 ? 62  THR A CB  1 
ATOM   439  O OG1 . THR A 1 62  ? -10.840 -7.409  -6.346  1.00 24.25 ? 62  THR A OG1 1 
ATOM   440  C CG2 . THR A 1 62  ? -8.561  -6.858  -6.771  1.00 20.34 ? 62  THR A CG2 1 
ATOM   441  N N   . MET A 1 63  ? -6.947  -8.180  -4.095  1.00 19.00 ? 63  MET A N   1 
ATOM   442  C CA  . MET A 1 63  ? -5.635  -7.805  -3.610  1.00 21.66 ? 63  MET A CA  1 
ATOM   443  C C   . MET A 1 63  ? -5.016  -6.823  -4.601  1.00 21.68 ? 63  MET A C   1 
ATOM   444  O O   . MET A 1 63  ? -5.266  -6.918  -5.810  1.00 21.32 ? 63  MET A O   1 
ATOM   445  C CB  . MET A 1 63  ? -4.757  -9.063  -3.497  1.00 25.57 ? 63  MET A CB  1 
ATOM   446  C CG  . MET A 1 63  ? -5.050  -9.950  -2.295  1.00 26.38 ? 63  MET A CG  1 
ATOM   447  S SD  . MET A 1 63  ? -4.589  -9.167  -0.714  1.00 28.09 ? 63  MET A SD  1 
ATOM   448  C CE  . MET A 1 63  ? -2.852  -8.914  -0.917  1.00 27.37 ? 63  MET A CE  1 
ATOM   449  N N   . PRO A 1 64  ? -4.173  -5.906  -4.123  1.00 20.43 ? 64  PRO A N   1 
ATOM   450  C CA  . PRO A 1 64  ? -3.405  -5.051  -5.023  1.00 20.37 ? 64  PRO A CA  1 
ATOM   451  C C   . PRO A 1 64  ? -2.466  -5.904  -5.868  1.00 22.81 ? 64  PRO A C   1 
ATOM   452  O O   . PRO A 1 64  ? -2.271  -7.107  -5.623  1.00 23.04 ? 64  PRO A O   1 
ATOM   453  C CB  . PRO A 1 64  ? -2.627  -4.131  -4.073  1.00 23.16 ? 64  PRO A CB  1 
ATOM   454  C CG  . PRO A 1 64  ? -2.604  -4.786  -2.835  1.00 27.53 ? 64  PRO A CG  1 
ATOM   455  C CD  . PRO A 1 64  ? -3.867  -5.608  -2.713  1.00 22.19 ? 64  PRO A CD  1 
ATOM   456  N N   . GLY A 1 65  ? -1.917  -5.290  -6.889  1.00 23.39 ? 65  GLY A N   1 
ATOM   457  C CA  . GLY A 1 65  ? -0.966  -5.978  -7.741  1.00 24.51 ? 65  GLY A CA  1 
ATOM   458  C C   . GLY A 1 65  ? 0.331   -6.257  -7.007  1.00 24.01 ? 65  GLY A C   1 
ATOM   459  O O   . GLY A 1 65  ? 0.696   -5.598  -6.026  1.00 21.09 ? 65  GLY A O   1 
ATOM   460  N N   . ALA A 1 66  ? 1.021   -7.279  -7.484  1.00 23.86 ? 66  ALA A N   1 
ATOM   461  C CA  . ALA A 1 66  ? 2.337   -7.658  -6.993  1.00 23.18 ? 66  ALA A CA  1 
ATOM   462  C C   . ALA A 1 66  ? 3.391   -6.560  -7.170  1.00 20.65 ? 66  ALA A C   1 
ATOM   463  O O   . ALA A 1 66  ? 3.374   -5.797  -8.131  1.00 22.04 ? 66  ALA A O   1 
ATOM   464  C CB  . ALA A 1 66  ? 2.792   -8.985  -7.687  1.00 25.17 ? 66  ALA A CB  1 
ATOM   465  N N   . GLY A 1 67  ? 4.270   -6.430  -6.187  1.00 20.88 ? 67  GLY A N   1 
ATOM   466  C CA  . GLY A 1 67  ? 5.428   -5.560  -6.272  1.00 21.63 ? 67  GLY A CA  1 
ATOM   467  C C   . GLY A 1 67  ? 6.700   -6.354  -6.600  1.00 22.24 ? 67  GLY A C   1 
ATOM   468  O O   . GLY A 1 67  ? 6.666   -7.381  -7.285  1.00 20.42 ? 67  GLY A O   1 
ATOM   469  N N   . THR A 1 68  ? 7.808   -5.910  -6.045  1.00 20.83 ? 68  THR A N   1 
ATOM   470  C CA  . THR A 1 68  ? 9.088   -6.566  -6.252  1.00 21.01 ? 68  THR A CA  1 
ATOM   471  C C   . THR A 1 68  ? 9.586   -7.337  -5.068  1.00 20.73 ? 68  THR A C   1 
ATOM   472  O O   . THR A 1 68  ? 10.624  -7.991  -5.175  1.00 20.70 ? 68  THR A O   1 
ATOM   473  C CB  . THR A 1 68  ? 10.165  -5.495  -6.598  1.00 22.52 ? 68  THR A CB  1 
ATOM   474  O OG1 . THR A 1 68  ? 10.279  -4.549  -5.517  1.00 22.44 ? 68  THR A OG1 1 
ATOM   475  C CG2 . THR A 1 68  ? 9.748   -4.683  -7.798  1.00 24.97 ? 68  THR A CG2 1 
ATOM   476  N N   . ILE A 1 69  ? 8.895   -7.234  -3.931  1.00 17.15 ? 69  ILE A N   1 
ATOM   477  C CA  . ILE A 1 69  ? 9.128   -8.106  -2.787  1.00 17.90 ? 69  ILE A CA  1 
ATOM   478  C C   . ILE A 1 69  ? 7.850   -8.812  -2.380  1.00 19.04 ? 69  ILE A C   1 
ATOM   479  O O   . ILE A 1 69  ? 6.767   -8.482  -2.875  1.00 17.57 ? 69  ILE A O   1 
ATOM   480  C CB  . ILE A 1 69  ? 9.764   -7.340  -1.600  1.00 18.69 ? 69  ILE A CB  1 
ATOM   481  C CG1 . ILE A 1 69  ? 8.909   -6.141  -1.170  1.00 21.01 ? 69  ILE A CG1 1 
ATOM   482  C CG2 . ILE A 1 69  ? 11.185  -6.921  -1.929  1.00 23.59 ? 69  ILE A CG2 1 
ATOM   483  C CD1 . ILE A 1 69  ? 9.413   -5.512  0.019   1.00 21.74 ? 69  ILE A CD1 1 
ATOM   484  N N   . LEU A 1 70  ? 7.972   -9.774  -1.459  1.00 20.17 ? 70  LEU A N   1 
ATOM   485  C CA  . LEU A 1 70  ? 6.831   -10.579 -0.999  1.00 19.62 ? 70  LEU A CA  1 
ATOM   486  C C   . LEU A 1 70  ? 6.265   -11.401 -2.173  1.00 21.99 ? 70  LEU A C   1 
ATOM   487  O O   . LEU A 1 70  ? 5.068   -11.603 -2.326  1.00 24.69 ? 70  LEU A O   1 
ATOM   488  C CB  . LEU A 1 70  ? 5.752   -9.709  -0.326  1.00 22.76 ? 70  LEU A CB  1 
ATOM   489  C CG  . LEU A 1 70  ? 6.110   -8.989  0.966   1.00 26.15 ? 70  LEU A CG  1 
ATOM   490  C CD1 . LEU A 1 70  ? 4.909   -8.194  1.526   1.00 27.45 ? 70  LEU A CD1 1 
ATOM   491  C CD2 . LEU A 1 70  ? 6.595   -9.966  2.026   1.00 29.60 ? 70  LEU A CD2 1 
ATOM   492  N N   . ASN A 1 71  ? 7.163   -11.899 -3.010  1.00 18.46 ? 71  ASN A N   1 
ATOM   493  C CA  . ASN A 1 71  ? 6.779   -12.694 -4.157  1.00 19.48 ? 71  ASN A CA  1 
ATOM   494  C C   . ASN A 1 71  ? 7.387   -14.068 -4.078  1.00 16.55 ? 71  ASN A C   1 
ATOM   495  O O   . ASN A 1 71  ? 7.227   -14.841 -4.983  1.00 19.94 ? 71  ASN A O   1 
ATOM   496  C CB  . ASN A 1 71  ? 7.321   -12.069 -5.435  1.00 23.72 ? 71  ASN A CB  1 
ATOM   497  C CG  . ASN A 1 71  ? 6.600   -10.831 -5.853  1.00 28.66 ? 71  ASN A CG  1 
ATOM   498  O OD1 . ASN A 1 71  ? 5.373   -10.736 -5.756  1.00 35.29 ? 71  ASN A OD1 1 
ATOM   499  N ND2 . ASN A 1 71  ? 7.370   -9.873  -6.413  1.00 31.12 ? 71  ASN A ND2 1 
ATOM   500  N N   . SER A 1 72  ? 8.151   -14.369 -3.032  1.00 15.94 ? 72  SER A N   1 
ATOM   501  C CA  . SER A 1 72  ? 8.830   -15.654 -2.937  1.00 13.22 ? 72  SER A CA  1 
ATOM   502  C C   . SER A 1 72  ? 7.943   -16.702 -2.269  1.00 18.44 ? 72  SER A C   1 
ATOM   503  O O   . SER A 1 72  ? 7.015   -16.378 -1.539  1.00 13.57 ? 72  SER A O   1 
ATOM   504  C CB  . SER A 1 72  ? 10.115  -15.485 -2.143  1.00 18.64 ? 72  SER A CB  1 
ATOM   505  O OG  . SER A 1 72  ? 10.970  -14.571 -2.832  1.00 20.81 ? 72  SER A OG  1 
ATOM   506  N N   . ASP A 1 73  ? 8.270   -17.962 -2.465  1.00 18.70 ? 73  ASP A N   1 
ATOM   507  C CA  . ASP A 1 73  ? 7.425   -19.022 -1.934  1.00 19.29 ? 73  ASP A CA  1 
ATOM   508  C C   . ASP A 1 73  ? 7.789   -19.373 -0.474  1.00 19.04 ? 73  ASP A C   1 
ATOM   509  O O   . ASP A 1 73  ? 8.348   -20.419 -0.196  1.00 19.10 ? 73  ASP A O   1 
ATOM   510  C CB  . ASP A 1 73  ? 7.526   -20.222 -2.843  1.00 22.94 ? 73  ASP A CB  1 
ATOM   511  C CG  . ASP A 1 73  ? 6.493   -21.263 -2.538  1.00 33.50 ? 73  ASP A CG  1 
ATOM   512  O OD1 . ASP A 1 73  ? 5.628   -21.035 -1.638  1.00 34.06 ? 73  ASP A OD1 1 
ATOM   513  O OD2 . ASP A 1 73  ? 6.492   -22.326 -3.181  1.00 33.93 ? 73  ASP A OD2 1 
ATOM   514  N N   . PHE A 1 74  ? 7.506   -18.458 0.453   1.00 16.45 ? 74  PHE A N   1 
ATOM   515  C CA  . PHE A 1 74  ? 7.575   -18.776 1.845   1.00 17.33 ? 74  PHE A CA  1 
ATOM   516  C C   . PHE A 1 74  ? 6.154   -18.840 2.417   1.00 16.00 ? 74  PHE A C   1 
ATOM   517  O O   . PHE A 1 74  ? 5.900   -18.308 3.496   1.00 18.54 ? 74  PHE A O   1 
ATOM   518  C CB  . PHE A 1 74  ? 8.429   -17.766 2.572   1.00 16.30 ? 74  PHE A CB  1 
ATOM   519  C CG  . PHE A 1 74  ? 9.879   -17.822 2.191   1.00 20.87 ? 74  PHE A CG  1 
ATOM   520  C CD1 . PHE A 1 74  ? 10.482  -16.752 1.513   1.00 23.86 ? 74  PHE A CD1 1 
ATOM   521  C CD2 . PHE A 1 74  ? 10.647  -18.922 2.492   1.00 22.50 ? 74  PHE A CD2 1 
ATOM   522  C CE1 . PHE A 1 74  ? 11.837  -16.831 1.140   1.00 19.33 ? 74  PHE A CE1 1 
ATOM   523  C CE2 . PHE A 1 74  ? 11.996  -18.969 2.139   1.00 23.55 ? 74  PHE A CE2 1 
ATOM   524  C CZ  . PHE A 1 74  ? 12.569  -17.907 1.486   1.00 15.94 ? 74  PHE A CZ  1 
ATOM   525  N N   . ASN A 1 75  ? 5.238   -19.433 1.650   1.00 17.79 ? 75  ASN A N   1 
ATOM   526  C CA  . ASN A 1 75  ? 3.836   -19.564 2.061   1.00 20.31 ? 75  ASN A CA  1 
ATOM   527  C C   . ASN A 1 75  ? 3.139   -18.217 2.330   1.00 20.53 ? 75  ASN A C   1 
ATOM   528  O O   . ASN A 1 75  ? 2.839   -17.840 3.452   1.00 18.22 ? 75  ASN A O   1 
ATOM   529  C CB  . ASN A 1 75  ? 3.778   -20.485 3.281   1.00 20.24 ? 75  ASN A CB  1 
ATOM   530  C CG  . ASN A 1 75  ? 2.395   -21.088 3.492   1.00 23.22 ? 75  ASN A CG  1 
ATOM   531  O OD1 . ASN A 1 75  ? 1.471   -20.837 2.723   1.00 22.05 ? 75  ASN A OD1 1 
ATOM   532  N ND2 . ASN A 1 75  ? 2.269   -21.907 4.513   1.00 22.25 ? 75  ASN A ND2 1 
ATOM   533  N N   . LEU A 1 76  ? 2.854   -17.492 1.262   1.00 21.09 ? 76  LEU A N   1 
ATOM   534  C CA  . LEU A 1 76  ? 2.307   -16.169 1.347   1.00 23.36 ? 76  LEU A CA  1 
ATOM   535  C C   . LEU A 1 76  ? 0.828   -16.250 1.718   1.00 21.64 ? 76  LEU A C   1 
ATOM   536  O O   . LEU A 1 76  ? 0.050   -17.086 1.206   1.00 24.04 ? 76  LEU A O   1 
ATOM   537  C CB  . LEU A 1 76  ? 2.516   -15.452 -0.022  1.00 28.01 ? 76  LEU A CB  1 
ATOM   538  C CG  . LEU A 1 76  ? 2.439   -13.929 -0.097  1.00 37.58 ? 76  LEU A CG  1 
ATOM   539  C CD1 . LEU A 1 76  ? 3.531   -13.214 0.662   1.00 32.22 ? 76  LEU A CD1 1 
ATOM   540  C CD2 . LEU A 1 76  ? 2.498   -13.533 -1.589  1.00 45.44 ? 76  LEU A CD2 1 
ATOM   541  N N   . ARG A 1 77  ? 0.467   -15.458 2.705   1.00 17.36 ? 77  ARG A N   1 
ATOM   542  C CA  . ARG A 1 77  ? -0.920  -15.289 3.075   1.00 21.16 ? 77  ARG A CA  1 
ATOM   543  C C   . ARG A 1 77  ? -1.323  -13.908 2.593   1.00 22.67 ? 77  ARG A C   1 
ATOM   544  O O   . ARG A 1 77  ? -0.626  -12.945 2.880   1.00 23.86 ? 77  ARG A O   1 
ATOM   545  C CB  . ARG A 1 77  ? -1.103  -15.375 4.581   1.00 22.22 ? 77  ARG A CB  1 
ATOM   546  C CG  . ARG A 1 77  ? -2.551  -15.239 5.040   1.00 25.54 ? 77  ARG A CG  1 
ATOM   547  C CD  . ARG A 1 77  ? -2.745  -15.670 6.499   1.00 38.16 ? 77  ARG A CD  1 
ATOM   548  N NE  . ARG A 1 77  ? -4.128  -15.535 6.971   1.00 42.15 ? 77  ARG A NE  1 
ATOM   549  C CZ  . ARG A 1 77  ? -4.668  -14.415 7.452   1.00 42.45 ? 77  ARG A CZ  1 
ATOM   550  N NH1 . ARG A 1 77  ? -3.969  -13.283 7.519   1.00 43.04 ? 77  ARG A NH1 1 
ATOM   551  N NH2 . ARG A 1 77  ? -5.930  -14.432 7.876   1.00 48.97 ? 77  ARG A NH2 1 
ATOM   552  N N   . GLN A 1 78  ? -2.483  -13.842 1.939   1.00 21.45 ? 78  GLN A N   1 
ATOM   553  C CA  . GLN A 1 78  ? -3.005  -12.620 1.335   1.00 25.35 ? 78  GLN A CA  1 
ATOM   554  C C   . GLN A 1 78  ? -4.478  -12.545 1.596   1.00 26.16 ? 78  GLN A C   1 
ATOM   555  O O   . GLN A 1 78  ? -5.220  -13.453 1.234   1.00 25.42 ? 78  GLN A O   1 
ATOM   556  C CB  . GLN A 1 78  ? -2.841  -12.659 -0.178  1.00 26.20 ? 78  GLN A CB  1 
ATOM   557  C CG  . GLN A 1 78  ? -1.476  -12.877 -0.676  1.00 32.47 ? 78  GLN A CG  1 
ATOM   558  C CD  . GLN A 1 78  ? -1.404  -12.597 -2.166  1.00 41.67 ? 78  GLN A CD  1 
ATOM   559  O OE1 . GLN A 1 78  ? -1.161  -11.471 -2.570  1.00 45.82 ? 78  GLN A OE1 1 
ATOM   560  N NE2 . GLN A 1 78  ? -1.656  -13.612 -2.971  1.00 44.54 ? 78  GLN A NE2 1 
ATOM   561  N N   . VAL A 1 79  ? -4.914  -11.476 2.232   1.00 23.01 ? 79  VAL A N   1 
ATOM   562  C CA  . VAL A 1 79  ? -6.322  -11.261 2.444   1.00 25.58 ? 79  VAL A CA  1 
ATOM   563  C C   . VAL A 1 79  ? -6.584  -9.755  2.295   1.00 25.75 ? 79  VAL A C   1 
ATOM   564  O O   . VAL A 1 79  ? -5.822  -8.934  2.792   1.00 22.27 ? 79  VAL A O   1 
ATOM   565  C CB  . VAL A 1 79  ? -6.843  -11.793 3.808   1.00 31.45 ? 79  VAL A CB  1 
ATOM   566  C CG1 . VAL A 1 79  ? -5.969  -11.352 4.955   1.00 41.83 ? 79  VAL A CG1 1 
ATOM   567  C CG2 . VAL A 1 79  ? -8.278  -11.361 4.036   1.00 38.13 ? 79  VAL A CG2 1 
ATOM   568  N N   . ALA A 1 80  ? -7.668  -9.436  1.596   1.00 24.57 ? 80  ALA A N   1 
ATOM   569  C CA  . ALA A 1 80  ? -8.137  -8.060  1.413   1.00 22.60 ? 80  ALA A CA  1 
ATOM   570  C C   . ALA A 1 80  ? -9.564  -7.949  1.872   1.00 25.69 ? 80  ALA A C   1 
ATOM   571  O O   . ALA A 1 80  ? -10.344 -8.907  1.811   1.00 27.33 ? 80  ALA A O   1 
ATOM   572  C CB  . ALA A 1 80  ? -8.015  -7.660  -0.001  1.00 23.52 ? 80  ALA A CB  1 
ATOM   573  N N   . ASP A 1 81  ? -9.895  -6.786  2.394   1.00 26.35 ? 81  ASP A N   1 
ATOM   574  C CA  . ASP A 1 81  ? -11.222 -6.493  2.892   1.00 28.31 ? 81  ASP A CA  1 
ATOM   575  C C   . ASP A 1 81  ? -11.444 -5.019  2.544   1.00 26.56 ? 81  ASP A C   1 
ATOM   576  O O   . ASP A 1 81  ? -11.182 -4.137  3.355   1.00 27.61 ? 81  ASP A O   1 
ATOM   577  C CB  . ASP A 1 81  ? -11.229 -6.738  4.393   1.00 31.70 ? 81  ASP A CB  1 
ATOM   578  C CG  . ASP A 1 81  ? -12.590 -6.533  5.027   1.00 42.53 ? 81  ASP A CG  1 
ATOM   579  O OD1 . ASP A 1 81  ? -13.621 -6.512  4.299   1.00 42.81 ? 81  ASP A OD1 1 
ATOM   580  O OD2 . ASP A 1 81  ? -12.698 -6.361  6.265   1.00 49.29 ? 81  ASP A OD2 1 
ATOM   581  N N   . ASN A 1 82  ? -11.875 -4.773  1.316   1.00 25.39 ? 82  ASN A N   1 
ATOM   582  C CA  . ASN A 1 82  ? -11.973 -3.416  0.767   1.00 25.41 ? 82  ASN A CA  1 
ATOM   583  C C   . ASN A 1 82  ? -13.369 -2.874  0.943   1.00 26.01 ? 82  ASN A C   1 
ATOM   584  O O   . ASN A 1 82  ? -14.338 -3.614  0.915   1.00 27.78 ? 82  ASN A O   1 
ATOM   585  C CB  . ASN A 1 82  ? -11.603 -3.354  -0.717  1.00 22.32 ? 82  ASN A CB  1 
ATOM   586  C CG  . ASN A 1 82  ? -10.247 -3.964  -1.014  1.00 25.43 ? 82  ASN A CG  1 
ATOM   587  O OD1 . ASN A 1 82  ? -9.261  -3.733  -0.288  1.00 20.86 ? 82  ASN A OD1 1 
ATOM   588  N ND2 . ASN A 1 82  ? -10.185 -4.763  -2.081  1.00 19.47 ? 82  ASN A ND2 1 
ATOM   589  N N   . ASP A 1 83  ? -13.465 -1.577  1.147   1.00 22.86 ? 83  ASP A N   1 
ATOM   590  C CA  . ASP A 1 83  ? -14.762 -0.902  1.122   1.00 25.20 ? 83  ASP A CA  1 
ATOM   591  C C   . ASP A 1 83  ? -14.783 0.124   0.003   1.00 24.37 ? 83  ASP A C   1 
ATOM   592  O O   . ASP A 1 83  ? -14.314 1.242   0.162   1.00 22.88 ? 83  ASP A O   1 
ATOM   593  C CB  . ASP A 1 83  ? -15.011 -0.263  2.475   1.00 25.83 ? 83  ASP A CB  1 
ATOM   594  C CG  . ASP A 1 83  ? -16.417 0.328   2.594   1.00 31.71 ? 83  ASP A CG  1 
ATOM   595  O OD1 . ASP A 1 83  ? -17.046 0.710   1.565   1.00 26.74 ? 83  ASP A OD1 1 
ATOM   596  O OD2 . ASP A 1 83  ? -16.945 0.452   3.705   1.00 33.26 ? 83  ASP A OD2 1 
ATOM   597  N N   . LEU A 1 84  ? -15.330 -0.249  -1.143  1.00 26.05 ? 84  LEU A N   1 
ATOM   598  C CA  . LEU A 1 84  ? -15.189 0.563   -2.349  1.00 28.45 ? 84  LEU A CA  1 
ATOM   599  C C   . LEU A 1 84  ? -16.146 1.764   -2.385  1.00 30.36 ? 84  LEU A C   1 
ATOM   600  O O   . LEU A 1 84  ? -15.941 2.706   -3.160  1.00 32.01 ? 84  LEU A O   1 
ATOM   601  C CB  . LEU A 1 84  ? -15.327 -0.319  -3.592  1.00 29.55 ? 84  LEU A CB  1 
ATOM   602  C CG  . LEU A 1 84  ? -14.226 -1.389  -3.553  1.00 36.69 ? 84  LEU A CG  1 
ATOM   603  C CD1 . LEU A 1 84  ? -14.599 -2.604  -4.342  1.00 45.83 ? 84  LEU A CD1 1 
ATOM   604  C CD2 . LEU A 1 84  ? -12.896 -0.802  -4.023  1.00 38.46 ? 84  LEU A CD2 1 
ATOM   605  N N   . GLU A 1 85  ? -17.149 1.738   -1.514  1.00 30.80 ? 85  GLU A N   1 
ATOM   606  C CA  . GLU A 1 85  ? -18.071 2.863   -1.352  1.00 30.82 ? 85  GLU A CA  1 
ATOM   607  C C   . GLU A 1 85  ? -17.427 3.984   -0.543  1.00 29.73 ? 85  GLU A C   1 
ATOM   608  O O   . GLU A 1 85  ? -17.600 5.154   -0.867  1.00 27.39 ? 85  GLU A O   1 
ATOM   609  C CB  . GLU A 1 85  ? -19.381 2.400   -0.691  1.00 35.33 ? 85  GLU A CB  1 
ATOM   610  C CG  . GLU A 1 85  ? -20.289 1.555   -1.602  1.00 50.31 ? 85  GLU A CG  1 
ATOM   611  C CD  . GLU A 1 85  ? -20.667 2.238   -2.934  1.00 63.55 ? 85  GLU A CD  1 
ATOM   612  O OE1 . GLU A 1 85  ? -21.267 3.348   -2.918  1.00 67.28 ? 85  GLU A OE1 1 
ATOM   613  O OE2 . GLU A 1 85  ? -20.369 1.660   -4.013  1.00 68.60 ? 85  GLU A OE2 1 
ATOM   614  N N   . LYS A 1 86  ? -16.671 3.629   0.499   1.00 27.64 ? 86  LYS A N   1 
ATOM   615  C CA  . LYS A 1 86  ? -15.992 4.615   1.344   1.00 29.33 ? 86  LYS A CA  1 
ATOM   616  C C   . LYS A 1 86  ? -14.564 4.984   0.835   1.00 29.11 ? 86  LYS A C   1 
ATOM   617  O O   . LYS A 1 86  ? -13.989 5.976   1.272   1.00 31.42 ? 86  LYS A O   1 
ATOM   618  C CB  . LYS A 1 86  ? -15.887 4.108   2.776   1.00 30.41 ? 86  LYS A CB  1 
ATOM   619  C CG  . LYS A 1 86  ? -17.148 4.333   3.622   1.00 41.91 ? 86  LYS A CG  1 
ATOM   620  C CD  . LYS A 1 86  ? -17.081 3.558   4.962   1.00 47.31 ? 86  LYS A CD  1 
ATOM   621  C CE  . LYS A 1 86  ? -18.473 3.046   5.395   1.00 54.42 ? 86  LYS A CE  1 
ATOM   622  N NZ  . LYS A 1 86  ? -18.835 1.740   4.738   1.00 50.70 ? 86  LYS A NZ  1 
ATOM   623  N N   . GLY A 1 87  ? -14.015 4.189   -0.083  1.00 23.66 ? 87  GLY A N   1 
ATOM   624  C CA  . GLY A 1 87  ? -12.686 4.424   -0.594  1.00 22.50 ? 87  GLY A CA  1 
ATOM   625  C C   . GLY A 1 87  ? -11.621 3.893   0.362   1.00 22.37 ? 87  GLY A C   1 
ATOM   626  O O   . GLY A 1 87  ? -10.648 4.571   0.637   1.00 22.40 ? 87  GLY A O   1 
ATOM   627  N N   . ILE A 1 88  ? -11.772 2.658   0.832   1.00 22.84 ? 88  ILE A N   1 
ATOM   628  C CA  . ILE A 1 88  ? -10.756 2.030   1.704   1.00 23.25 ? 88  ILE A CA  1 
ATOM   629  C C   . ILE A 1 88  ? -10.267 0.730   1.100   1.00 23.28 ? 88  ILE A C   1 
ATOM   630  O O   . ILE A 1 88  ? -11.057 -0.148  0.774   1.00 23.90 ? 88  ILE A O   1 
ATOM   631  C CB  . ILE A 1 88  ? -11.336 1.773   3.123   1.00 27.72 ? 88  ILE A CB  1 
ATOM   632  C CG1 . ILE A 1 88  ? -11.749 3.110   3.762   1.00 32.68 ? 88  ILE A CG1 1 
ATOM   633  C CG2 . ILE A 1 88  ? -10.367 0.934   4.001   1.00 28.88 ? 88  ILE A CG2 1 
ATOM   634  C CD1 . ILE A 1 88  ? -12.373 2.990   5.117   1.00 40.17 ? 88  ILE A CD1 1 
ATOM   635  N N   . LEU A 1 89  ? -8.944  0.600   0.987   1.00 21.74 ? 89  LEU A N   1 
ATOM   636  C CA  . LEU A 1 89  ? -8.326  -0.650  0.630   1.00 23.24 ? 89  LEU A CA  1 
ATOM   637  C C   . LEU A 1 89  ? -7.605  -1.108  1.871   1.00 23.04 ? 89  LEU A C   1 
ATOM   638  O O   . LEU A 1 89  ? -6.786  -0.395  2.409   1.00 22.69 ? 89  LEU A O   1 
ATOM   639  C CB  . LEU A 1 89  ? -7.342  -0.482  -0.523  1.00 24.06 ? 89  LEU A CB  1 
ATOM   640  C CG  . LEU A 1 89  ? -7.847  0.071   -1.837  1.00 26.15 ? 89  LEU A CG  1 
ATOM   641  C CD1 . LEU A 1 89  ? -6.719  0.167   -2.841  1.00 31.86 ? 89  LEU A CD1 1 
ATOM   642  C CD2 . LEU A 1 89  ? -9.026  -0.744  -2.388  1.00 25.49 ? 89  LEU A CD2 1 
ATOM   643  N N   . ASN A 1 90  ? -7.936  -2.300  2.332   1.00 23.93 ? 90  ASN A N   1 
ATOM   644  C CA  . ASN A 1 90  ? -7.311  -2.842  3.521   1.00 22.33 ? 90  ASN A CA  1 
ATOM   645  C C   . ASN A 1 90  ? -6.826  -4.224  3.125   1.00 25.70 ? 90  ASN A C   1 
ATOM   646  O O   . ASN A 1 90  ? -7.586  -5.062  2.632   1.00 21.27 ? 90  ASN A O   1 
ATOM   647  C CB  . ASN A 1 90  ? -8.290  -2.868  4.694   1.00 23.92 ? 90  ASN A CB  1 
ATOM   648  C CG  . ASN A 1 90  ? -7.692  -3.487  5.964   1.00 29.55 ? 90  ASN A CG  1 
ATOM   649  O OD1 . ASN A 1 90  ? -7.499  -2.815  6.971   1.00 41.36 ? 90  ASN A OD1 1 
ATOM   650  N ND2 . ASN A 1 90  ? -7.440  -4.754  5.916   1.00 30.76 ? 90  ASN A ND2 1 
ATOM   651  N N   . PHE A 1 91  ? -5.534  -4.450  3.259   1.00 22.65 ? 91  PHE A N   1 
ATOM   652  C CA  . PHE A 1 91  ? -5.008  -5.730  2.814   1.00 24.34 ? 91  PHE A CA  1 
ATOM   653  C C   . PHE A 1 91  ? -3.839  -6.149  3.687   1.00 23.77 ? 91  PHE A C   1 
ATOM   654  O O   . PHE A 1 91  ? -3.194  -5.330  4.304   1.00 22.06 ? 91  PHE A O   1 
ATOM   655  C CB  . PHE A 1 91  ? -4.610  -5.665  1.347   1.00 22.84 ? 91  PHE A CB  1 
ATOM   656  C CG  . PHE A 1 91  ? -3.495  -4.719  1.044   1.00 26.74 ? 91  PHE A CG  1 
ATOM   657  C CD1 . PHE A 1 91  ? -2.177  -5.143  1.096   1.00 33.61 ? 91  PHE A CD1 1 
ATOM   658  C CD2 . PHE A 1 91  ? -3.762  -3.397  0.692   1.00 29.39 ? 91  PHE A CD2 1 
ATOM   659  C CE1 . PHE A 1 91  ? -1.158  -4.273  0.801   1.00 34.84 ? 91  PHE A CE1 1 
ATOM   660  C CE2 . PHE A 1 91  ? -2.741  -2.542  0.408   1.00 29.51 ? 91  PHE A CE2 1 
ATOM   661  C CZ  . PHE A 1 91  ? -1.453  -2.977  0.453   1.00 31.71 ? 91  PHE A CZ  1 
ATOM   662  N N   . SER A 1 92  ? -3.629  -7.452  3.735   1.00 25.30 ? 92  SER A N   1 
ATOM   663  C CA  . SER A 1 92  ? -2.602  -8.090  4.535   1.00 23.53 ? 92  SER A CA  1 
ATOM   664  C C   . SER A 1 92  ? -1.820  -8.974  3.563   1.00 21.56 ? 92  SER A C   1 
ATOM   665  O O   . SER A 1 92  ? -2.388  -9.686  2.730   1.00 21.03 ? 92  SER A O   1 
ATOM   666  C CB  . SER A 1 92  ? -3.292  -8.923  5.622   1.00 26.56 ? 92  SER A CB  1 
ATOM   667  O OG  . SER A 1 92  ? -2.356  -9.387  6.544   1.00 41.54 ? 92  SER A OG  1 
ATOM   668  N N   . LYS A 1 93  ? -0.510  -8.922  3.635   1.00 19.33 ? 93  LYS A N   1 
ATOM   669  C CA  . LYS A 1 93  ? 0.339   -9.775  2.819   1.00 20.16 ? 93  LYS A CA  1 
ATOM   670  C C   . LYS A 1 93  ? 1.581   -10.097 3.641   1.00 21.83 ? 93  LYS A C   1 
ATOM   671  O O   . LYS A 1 93  ? 2.315   -9.197  4.078   1.00 20.28 ? 93  LYS A O   1 
ATOM   672  C CB  . LYS A 1 93  ? 0.678   -8.991  1.544   1.00 22.71 ? 93  LYS A CB  1 
ATOM   673  C CG  . LYS A 1 93  ? 1.315   -9.716  0.479   1.00 31.68 ? 93  LYS A CG  1 
ATOM   674  C CD  . LYS A 1 93  ? 1.377   -8.742  -0.731  1.00 36.80 ? 93  LYS A CD  1 
ATOM   675  C CE  . LYS A 1 93  ? 1.855   -9.377  -1.982  1.00 42.60 ? 93  LYS A CE  1 
ATOM   676  N NZ  . LYS A 1 93  ? 1.933   -8.250  -2.971  1.00 44.56 ? 93  LYS A NZ  1 
ATOM   677  N N   . ALA A 1 94  ? 1.827   -11.386 3.860   1.00 19.64 ? 94  ALA A N   1 
ATOM   678  C CA  . ALA A 1 94  ? 2.889   -11.770 4.778   1.00 19.28 ? 94  ALA A CA  1 
ATOM   679  C C   . ALA A 1 94  ? 3.319   -13.185 4.493   1.00 18.31 ? 94  ALA A C   1 
ATOM   680  O O   . ALA A 1 94  ? 2.510   -14.037 4.120   1.00 21.54 ? 94  ALA A O   1 
ATOM   681  C CB  . ALA A 1 94  ? 2.404   -11.671 6.253   1.00 19.63 ? 94  ALA A CB  1 
ATOM   682  N N   . TYR A 1 95  ? 4.581   -13.462 4.720   1.00 18.46 ? 95  TYR A N   1 
ATOM   683  C CA  . TYR A 1 95  ? 5.065   -14.821 4.627   1.00 17.78 ? 95  TYR A CA  1 
ATOM   684  C C   . TYR A 1 95  ? 4.674   -15.553 5.888   1.00 20.08 ? 95  TYR A C   1 
ATOM   685  O O   . TYR A 1 95  ? 4.794   -15.016 6.964   1.00 21.75 ? 95  TYR A O   1 
ATOM   686  C CB  . TYR A 1 95  ? 6.564   -14.855 4.526   1.00 17.95 ? 95  TYR A CB  1 
ATOM   687  C CG  . TYR A 1 95  ? 7.128   -14.328 3.231   1.00 18.06 ? 95  TYR A CG  1 
ATOM   688  C CD1 . TYR A 1 95  ? 8.258   -13.523 3.243   1.00 16.86 ? 95  TYR A CD1 1 
ATOM   689  C CD2 . TYR A 1 95  ? 6.583   -14.685 1.999   1.00 18.55 ? 95  TYR A CD2 1 
ATOM   690  C CE1 . TYR A 1 95  ? 8.833   -13.086 2.070   1.00 19.38 ? 95  TYR A CE1 1 
ATOM   691  C CE2 . TYR A 1 95  ? 7.152   -14.241 0.808   1.00 22.89 ? 95  TYR A CE2 1 
ATOM   692  C CZ  . TYR A 1 95  ? 8.279   -13.441 0.851   1.00 19.55 ? 95  TYR A CZ  1 
ATOM   693  O OH  . TYR A 1 95  ? 8.858   -12.975 -0.309  1.00 20.01 ? 95  TYR A OH  1 
ATOM   694  N N   . VAL A 1 96  ? 4.232   -16.778 5.741   1.00 24.18 ? 96  VAL A N   1 
ATOM   695  C CA  . VAL A 1 96  ? 3.849   -17.589 6.898   1.00 24.86 ? 96  VAL A CA  1 
ATOM   696  C C   . VAL A 1 96  ? 4.939   -18.597 7.306   1.00 24.94 ? 96  VAL A C   1 
ATOM   697  O O   . VAL A 1 96  ? 5.005   -18.960 8.487   1.00 26.79 ? 96  VAL A O   1 
ATOM   698  C CB  . VAL A 1 96  ? 2.489   -18.269 6.632   1.00 27.16 ? 96  VAL A CB  1 
ATOM   699  C CG1 . VAL A 1 96  ? 2.166   -19.281 7.699   1.00 29.60 ? 96  VAL A CG1 1 
ATOM   700  C CG2 . VAL A 1 96  ? 1.386   -17.202 6.515   1.00 29.73 ? 96  VAL A CG2 1 
ATOM   701  N N   . SER A 1 97  ? 5.773   -19.074 6.383   1.00 22.32 ? 97  SER A N   1 
ATOM   702  C CA  . SER A 1 97  ? 6.884   -19.980 6.759   1.00 25.67 ? 97  SER A CA  1 
ATOM   703  C C   . SER A 1 97  ? 8.091   -19.192 7.238   1.00 24.80 ? 97  SER A C   1 
ATOM   704  O O   . SER A 1 97  ? 9.075   -19.060 6.516   1.00 21.92 ? 97  SER A O   1 
ATOM   705  C CB  . SER A 1 97  ? 7.320   -20.876 5.597   1.00 27.64 ? 97  SER A CB  1 
ATOM   706  O OG  . SER A 1 97  ? 6.254   -21.687 5.170   1.00 33.12 ? 97  SER A OG  1 
ATOM   707  N N   . LEU A 1 98  ? 8.015   -18.669 8.457   1.00 26.10 ? 98  LEU A N   1 
ATOM   708  C CA  . LEU A 1 98  ? 9.023   -17.723 8.950   1.00 25.35 ? 98  LEU A CA  1 
ATOM   709  C C   . LEU A 1 98  ? 10.337  -18.391 9.297   1.00 28.02 ? 98  LEU A C   1 
ATOM   710  O O   . LEU A 1 98  ? 11.413  -17.812 9.078   1.00 27.89 ? 98  LEU A O   1 
ATOM   711  C CB  . LEU A 1 98  ? 8.474   -16.945 10.140  1.00 27.72 ? 98  LEU A CB  1 
ATOM   712  C CG  . LEU A 1 98  ? 7.302   -16.038 9.709   1.00 31.08 ? 98  LEU A CG  1 
ATOM   713  C CD1 . LEU A 1 98  ? 6.607   -15.524 10.926  1.00 32.67 ? 98  LEU A CD1 1 
ATOM   714  C CD2 . LEU A 1 98  ? 7.810   -14.896 8.846   1.00 32.38 ? 98  LEU A CD2 1 
ATOM   715  N N   . ASP A 1 99  ? 10.260  -19.621 9.806   1.00 26.24 ? 99  ASP A N   1 
ATOM   716  C CA  . ASP A 1 99  ? 11.460  -20.425 10.015  1.00 28.46 ? 99  ASP A CA  1 
ATOM   717  C C   . ASP A 1 99  ? 12.277  -20.521 8.738   1.00 25.69 ? 99  ASP A C   1 
ATOM   718  O O   . ASP A 1 99  ? 13.479  -20.222 8.747   1.00 23.84 ? 99  ASP A O   1 
ATOM   719  C CB  . ASP A 1 99  ? 11.116  -21.839 10.532  1.00 27.90 ? 99  ASP A CB  1 
ATOM   720  C CG  . ASP A 1 99  ? 10.718  -21.860 12.021  1.00 45.29 ? 99  ASP A CG  1 
ATOM   721  O OD1 . ASP A 1 99  ? 9.844   -21.043 12.434  1.00 59.71 ? 99  ASP A OD1 1 
ATOM   722  O OD2 . ASP A 1 99  ? 11.206  -22.684 12.853  1.00 56.52 ? 99  ASP A OD2 1 
ATOM   723  N N   . ASP A 1 100 ? 11.647  -20.918 7.629   1.00 26.90 ? 100 ASP A N   1 
ATOM   724  C CA  . ASP A 1 100 ? 12.388  -21.082 6.353   1.00 23.84 ? 100 ASP A CA  1 
ATOM   725  C C   . ASP A 1 100 ? 12.919  -19.717 5.874   1.00 25.82 ? 100 ASP A C   1 
ATOM   726  O O   . ASP A 1 100 ? 13.998  -19.609 5.286   1.00 22.92 ? 100 ASP A O   1 
ATOM   727  C CB  . ASP A 1 100 ? 11.492  -21.699 5.244   1.00 26.53 ? 100 ASP A CB  1 
ATOM   728  C CG  . ASP A 1 100 ? 11.258  -23.206 5.412   1.00 34.58 ? 100 ASP A CG  1 
ATOM   729  O OD1 . ASP A 1 100 ? 12.201  -23.990 5.258   1.00 42.50 ? 100 ASP A OD1 1 
ATOM   730  O OD2 . ASP A 1 100 ? 10.148  -23.704 5.667   1.00 43.27 ? 100 ASP A OD2 1 
ATOM   731  N N   . TYR A 1 101 ? 12.123  -18.667 6.080   1.00 23.81 ? 101 TYR A N   1 
ATOM   732  C CA  . TYR A 1 101 ? 12.527  -17.324 5.642   1.00 25.15 ? 101 TYR A CA  1 
ATOM   733  C C   . TYR A 1 101 ? 13.755  -16.851 6.436   1.00 22.86 ? 101 TYR A C   1 
ATOM   734  O O   . TYR A 1 101 ? 14.707  -16.339 5.862   1.00 21.85 ? 101 TYR A O   1 
ATOM   735  C CB  . TYR A 1 101 ? 11.311  -16.358 5.788   1.00 21.83 ? 101 TYR A CB  1 
ATOM   736  C CG  . TYR A 1 101 ? 11.512  -14.937 5.371   1.00 23.57 ? 101 TYR A CG  1 
ATOM   737  C CD1 . TYR A 1 101 ? 12.086  -14.614 4.138   1.00 23.26 ? 101 TYR A CD1 1 
ATOM   738  C CD2 . TYR A 1 101 ? 11.080  -13.900 6.183   1.00 23.97 ? 101 TYR A CD2 1 
ATOM   739  C CE1 . TYR A 1 101 ? 12.271  -13.295 3.764   1.00 24.63 ? 101 TYR A CE1 1 
ATOM   740  C CE2 . TYR A 1 101 ? 11.233  -12.570 5.794   1.00 20.19 ? 101 TYR A CE2 1 
ATOM   741  C CZ  . TYR A 1 101 ? 11.806  -12.274 4.587   1.00 22.83 ? 101 TYR A CZ  1 
ATOM   742  O OH  . TYR A 1 101 ? 11.947  -10.949 4.202   1.00 21.45 ? 101 TYR A OH  1 
ATOM   743  N N   . ARG A 1 102 ? 13.717  -17.029 7.759   1.00 25.21 ? 102 ARG A N   1 
ATOM   744  C CA  . ARG A 1 102 ? 14.861  -16.714 8.624   1.00 28.89 ? 102 ARG A CA  1 
ATOM   745  C C   . ARG A 1 102 ? 16.118  -17.503 8.210   1.00 29.88 ? 102 ARG A C   1 
ATOM   746  O O   . ARG A 1 102 ? 17.234  -16.958 8.155   1.00 28.49 ? 102 ARG A O   1 
ATOM   747  C CB  . ARG A 1 102 ? 14.555  -17.052 10.089  1.00 31.06 ? 102 ARG A CB  1 
ATOM   748  C CG  . ARG A 1 102 ? 13.712  -16.017 10.814  1.00 34.93 ? 102 ARG A CG  1 
ATOM   749  C CD  . ARG A 1 102 ? 13.793  -16.097 12.346  1.00 38.56 ? 102 ARG A CD  1 
ATOM   750  N NE  . ARG A 1 102 ? 13.437  -17.419 12.858  1.00 34.89 ? 102 ARG A NE  1 
ATOM   751  C CZ  . ARG A 1 102 ? 12.191  -17.880 12.998  1.00 37.59 ? 102 ARG A CZ  1 
ATOM   752  N NH1 . ARG A 1 102 ? 11.145  -17.150 12.664  1.00 31.49 ? 102 ARG A NH1 1 
ATOM   753  N NH2 . ARG A 1 102 ? 11.984  -19.097 13.474  1.00 34.85 ? 102 ARG A NH2 1 
ATOM   754  N N   . THR A 1 103 ? 15.915  -18.786 7.924   1.00 29.17 ? 103 THR A N   1 
ATOM   755  C CA  . THR A 1 103 ? 17.009  -19.683 7.551   1.00 31.15 ? 103 THR A CA  1 
ATOM   756  C C   . THR A 1 103 ? 17.654  -19.256 6.239   1.00 29.92 ? 103 THR A C   1 
ATOM   757  O O   . THR A 1 103 ? 18.852  -19.381 6.079   1.00 26.83 ? 103 THR A O   1 
ATOM   758  C CB  . THR A 1 103 ? 16.492  -21.129 7.449   1.00 31.05 ? 103 THR A CB  1 
ATOM   759  O OG1 . THR A 1 103 ? 16.008  -21.560 8.728   1.00 33.80 ? 103 THR A OG1 1 
ATOM   760  C CG2 . THR A 1 103 ? 17.623  -22.101 7.128   1.00 36.63 ? 103 THR A CG2 1 
ATOM   761  N N   . ALA A 1 104 ? 16.883  -18.710 5.301   1.00 29.96 ? 104 ALA A N   1 
ATOM   762  C CA  . ALA A 1 104 ? 17.486  -18.286 4.020   1.00 30.71 ? 104 ALA A CA  1 
ATOM   763  C C   . ALA A 1 104 ? 18.343  -17.032 4.195   1.00 31.00 ? 104 ALA A C   1 
ATOM   764  O O   . ALA A 1 104 ? 19.170  -16.708 3.338   1.00 30.57 ? 104 ALA A O   1 
ATOM   765  C CB  . ALA A 1 104 ? 16.416  -18.069 2.957   1.00 32.25 ? 104 ALA A CB  1 
ATOM   766  N N   . ALA A 1 105 ? 18.127  -16.321 5.302   1.00 31.80 ? 105 ALA A N   1 
ATOM   767  C CA  . ALA A 1 105 ? 19.045  -15.272 5.751   1.00 33.48 ? 105 ALA A CA  1 
ATOM   768  C C   . ALA A 1 105 ? 19.206  -14.091 4.769   1.00 33.71 ? 105 ALA A C   1 
ATOM   769  O O   . ALA A 1 105 ? 20.286  -13.487 4.706   1.00 33.93 ? 105 ALA A O   1 
ATOM   770  C CB  . ALA A 1 105 ? 20.442  -15.910 6.080   1.00 33.80 ? 105 ALA A CB  1 
ATOM   771  N N   . ALA A 1 106 ? 18.135  -13.761 4.029   1.00 31.13 ? 106 ALA A N   1 
ATOM   772  C CA  . ALA A 1 106 ? 18.162  -12.739 2.982   1.00 31.49 ? 106 ALA A CA  1 
ATOM   773  C C   . ALA A 1 106 ? 16.865  -11.889 3.002   1.00 30.80 ? 106 ALA A C   1 
ATOM   774  O O   . ALA A 1 106 ? 16.028  -11.964 2.095   1.00 29.26 ? 106 ALA A O   1 
ATOM   775  C CB  . ALA A 1 106 ? 18.350  -13.404 1.628   1.00 32.92 ? 106 ALA A CB  1 
ATOM   776  N N   . PRO A 1 107 ? 16.728  -11.065 4.036   1.00 30.79 ? 107 PRO A N   1 
ATOM   777  C CA  . PRO A 1 107 ? 15.453  -10.410 4.327   1.00 30.74 ? 107 PRO A CA  1 
ATOM   778  C C   . PRO A 1 107 ? 15.166  -9.296  3.311   1.00 27.93 ? 107 PRO A C   1 
ATOM   779  O O   . PRO A 1 107 ? 16.072  -8.596  2.873   1.00 25.62 ? 107 PRO A O   1 
ATOM   780  C CB  . PRO A 1 107 ? 15.665  -9.867  5.740   1.00 29.82 ? 107 PRO A CB  1 
ATOM   781  C CG  . PRO A 1 107 ? 17.140  -9.599  5.826   1.00 33.20 ? 107 PRO A CG  1 
ATOM   782  C CD  . PRO A 1 107 ? 17.778  -10.660 4.992   1.00 31.05 ? 107 PRO A CD  1 
ATOM   783  N N   . GLU A 1 108 ? 13.895  -9.148  2.957   1.00 28.22 ? 108 GLU A N   1 
ATOM   784  C CA  . GLU A 1 108 ? 13.469  -8.229  1.898   1.00 26.54 ? 108 GLU A CA  1 
ATOM   785  C C   . GLU A 1 108 ? 13.113  -6.893  2.530   1.00 27.15 ? 108 GLU A C   1 
ATOM   786  O O   . GLU A 1 108 ? 11.944  -6.626  2.831   1.00 26.95 ? 108 GLU A O   1 
ATOM   787  C CB  . GLU A 1 108 ? 12.278  -8.830  1.154   1.00 25.66 ? 108 GLU A CB  1 
ATOM   788  C CG  . GLU A 1 108 ? 12.610  -10.154 0.463   1.00 29.92 ? 108 GLU A CG  1 
ATOM   789  C CD  . GLU A 1 108 ? 11.499  -10.622 -0.446  1.00 35.16 ? 108 GLU A CD  1 
ATOM   790  O OE1 . GLU A 1 108 ? 11.737  -10.921 -1.617  1.00 50.48 ? 108 GLU A OE1 1 
ATOM   791  O OE2 . GLU A 1 108 ? 10.362  -10.654 -0.012  1.00 35.15 ? 108 GLU A OE2 1 
ATOM   792  N N   . GLN A 1 109 ? 14.130  -6.058  2.721   1.00 22.82 ? 109 GLN A N   1 
ATOM   793  C CA  . GLN A 1 109 ? 14.017  -4.848  3.550   1.00 23.23 ? 109 GLN A CA  1 
ATOM   794  C C   . GLN A 1 109 ? 13.667  -3.615  2.767   1.00 22.76 ? 109 GLN A C   1 
ATOM   795  O O   . GLN A 1 109 ? 13.272  -2.611  3.341   1.00 21.83 ? 109 GLN A O   1 
ATOM   796  C CB  . GLN A 1 109 ? 15.342  -4.585  4.273   1.00 22.24 ? 109 GLN A CB  1 
ATOM   797  C CG  . GLN A 1 109 ? 15.783  -5.808  5.047   1.00 29.77 ? 109 GLN A CG  1 
ATOM   798  C CD  . GLN A 1 109 ? 16.921  -5.536  6.023   1.00 37.14 ? 109 GLN A CD  1 
ATOM   799  O OE1 . GLN A 1 109 ? 17.710  -4.611  5.844   1.00 40.89 ? 109 GLN A OE1 1 
ATOM   800  N NE2 . GLN A 1 109 ? 16.986  -6.333  7.051   1.00 22.52 ? 109 GLN A NE2 1 
ATOM   801  N N   . THR A 1 110 ? 13.848  -3.696  1.461   1.00 21.92 ? 110 THR A N   1 
ATOM   802  C CA  . THR A 1 110 ? 13.686  -2.573  0.585   1.00 24.54 ? 110 THR A CA  1 
ATOM   803  C C   . THR A 1 110 ? 13.028  -3.031  -0.676  1.00 22.58 ? 110 THR A C   1 
ATOM   804  O O   . THR A 1 110 ? 13.437  -3.994  -1.245  1.00 24.55 ? 110 THR A O   1 
ATOM   805  C CB  . THR A 1 110 ? 15.044  -1.965  0.263   1.00 22.92 ? 110 THR A CB  1 
ATOM   806  O OG1 . THR A 1 110 ? 15.561  -1.406  1.456   1.00 20.89 ? 110 THR A OG1 1 
ATOM   807  C CG2 . THR A 1 110 ? 14.911  -0.763  -0.659  1.00 23.54 ? 110 THR A CG2 1 
ATOM   808  N N   . GLY A 1 111 ? 11.963  -2.352  -1.070  1.00 20.46 ? 111 GLY A N   1 
ATOM   809  C CA  . GLY A 1 111 ? 11.313  -2.618  -2.340  1.00 19.11 ? 111 GLY A CA  1 
ATOM   810  C C   . GLY A 1 111 ? 9.858   -2.214  -2.363  1.00 19.36 ? 111 GLY A C   1 
ATOM   811  O O   . GLY A 1 111 ? 9.357   -1.525  -1.455  1.00 18.42 ? 111 GLY A O   1 
ATOM   812  N N   . THR A 1 112 ? 9.166   -2.637  -3.427  1.00 17.81 ? 112 THR A N   1 
ATOM   813  C CA  . THR A 1 112 ? 7.758   -2.353  -3.613  1.00 18.40 ? 112 THR A CA  1 
ATOM   814  C C   . THR A 1 112 ? 6.898   -3.512  -3.110  1.00 19.22 ? 112 THR A C   1 
ATOM   815  O O   . THR A 1 112 ? 6.961   -4.613  -3.645  1.00 18.74 ? 112 THR A O   1 
ATOM   816  C CB  . THR A 1 112 ? 7.494   -2.123  -5.082  1.00 20.14 ? 112 THR A CB  1 
ATOM   817  O OG1 . THR A 1 112 ? 8.251   -0.981  -5.481  1.00 18.98 ? 112 THR A OG1 1 
ATOM   818  C CG2 . THR A 1 112 ? 6.031   -1.755  -5.313  1.00 19.57 ? 112 THR A CG2 1 
ATOM   819  N N   . VAL A 1 113 ? 6.118   -3.267  -2.066  1.00 16.80 ? 113 VAL A N   1 
ATOM   820  C CA  . VAL A 1 113 ? 5.250   -4.297  -1.524  1.00 19.15 ? 113 VAL A CA  1 
ATOM   821  C C   . VAL A 1 113 ? 3.986   -4.544  -2.316  1.00 18.26 ? 113 VAL A C   1 
ATOM   822  O O   . VAL A 1 113 ? 3.476   -5.654  -2.324  1.00 22.06 ? 113 VAL A O   1 
ATOM   823  C CB  . VAL A 1 113 ? 4.908   -4.089  -0.015  1.00 24.03 ? 113 VAL A CB  1 
ATOM   824  C CG1 . VAL A 1 113 ? 6.174   -3.945  0.809   1.00 28.85 ? 113 VAL A CG1 1 
ATOM   825  C CG2 . VAL A 1 113 ? 4.010   -2.991  0.203   1.00 31.07 ? 113 VAL A CG2 1 
ATOM   826  N N   . ALA A 1 114 ? 3.454   -3.516  -2.938  1.00 21.45 ? 114 ALA A N   1 
ATOM   827  C CA  . ALA A 1 114 ? 2.214   -3.653  -3.716  1.00 20.26 ? 114 ALA A CA  1 
ATOM   828  C C   . ALA A 1 114 ? 2.076   -2.485  -4.632  1.00 18.57 ? 114 ALA A C   1 
ATOM   829  O O   . ALA A 1 114 ? 2.626   -1.430  -4.382  1.00 18.74 ? 114 ALA A O   1 
ATOM   830  C CB  . ALA A 1 114 ? 1.006   -3.697  -2.801  1.00 24.12 ? 114 ALA A CB  1 
ATOM   831  N N   . VAL A 1 115 ? 1.252   -2.652  -5.673  1.00 18.40 ? 115 VAL A N   1 
ATOM   832  C CA  . VAL A 1 115 ? 0.995   -1.605  -6.655  1.00 20.58 ? 115 VAL A CA  1 
ATOM   833  C C   . VAL A 1 115 ? -0.521  -1.534  -6.808  1.00 21.78 ? 115 VAL A C   1 
ATOM   834  O O   . VAL A 1 115 ? -1.183  -2.572  -6.962  1.00 22.70 ? 115 VAL A O   1 
ATOM   835  C CB  . VAL A 1 115 ? 1.653   -1.959  -8.001  1.00 26.06 ? 115 VAL A CB  1 
ATOM   836  C CG1 . VAL A 1 115 ? 1.296   -0.982  -9.044  1.00 35.30 ? 115 VAL A CG1 1 
ATOM   837  C CG2 . VAL A 1 115 ? 3.165   -2.016  -7.833  1.00 29.39 ? 115 VAL A CG2 1 
ATOM   838  N N   . VAL A 1 116 ? -1.070  -0.326  -6.740  1.00 21.01 ? 116 VAL A N   1 
ATOM   839  C CA  . VAL A 1 116 ? -2.492  -0.093  -6.976  1.00 22.06 ? 116 VAL A CA  1 
ATOM   840  C C   . VAL A 1 116 ? -2.618  0.857   -8.168  1.00 21.61 ? 116 VAL A C   1 
ATOM   841  O O   . VAL A 1 116 ? -2.036  1.940   -8.174  1.00 25.04 ? 116 VAL A O   1 
ATOM   842  C CB  . VAL A 1 116 ? -3.190  0.497   -5.753  1.00 20.10 ? 116 VAL A CB  1 
ATOM   843  C CG1 . VAL A 1 116 ? -4.704  0.690   -6.023  1.00 25.71 ? 116 VAL A CG1 1 
ATOM   844  C CG2 . VAL A 1 116 ? -2.985  -0.371  -4.531  1.00 24.94 ? 116 VAL A CG2 1 
ATOM   845  N N   . LYS A 1 117 ? -3.385  0.461   -9.162  1.00 21.94 ? 117 LYS A N   1 
ATOM   846  C CA  . LYS A 1 117 ? -3.676  1.332   -10.306 1.00 21.36 ? 117 LYS A CA  1 
ATOM   847  C C   . LYS A 1 117 ? -5.029  1.981   -10.086 1.00 21.06 ? 117 LYS A C   1 
ATOM   848  O O   . LYS A 1 117 ? -5.977  1.317   -9.641  1.00 19.34 ? 117 LYS A O   1 
ATOM   849  C CB  . LYS A 1 117 ? -3.660  0.556   -11.602 1.00 22.64 ? 117 LYS A CB  1 
ATOM   850  C CG  . LYS A 1 117 ? -2.283  -0.044  -11.949 1.00 28.96 ? 117 LYS A CG  1 
ATOM   851  C CD  . LYS A 1 117 ? -2.279  -0.706  -13.303 1.00 37.85 ? 117 LYS A CD  1 
ATOM   852  C CE  . LYS A 1 117 ? -0.924  -1.310  -13.671 1.00 46.79 ? 117 LYS A CE  1 
ATOM   853  N NZ  . LYS A 1 117 ? 0.133   -0.268  -13.782 1.00 49.19 ? 117 LYS A NZ  1 
ATOM   854  N N   . PHE A 1 118 ? -5.090  3.287   -10.328 1.00 20.06 ? 118 PHE A N   1 
ATOM   855  C CA  . PHE A 1 118 ? -6.288  4.060   -10.114 1.00 20.62 ? 118 PHE A CA  1 
ATOM   856  C C   . PHE A 1 118 ? -6.655  4.731   -11.448 1.00 21.43 ? 118 PHE A C   1 
ATOM   857  O O   . PHE A 1 118 ? -5.797  5.386   -12.053 1.00 20.01 ? 118 PHE A O   1 
ATOM   858  C CB  . PHE A 1 118 ? -6.050  5.165   -9.102  1.00 22.07 ? 118 PHE A CB  1 
ATOM   859  C CG  . PHE A 1 118 ? -5.955  4.708   -7.667  1.00 21.98 ? 118 PHE A CG  1 
ATOM   860  C CD1 . PHE A 1 118 ? -4.724  4.587   -7.056  1.00 21.73 ? 118 PHE A CD1 1 
ATOM   861  C CD2 . PHE A 1 118 ? -7.101  4.439   -6.925  1.00 21.99 ? 118 PHE A CD2 1 
ATOM   862  C CE1 . PHE A 1 118 ? -4.640  4.218   -5.722  1.00 21.14 ? 118 PHE A CE1 1 
ATOM   863  C CE2 . PHE A 1 118 ? -7.028  4.054   -5.624  1.00 21.89 ? 118 PHE A CE2 1 
ATOM   864  C CZ  . PHE A 1 118 ? -5.813  3.964   -5.000  1.00 21.89 ? 118 PHE A CZ  1 
ATOM   865  N N   . LYS A 1 119 ? -7.906  4.556   -11.874 1.00 19.56 ? 119 LYS A N   1 
ATOM   866  C CA  . LYS A 1 119 ? -8.509  5.339   -12.960 1.00 20.20 ? 119 LYS A CA  1 
ATOM   867  C C   . LYS A 1 119 ? -8.930  6.688   -12.437 1.00 18.91 ? 119 LYS A C   1 
ATOM   868  O O   . LYS A 1 119 ? -9.560  6.785   -11.386 1.00 19.16 ? 119 LYS A O   1 
ATOM   869  C CB  . LYS A 1 119 ? -9.717  4.593   -13.521 1.00 23.92 ? 119 LYS A CB  1 
ATOM   870  C CG  . LYS A 1 119 ? -10.276 5.149   -14.819 1.00 29.61 ? 119 LYS A CG  1 
ATOM   871  C CD  . LYS A 1 119 ? -11.669 4.569   -15.158 1.00 41.24 ? 119 LYS A CD  1 
ATOM   872  C CE  . LYS A 1 119 ? -11.619 3.165   -15.733 1.00 46.87 ? 119 LYS A CE  1 
ATOM   873  N NZ  . LYS A 1 119 ? -12.975 2.449   -15.627 1.00 53.67 ? 119 LYS A NZ  1 
ATOM   874  N N   . VAL A 1 120 ? -8.609  7.746   -13.197 1.00 19.03 ? 120 VAL A N   1 
ATOM   875  C CA  . VAL A 1 120 ? -8.931  9.103   -12.793 1.00 18.01 ? 120 VAL A CA  1 
ATOM   876  C C   . VAL A 1 120 ? -10.316 9.445   -13.356 1.00 18.48 ? 120 VAL A C   1 
ATOM   877  O O   . VAL A 1 120 ? -10.541 9.428   -14.587 1.00 19.34 ? 120 VAL A O   1 
ATOM   878  C CB  . VAL A 1 120 ? -7.903  10.085  -13.313 1.00 19.41 ? 120 VAL A CB  1 
ATOM   879  C CG1 . VAL A 1 120 ? -8.288  11.514  -12.921 1.00 22.05 ? 120 VAL A CG1 1 
ATOM   880  C CG2 . VAL A 1 120 ? -6.522  9.722   -12.825 1.00 20.67 ? 120 VAL A CG2 1 
ATOM   881  N N   . LEU A 1 121 ? -11.269 9.684   -12.464 1.00 16.75 ? 121 LEU A N   1 
ATOM   882  C CA  . LEU A 1 121 ? -12.646 9.912   -12.878 1.00 15.62 ? 121 LEU A CA  1 
ATOM   883  C C   . LEU A 1 121 ? -12.926 11.403  -13.097 1.00 18.55 ? 121 LEU A C   1 
ATOM   884  O O   . LEU A 1 121 ? -13.792 11.757  -13.896 1.00 19.02 ? 121 LEU A O   1 
ATOM   885  C CB  . LEU A 1 121 ? -13.618 9.378   -11.820 1.00 15.43 ? 121 LEU A CB  1 
ATOM   886  C CG  . LEU A 1 121 ? -13.406 7.912   -11.388 1.00 21.51 ? 121 LEU A CG  1 
ATOM   887  C CD1 . LEU A 1 121 ? -14.369 7.554   -10.231 1.00 21.29 ? 121 LEU A CD1 1 
ATOM   888  C CD2 . LEU A 1 121 ? -13.625 6.962   -12.544 1.00 25.41 ? 121 LEU A CD2 1 
ATOM   889  N N   . LYS A 1 122 ? -12.235 12.251  -12.319 1.00 21.08 ? 122 LYS A N   1 
ATOM   890  C CA  . LYS A 1 122 ? -12.423 13.696  -12.355 1.00 22.08 ? 122 LYS A CA  1 
ATOM   891  C C   . LYS A 1 122 ? -11.047 14.313  -12.285 1.00 21.30 ? 122 LYS A C   1 
ATOM   892  O O   . LYS A 1 122 ? -10.191 13.817  -11.563 1.00 19.39 ? 122 LYS A O   1 
ATOM   893  C CB  . LYS A 1 122 ? -13.176 14.172  -11.106 1.00 23.75 ? 122 LYS A CB  1 
ATOM   894  C CG  . LYS A 1 122 ? -14.634 13.764  -10.978 1.00 29.27 ? 122 LYS A CG  1 
ATOM   895  C CD  . LYS A 1 122 ? -15.299 14.585  -9.846  1.00 40.22 ? 122 LYS A CD  1 
ATOM   896  C CE  . LYS A 1 122 ? -16.755 14.192  -9.582  1.00 47.03 ? 122 LYS A CE  1 
ATOM   897  N NZ  . LYS A 1 122 ? -17.089 14.312  -8.126  1.00 52.19 ? 122 LYS A NZ  1 
ATOM   898  N N   . GLU A 1 123 ? -10.837 15.404  -13.002 1.00 20.38 ? 123 GLU A N   1 
ATOM   899  C CA  . GLU A 1 123 ? -9.578  16.118  -12.948 1.00 26.74 ? 123 GLU A CA  1 
ATOM   900  C C   . GLU A 1 123 ? -9.694  17.151  -11.826 1.00 26.91 ? 123 GLU A C   1 
ATOM   901  O O   . GLU A 1 123 ? -10.246 18.263  -11.981 1.00 26.58 ? 123 GLU A O   1 
ATOM   902  C CB  . GLU A 1 123 ? -9.286  16.767  -14.306 1.00 27.35 ? 123 GLU A CB  1 
ATOM   903  C CG  . GLU A 1 123 ? -7.807  17.024  -14.563 1.00 37.48 ? 123 GLU A CG  1 
ATOM   904  C CD  . GLU A 1 123 ? -7.566  17.782  -15.861 1.00 46.17 ? 123 GLU A CD  1 
ATOM   905  O OE1 . GLU A 1 123 ? -8.534  17.950  -16.638 1.00 44.95 ? 123 GLU A OE1 1 
ATOM   906  O OE2 . GLU A 1 123 ? -6.411  18.196  -16.105 1.00 46.48 ? 123 GLU A OE2 1 
ATOM   907  N N   . GLU A 1 124 ? -9.140  16.776  -10.699 1.00 21.81 ? 124 GLU A N   1 
ATOM   908  C CA  . GLU A 1 124 ? -9.315  17.492  -9.435  1.00 22.64 ? 124 GLU A CA  1 
ATOM   909  C C   . GLU A 1 124 ? -8.156  17.122  -8.501  1.00 22.85 ? 124 GLU A C   1 
ATOM   910  O O   . GLU A 1 124 ? -7.654  16.007  -8.550  1.00 22.19 ? 124 GLU A O   1 
ATOM   911  C CB  . GLU A 1 124 ? -10.588 16.948  -8.814  1.00 23.93 ? 124 GLU A CB  1 
ATOM   912  C CG  . GLU A 1 124 ? -11.358 17.918  -7.965  1.00 36.52 ? 124 GLU A CG  1 
ATOM   913  C CD  . GLU A 1 124 ? -12.755 17.397  -7.722  1.00 37.76 ? 124 GLU A CD  1 
ATOM   914  O OE1 . GLU A 1 124 ? -12.948 16.652  -6.741  1.00 35.39 ? 124 GLU A OE1 1 
ATOM   915  O OE2 . GLU A 1 124 ? -13.648 17.715  -8.535  1.00 49.43 ? 124 GLU A OE2 1 
ATOM   916  N N   . THR A 1 125 ? -7.753  18.012  -7.619  1.00 19.14 ? 125 THR A N   1 
ATOM   917  C CA  . THR A 1 125 ? -6.751  17.646  -6.625  1.00 19.29 ? 125 THR A CA  1 
ATOM   918  C C   . THR A 1 125 ? -7.279  16.518  -5.693  1.00 19.91 ? 125 THR A C   1 
ATOM   919  O O   . THR A 1 125 ? -8.369  16.602  -5.188  1.00 18.96 ? 125 THR A O   1 
ATOM   920  C CB  . THR A 1 125 ? -6.385  18.874  -5.821  1.00 20.87 ? 125 THR A CB  1 
ATOM   921  O OG1 . THR A 1 125 ? -5.841  19.887  -6.703  1.00 16.95 ? 125 THR A OG1 1 
ATOM   922  C CG2 . THR A 1 125 ? -5.292  18.559  -4.829  1.00 20.23 ? 125 THR A CG2 1 
ATOM   923  N N   . SER A 1 126 ? -6.473  15.491  -5.447  1.00 20.83 ? 126 SER A N   1 
ATOM   924  C CA  . SER A 1 126 ? -6.924  14.377  -4.606  1.00 21.48 ? 126 SER A CA  1 
ATOM   925  C C   . SER A 1 126 ? -5.713  13.719  -3.942  1.00 21.17 ? 126 SER A C   1 
ATOM   926  O O   . SER A 1 126 ? -4.569  13.867  -4.401  1.00 21.59 ? 126 SER A O   1 
ATOM   927  C CB  . SER A 1 126 ? -7.773  13.378  -5.415  1.00 22.67 ? 126 SER A CB  1 
ATOM   928  O OG  . SER A 1 126 ? -8.632  12.635  -4.540  1.00 22.87 ? 126 SER A OG  1 
ATOM   929  N N   . SER A 1 127 ? -5.942  13.081  -2.807  1.00 21.74 ? 127 SER A N   1 
ATOM   930  C CA  . SER A 1 127 ? -4.864  12.468  -2.054  1.00 21.75 ? 127 SER A CA  1 
ATOM   931  C C   . SER A 1 127 ? -5.116  10.976  -1.740  1.00 20.29 ? 127 SER A C   1 
ATOM   932  O O   . SER A 1 127 ? -6.236  10.517  -1.690  1.00 20.04 ? 127 SER A O   1 
ATOM   933  C CB  . SER A 1 127 ? -4.645  13.203  -0.726  1.00 22.65 ? 127 SER A CB  1 
ATOM   934  O OG  . SER A 1 127 ? -5.806  13.141  0.095   1.00 25.38 ? 127 SER A OG  1 
ATOM   935  N N   . ILE A 1 128 ? -4.027  10.276  -1.479  1.00 21.08 ? 128 ILE A N   1 
ATOM   936  C CA  . ILE A 1 128 ? -4.038  8.886   -1.069  1.00 21.74 ? 128 ILE A CA  1 
ATOM   937  C C   . ILE A 1 128 ? -3.129  8.787   0.140   1.00 20.47 ? 128 ILE A C   1 
ATOM   938  O O   . ILE A 1 128 ? -2.002  9.265   0.117   1.00 21.47 ? 128 ILE A O   1 
ATOM   939  C CB  . ILE A 1 128 ? -3.542  7.968   -2.212  1.00 20.00 ? 128 ILE A CB  1 
ATOM   940  C CG1 . ILE A 1 128 ? -4.384  8.190   -3.486  1.00 30.62 ? 128 ILE A CG1 1 
ATOM   941  C CG2 . ILE A 1 128 ? -3.560  6.487   -1.774  1.00 24.26 ? 128 ILE A CG2 1 
ATOM   942  C CD1 . ILE A 1 128 ? -3.687  7.872   -4.747  1.00 31.47 ? 128 ILE A CD1 1 
ATOM   943  N N   . SER A 1 129 ? -3.643  8.207   1.211   1.00 20.99 ? 129 SER A N   1 
ATOM   944  C CA  . SER A 1 129 ? -2.885  8.113   2.459   1.00 20.21 ? 129 SER A CA  1 
ATOM   945  C C   . SER A 1 129 ? -3.225  6.826   3.155   1.00 22.60 ? 129 SER A C   1 
ATOM   946  O O   . SER A 1 129 ? -4.222  6.168   2.847   1.00 22.69 ? 129 SER A O   1 
ATOM   947  C CB  . SER A 1 129 ? -3.248  9.308   3.373   1.00 25.23 ? 129 SER A CB  1 
ATOM   948  O OG  . SER A 1 129 ? -4.642  9.464   3.318   1.00 33.08 ? 129 SER A OG  1 
ATOM   949  N N   . PHE A 1 130 ? -2.382  6.442   4.094   1.00 20.01 ? 130 PHE A N   1 
ATOM   950  C CA  . PHE A 1 130 ? -2.730  5.397   5.030   1.00 20.59 ? 130 PHE A CA  1 
ATOM   951  C C   . PHE A 1 130 ? -3.514  6.103   6.136   1.00 21.56 ? 130 PHE A C   1 
ATOM   952  O O   . PHE A 1 130 ? -3.295  7.281   6.410   1.00 23.07 ? 130 PHE A O   1 
ATOM   953  C CB  . PHE A 1 130 ? -1.479  4.736   5.597   1.00 19.48 ? 130 PHE A CB  1 
ATOM   954  C CG  . PHE A 1 130 ? -0.626  4.060   4.563   1.00 20.43 ? 130 PHE A CG  1 
ATOM   955  C CD1 . PHE A 1 130 ? 0.659   4.519   4.295   1.00 24.54 ? 130 PHE A CD1 1 
ATOM   956  C CD2 . PHE A 1 130 ? -1.104  2.993   3.859   1.00 28.38 ? 130 PHE A CD2 1 
ATOM   957  C CE1 . PHE A 1 130 ? 1.423   3.910   3.361   1.00 25.63 ? 130 PHE A CE1 1 
ATOM   958  C CE2 . PHE A 1 130 ? -0.296  2.371   2.889   1.00 31.34 ? 130 PHE A CE2 1 
ATOM   959  C CZ  . PHE A 1 130 ? 0.950   2.837   2.683   1.00 23.73 ? 130 PHE A CZ  1 
ATOM   960  N N   . GLU A 1 131 ? -4.412  5.390   6.759   1.00 21.29 ? 131 GLU A N   1 
ATOM   961  C CA  . GLU A 1 131 ? -5.272  5.986   7.778   1.00 26.37 ? 131 GLU A CA  1 
ATOM   962  C C   . GLU A 1 131 ? -5.545  4.961   8.853   1.00 25.78 ? 131 GLU A C   1 
ATOM   963  O O   . GLU A 1 131 ? -5.797  3.794   8.536   1.00 24.10 ? 131 GLU A O   1 
ATOM   964  C CB  . GLU A 1 131 ? -6.563  6.386   7.077   1.00 29.06 ? 131 GLU A CB  1 
ATOM   965  C CG  . GLU A 1 131 ? -7.581  7.104   7.905   1.00 41.58 ? 131 GLU A CG  1 
ATOM   966  C CD  . GLU A 1 131 ? -8.800  7.447   7.083   1.00 46.42 ? 131 GLU A CD  1 
ATOM   967  O OE1 . GLU A 1 131 ? -8.823  8.572   6.545   1.00 55.59 ? 131 GLU A OE1 1 
ATOM   968  O OE2 . GLU A 1 131 ? -9.697  6.578   6.956   1.00 43.91 ? 131 GLU A OE2 1 
ATOM   969  N N   . ASP A 1 132 ? -5.502  5.372   10.131  1.00 30.91 ? 132 ASP A N   1 
ATOM   970  C CA  . ASP A 1 132 ? -5.882  4.470   11.226  1.00 33.98 ? 132 ASP A CA  1 
ATOM   971  C C   . ASP A 1 132 ? -7.330  4.041   11.112  1.00 36.22 ? 132 ASP A C   1 
ATOM   972  O O   . ASP A 1 132 ? -8.160  4.767   10.593  1.00 32.35 ? 132 ASP A O   1 
ATOM   973  C CB  . ASP A 1 132 ? -5.664  5.118   12.590  1.00 36.33 ? 132 ASP A CB  1 
ATOM   974  C CG  . ASP A 1 132 ? -4.203  5.176   12.967  1.00 42.71 ? 132 ASP A CG  1 
ATOM   975  O OD1 . ASP A 1 132 ? -3.487  4.150   12.786  1.00 37.66 ? 132 ASP A OD1 1 
ATOM   976  O OD2 . ASP A 1 132 ? -3.689  6.215   13.423  1.00 45.74 ? 132 ASP A OD2 1 
ATOM   977  N N   . THR A 1 133 ? -7.611  2.844   11.596  1.00 38.63 ? 133 THR A N   1 
ATOM   978  C CA  . THR A 1 133 ? -8.953  2.281   11.545  1.00 41.16 ? 133 THR A CA  1 
ATOM   979  C C   . THR A 1 133 ? -9.160  1.426   12.800  1.00 43.88 ? 133 THR A C   1 
ATOM   980  O O   . THR A 1 133 ? -8.220  0.785   13.288  1.00 39.70 ? 133 THR A O   1 
ATOM   981  C CB  . THR A 1 133 ? -9.131  1.427   10.252  1.00 42.83 ? 133 THR A CB  1 
ATOM   982  O OG1 . THR A 1 133 ? -10.364 0.693   10.288  1.00 44.83 ? 133 THR A OG1 1 
ATOM   983  C CG2 . THR A 1 133 ? -8.084  0.322   10.154  1.00 40.20 ? 133 THR A CG2 1 
ATOM   984  N N   . THR A 1 134 ? -10.392 1.443   13.309  1.00 46.79 ? 134 THR A N   1 
ATOM   985  C CA  . THR A 1 134 ? -10.826 0.621   14.444  1.00 50.50 ? 134 THR A CA  1 
ATOM   986  C C   . THR A 1 134 ? -10.438 -0.845  14.331  1.00 52.58 ? 134 THR A C   1 
ATOM   987  O O   . THR A 1 134 ? -10.030 -1.472  15.313  1.00 52.87 ? 134 THR A O   1 
ATOM   988  C CB  . THR A 1 134 ? -12.375 0.706   14.553  1.00 50.57 ? 134 THR A CB  1 
ATOM   989  O OG1 . THR A 1 134 ? -12.751 1.995   15.045  1.00 47.24 ? 134 THR A OG1 1 
ATOM   990  C CG2 . THR A 1 134 ? -12.943 -0.296  15.593  1.00 52.66 ? 134 THR A CG2 1 
ATOM   991  N N   . SER A 1 135 ? -10.601 -1.380  13.126  1.00 55.55 ? 135 SER A N   1 
ATOM   992  C CA  . SER A 1 135 ? -10.389 -2.802  12.850  1.00 58.98 ? 135 SER A CA  1 
ATOM   993  C C   . SER A 1 135 ? -8.918  -3.280  12.989  1.00 60.86 ? 135 SER A C   1 
ATOM   994  O O   . SER A 1 135 ? -8.679  -4.466  13.209  1.00 62.28 ? 135 SER A O   1 
ATOM   995  C CB  . SER A 1 135 ? -10.944 -3.154  11.455  1.00 59.59 ? 135 SER A CB  1 
ATOM   996  O OG  . SER A 1 135 ? -10.688 -2.136  10.487  1.00 61.41 ? 135 SER A OG  1 
ATOM   997  N N   . VAL A 1 136 ? -7.955  -2.362  12.850  1.00 60.74 ? 136 VAL A N   1 
ATOM   998  C CA  . VAL A 1 136 ? -6.517  -2.655  13.017  1.00 59.63 ? 136 VAL A CA  1 
ATOM   999  C C   . VAL A 1 136 ? -5.941  -1.755  14.130  1.00 58.00 ? 136 VAL A C   1 
ATOM   1000 O O   . VAL A 1 136 ? -5.340  -0.717  13.868  1.00 54.52 ? 136 VAL A O   1 
ATOM   1001 C CB  . VAL A 1 136 ? -5.743  -2.460  11.684  1.00 60.05 ? 136 VAL A CB  1 
ATOM   1002 C CG1 . VAL A 1 136 ? -4.361  -3.117  11.759  1.00 59.97 ? 136 VAL A CG1 1 
ATOM   1003 C CG2 . VAL A 1 136 ? -6.564  -3.024  10.506  1.00 59.06 ? 136 VAL A CG2 1 
ATOM   1004 N N   . PRO A 1 137 ? -6.123  -2.169  15.382  1.00 59.21 ? 137 PRO A N   1 
ATOM   1005 C CA  . PRO A 1 137 ? -5.903  -1.269  16.534  1.00 58.72 ? 137 PRO A CA  1 
ATOM   1006 C C   . PRO A 1 137 ? -4.428  -0.902  16.848  1.00 56.18 ? 137 PRO A C   1 
ATOM   1007 O O   . PRO A 1 137 ? -4.196  0.193   17.382  1.00 58.38 ? 137 PRO A O   1 
ATOM   1008 C CB  . PRO A 1 137 ? -6.557  -2.022  17.715  1.00 59.21 ? 137 PRO A CB  1 
ATOM   1009 C CG  . PRO A 1 137 ? -6.556  -3.490  17.312  1.00 60.40 ? 137 PRO A CG  1 
ATOM   1010 C CD  . PRO A 1 137 ? -6.510  -3.535  15.795  1.00 60.22 ? 137 PRO A CD  1 
ATOM   1011 N N   . ASN A 1 138 ? -3.468  -1.768  16.523  1.00 50.90 ? 138 ASN A N   1 
ATOM   1012 C CA  . ASN A 1 138 ? -2.060  -1.488  16.818  1.00 49.57 ? 138 ASN A CA  1 
ATOM   1013 C C   . ASN A 1 138 ? -1.289  -0.655  15.748  1.00 43.83 ? 138 ASN A C   1 
ATOM   1014 O O   . ASN A 1 138 ? -0.064  -0.577  15.797  1.00 43.14 ? 138 ASN A O   1 
ATOM   1015 C CB  . ASN A 1 138 ? -1.309  -2.815  17.069  1.00 51.20 ? 138 ASN A CB  1 
ATOM   1016 C CG  . ASN A 1 138 ? -1.593  -3.417  18.453  1.00 53.35 ? 138 ASN A CG  1 
ATOM   1017 O OD1 . ASN A 1 138 ? -1.803  -2.702  19.444  1.00 51.99 ? 138 ASN A OD1 1 
ATOM   1018 N ND2 . ASN A 1 138 ? -1.587  -4.745  18.520  1.00 56.15 ? 138 ASN A ND2 1 
ATOM   1019 N N   . ALA A 1 139 ? -1.989  -0.010  14.822  1.00 38.19 ? 139 ALA A N   1 
ATOM   1020 C CA  . ALA A 1 139 ? -1.341  0.600   13.652  1.00 34.34 ? 139 ALA A CA  1 
ATOM   1021 C C   . ALA A 1 139 ? -0.591  1.892   13.985  1.00 32.34 ? 139 ALA A C   1 
ATOM   1022 O O   . ALA A 1 139 ? -0.921  2.581   14.956  1.00 29.07 ? 139 ALA A O   1 
ATOM   1023 C CB  . ALA A 1 139 ? -2.365  0.876   12.589  1.00 35.21 ? 139 ALA A CB  1 
ATOM   1024 N N   . ILE A 1 140 ? 0.415   2.193   13.170  1.00 26.75 ? 140 ILE A N   1 
ATOM   1025 C CA  . ILE A 1 140 ? 1.125   3.477   13.145  1.00 26.83 ? 140 ILE A CA  1 
ATOM   1026 C C   . ILE A 1 140 ? 0.749   4.187   11.841  1.00 25.67 ? 140 ILE A C   1 
ATOM   1027 O O   . ILE A 1 140 ? 1.218   3.781   10.745  1.00 22.52 ? 140 ILE A O   1 
ATOM   1028 C CB  . ILE A 1 140 ? 2.657   3.240   13.193  1.00 27.03 ? 140 ILE A CB  1 
ATOM   1029 C CG1 . ILE A 1 140 ? 3.066   2.542   14.516  1.00 31.36 ? 140 ILE A CG1 1 
ATOM   1030 C CG2 . ILE A 1 140 ? 3.440   4.562   12.954  1.00 31.35 ? 140 ILE A CG2 1 
ATOM   1031 C CD1 . ILE A 1 140 ? 4.540   2.076   14.560  1.00 28.80 ? 140 ILE A CD1 1 
ATOM   1032 N N   . ASP A 1 141 ? -0.116  5.204   11.956  1.00 23.60 ? 141 ASP A N   1 
ATOM   1033 C CA  . ASP A 1 141 ? -0.688  5.930   10.801  1.00 24.50 ? 141 ASP A CA  1 
ATOM   1034 C C   . ASP A 1 141 ? -1.233  4.952   9.745   1.00 22.72 ? 141 ASP A C   1 
ATOM   1035 O O   . ASP A 1 141 ? -0.937  5.112   8.576   1.00 24.09 ? 141 ASP A O   1 
ATOM   1036 C CB  . ASP A 1 141 ? 0.352   6.851   10.115  1.00 24.61 ? 141 ASP A CB  1 
ATOM   1037 C CG  . ASP A 1 141 ? 0.790   8.040   10.980  1.00 38.15 ? 141 ASP A CG  1 
ATOM   1038 O OD1 . ASP A 1 141 ? -0.049  8.654   11.668  1.00 39.06 ? 141 ASP A OD1 1 
ATOM   1039 O OD2 . ASP A 1 141 ? 1.975   8.435   11.008  1.00 44.40 ? 141 ASP A OD2 1 
ATOM   1040 N N   . GLY A 1 142 ? -1.971  3.933   10.181  1.00 21.80 ? 142 GLY A N   1 
ATOM   1041 C CA  . GLY A 1 142 ? -2.588  2.946   9.314   1.00 23.33 ? 142 GLY A CA  1 
ATOM   1042 C C   . GLY A 1 142 ? -1.708  1.804   8.785   1.00 22.87 ? 142 GLY A C   1 
ATOM   1043 O O   . GLY A 1 142 ? -2.146  1.016   7.909   1.00 21.64 ? 142 GLY A O   1 
ATOM   1044 N N   . THR A 1 143 ? -0.479  1.737   9.279   1.00 20.04 ? 143 THR A N   1 
ATOM   1045 C CA  . THR A 1 143 ? 0.474   0.716   8.896   1.00 19.46 ? 143 THR A CA  1 
ATOM   1046 C C   . THR A 1 143 ? 0.821   -0.215  10.036  1.00 20.55 ? 143 THR A C   1 
ATOM   1047 O O   . THR A 1 143 ? 1.039   0.215   11.174  1.00 21.31 ? 143 THR A O   1 
ATOM   1048 C CB  . THR A 1 143 ? 1.787   1.329   8.328   1.00 18.49 ? 143 THR A CB  1 
ATOM   1049 O OG1 . THR A 1 143 ? 2.548   1.971   9.364   1.00 19.95 ? 143 THR A OG1 1 
ATOM   1050 C CG2 . THR A 1 143 ? 1.495   2.426   7.296   1.00 20.27 ? 143 THR A CG2 1 
ATOM   1051 N N   . VAL A 1 144 ? 0.890   -1.492  9.716   1.00 18.90 ? 144 VAL A N   1 
ATOM   1052 C CA  . VAL A 1 144 ? 1.486   -2.496  10.599  1.00 19.17 ? 144 VAL A CA  1 
ATOM   1053 C C   . VAL A 1 144 ? 2.523   -3.246  9.795   1.00 21.66 ? 144 VAL A C   1 
ATOM   1054 O O   . VAL A 1 144 ? 2.204   -3.825  8.746   1.00 21.00 ? 144 VAL A O   1 
ATOM   1055 C CB  . VAL A 1 144 ? 0.408   -3.488  11.099  1.00 20.30 ? 144 VAL A CB  1 
ATOM   1056 C CG1 . VAL A 1 144 ? 0.980   -4.463  12.048  1.00 23.51 ? 144 VAL A CG1 1 
ATOM   1057 C CG2 . VAL A 1 144 ? -0.753  -2.750  11.729  1.00 24.22 ? 144 VAL A CG2 1 
ATOM   1058 N N   . LEU A 1 145 ? 3.773   -3.190  10.241  1.00 20.15 ? 145 LEU A N   1 
ATOM   1059 C CA  . LEU A 1 145 ? 4.840   -3.955  9.639   1.00 20.16 ? 145 LEU A CA  1 
ATOM   1060 C C   . LEU A 1 145 ? 5.330   -5.012  10.629  1.00 20.23 ? 145 LEU A C   1 
ATOM   1061 O O   . LEU A 1 145 ? 5.400   -4.750  11.831  1.00 21.63 ? 145 LEU A O   1 
ATOM   1062 C CB  . LEU A 1 145 ? 6.002   -3.035  9.269   1.00 22.41 ? 145 LEU A CB  1 
ATOM   1063 C CG  . LEU A 1 145 ? 5.647   -1.775  8.452   1.00 23.73 ? 145 LEU A CG  1 
ATOM   1064 C CD1 . LEU A 1 145 ? 6.870   -0.994  8.088   1.00 24.95 ? 145 LEU A CD1 1 
ATOM   1065 C CD2 . LEU A 1 145 ? 4.838   -2.130  7.191   1.00 23.69 ? 145 LEU A CD2 1 
ATOM   1066 N N   . PHE A 1 146 ? 5.667   -6.181  10.100  1.00 20.26 ? 146 PHE A N   1 
ATOM   1067 C CA  . PHE A 1 146 ? 6.150   -7.326  10.886  1.00 21.45 ? 146 PHE A CA  1 
ATOM   1068 C C   . PHE A 1 146 ? 7.546   -7.726  10.501  1.00 21.80 ? 146 PHE A C   1 
ATOM   1069 O O   . PHE A 1 146 ? 7.919   -7.665  9.330   1.00 19.51 ? 146 PHE A O   1 
ATOM   1070 C CB  . PHE A 1 146 ? 5.267   -8.532  10.647  1.00 23.09 ? 146 PHE A CB  1 
ATOM   1071 C CG  . PHE A 1 146 ? 3.828   -8.300  10.985  1.00 23.32 ? 146 PHE A CG  1 
ATOM   1072 C CD1 . PHE A 1 146 ? 2.883   -8.138  9.978   1.00 29.78 ? 146 PHE A CD1 1 
ATOM   1073 C CD2 . PHE A 1 146 ? 3.416   -8.278  12.306  1.00 31.20 ? 146 PHE A CD2 1 
ATOM   1074 C CE1 . PHE A 1 146 ? 1.574   -7.931  10.285  1.00 33.21 ? 146 PHE A CE1 1 
ATOM   1075 C CE2 . PHE A 1 146 ? 2.086   -8.068  12.622  1.00 30.27 ? 146 PHE A CE2 1 
ATOM   1076 C CZ  . PHE A 1 146 ? 1.166   -7.906  11.589  1.00 30.36 ? 146 PHE A CZ  1 
ATOM   1077 N N   . ASP A 1 147 ? 8.311   -8.176  11.491  1.00 23.06 ? 147 ASP A N   1 
ATOM   1078 C CA  . ASP A 1 147 ? 9.638   -8.730  11.255  1.00 24.06 ? 147 ASP A CA  1 
ATOM   1079 C C   . ASP A 1 147 ? 9.559   -10.260 11.128  1.00 24.25 ? 147 ASP A C   1 
ATOM   1080 O O   . ASP A 1 147 ? 8.476   -10.860 11.245  1.00 21.19 ? 147 ASP A O   1 
ATOM   1081 C CB  . ASP A 1 147 ? 10.660  -8.266  12.323  1.00 27.09 ? 147 ASP A CB  1 
ATOM   1082 C CG  . ASP A 1 147 ? 10.415  -8.859  13.716  1.00 31.32 ? 147 ASP A CG  1 
ATOM   1083 O OD1 . ASP A 1 147 ? 9.760   -9.928  13.859  1.00 27.54 ? 147 ASP A OD1 1 
ATOM   1084 O OD2 . ASP A 1 147 ? 10.862  -8.295  14.739  1.00 28.85 ? 147 ASP A OD2 1 
ATOM   1085 N N   . TRP A 1 148 ? 10.693  -10.887 10.854  1.00 23.05 ? 148 TRP A N   1 
ATOM   1086 C CA  . TRP A 1 148 ? 10.701  -12.317 10.532  1.00 27.29 ? 148 TRP A CA  1 
ATOM   1087 C C   . TRP A 1 148 ? 10.639  -13.263 11.756  1.00 27.67 ? 148 TRP A C   1 
ATOM   1088 O O   . TRP A 1 148 ? 10.745  -14.478 11.616  1.00 27.59 ? 148 TRP A O   1 
ATOM   1089 C CB  . TRP A 1 148 ? 11.883  -12.641 9.611   1.00 26.98 ? 148 TRP A CB  1 
ATOM   1090 C CG  . TRP A 1 148 ? 13.280  -12.469 10.197  1.00 25.05 ? 148 TRP A CG  1 
ATOM   1091 C CD1 . TRP A 1 148 ? 13.621  -12.200 11.504  1.00 31.72 ? 148 TRP A CD1 1 
ATOM   1092 C CD2 . TRP A 1 148 ? 14.513  -12.590 9.484   1.00 29.56 ? 148 TRP A CD2 1 
ATOM   1093 N NE1 . TRP A 1 148 ? 14.990  -12.147 11.637  1.00 33.99 ? 148 TRP A NE1 1 
ATOM   1094 C CE2 . TRP A 1 148 ? 15.567  -12.391 10.418  1.00 31.36 ? 148 TRP A CE2 1 
ATOM   1095 C CE3 . TRP A 1 148 ? 14.846  -12.885 8.152   1.00 21.97 ? 148 TRP A CE3 1 
ATOM   1096 C CZ2 . TRP A 1 148 ? 16.919  -12.439 10.050  1.00 35.29 ? 148 TRP A CZ2 1 
ATOM   1097 C CZ3 . TRP A 1 148 ? 16.181  -12.918 7.787   1.00 28.34 ? 148 TRP A CZ3 1 
ATOM   1098 C CH2 . TRP A 1 148 ? 17.207  -12.706 8.737   1.00 35.06 ? 148 TRP A CH2 1 
ATOM   1099 N N   . ASN A 1 149 ? 10.466  -12.685 12.945  1.00 29.99 ? 149 ASN A N   1 
ATOM   1100 C CA  . ASN A 1 149 ? 10.021  -13.417 14.139  1.00 29.33 ? 149 ASN A CA  1 
ATOM   1101 C C   . ASN A 1 149 ? 8.522   -13.366 14.355  1.00 31.57 ? 149 ASN A C   1 
ATOM   1102 O O   . ASN A 1 149 ? 7.996   -14.045 15.247  1.00 31.89 ? 149 ASN A O   1 
ATOM   1103 C CB  . ASN A 1 149 ? 10.710  -12.847 15.365  1.00 30.75 ? 149 ASN A CB  1 
ATOM   1104 C CG  . ASN A 1 149 ? 12.198  -12.997 15.279  1.00 32.05 ? 149 ASN A CG  1 
ATOM   1105 O OD1 . ASN A 1 149 ? 12.686  -14.079 15.005  1.00 33.77 ? 149 ASN A OD1 1 
ATOM   1106 N ND2 . ASN A 1 149 ? 12.926  -11.904 15.444  1.00 37.04 ? 149 ASN A ND2 1 
ATOM   1107 N N   . GLY A 1 150 ? 7.838   -12.555 13.542  1.00 26.30 ? 150 GLY A N   1 
ATOM   1108 C CA  . GLY A 1 150 ? 6.400   -12.392 13.627  1.00 28.04 ? 150 GLY A CA  1 
ATOM   1109 C C   . GLY A 1 150 ? 5.948   -11.267 14.551  1.00 28.84 ? 150 GLY A C   1 
ATOM   1110 O O   . GLY A 1 150 ? 4.748   -11.126 14.784  1.00 32.72 ? 150 GLY A O   1 
ATOM   1111 N N   . ASP A 1 151 ? 6.886   -10.453 15.036  1.00 28.41 ? 151 ASP A N   1 
ATOM   1112 C CA  . ASP A 1 151 ? 6.581   -9.312  15.907  1.00 29.50 ? 151 ASP A CA  1 
ATOM   1113 C C   . ASP A 1 151 ? 6.380   -8.024  15.119  1.00 28.98 ? 151 ASP A C   1 
ATOM   1114 O O   . ASP A 1 151 ? 7.052   -7.799  14.118  1.00 29.22 ? 151 ASP A O   1 
ATOM   1115 C CB  . ASP A 1 151 ? 7.722   -9.030  16.876  1.00 29.30 ? 151 ASP A CB  1 
ATOM   1116 C CG  . ASP A 1 151 ? 8.080   -10.215 17.745  1.00 33.38 ? 151 ASP A CG  1 
ATOM   1117 O OD1 . ASP A 1 151 ? 7.171   -10.913 18.252  1.00 27.11 ? 151 ASP A OD1 1 
ATOM   1118 O OD2 . ASP A 1 151 ? 9.272   -10.490 17.965  1.00 28.83 ? 151 ASP A OD2 1 
ATOM   1119 N N   . ARG A 1 152 ? 5.465   -7.184  15.602  1.00 28.29 ? 152 ARG A N   1 
ATOM   1120 C CA  . ARG A 1 152 ? 5.235   -5.839  15.095  1.00 28.95 ? 152 ARG A CA  1 
ATOM   1121 C C   . ARG A 1 152 ? 6.462   -4.968  15.264  1.00 27.18 ? 152 ARG A C   1 
ATOM   1122 O O   . ARG A 1 152 ? 7.091   -4.986  16.328  1.00 24.63 ? 152 ARG A O   1 
ATOM   1123 C CB  . ARG A 1 152 ? 4.104   -5.191  15.888  1.00 32.58 ? 152 ARG A CB  1 
ATOM   1124 C CG  . ARG A 1 152 ? 2.763   -5.208  15.236  1.00 42.81 ? 152 ARG A CG  1 
ATOM   1125 C CD  . ARG A 1 152 ? 1.811   -4.159  15.804  1.00 53.43 ? 152 ARG A CD  1 
ATOM   1126 N NE  . ARG A 1 152 ? 1.814   -4.193  17.273  1.00 58.44 ? 152 ARG A NE  1 
ATOM   1127 C CZ  . ARG A 1 152 ? 2.150   -3.179  18.088  1.00 59.89 ? 152 ARG A CZ  1 
ATOM   1128 N NH1 . ARG A 1 152 ? 2.525   -1.990  17.606  1.00 56.50 ? 152 ARG A NH1 1 
ATOM   1129 N NH2 . ARG A 1 152 ? 2.095   -3.360  19.408  1.00 56.92 ? 152 ARG A NH2 1 
ATOM   1130 N N   . ILE A 1 153 ? 6.796   -4.195  14.233  1.00 24.84 ? 153 ILE A N   1 
ATOM   1131 C CA  . ILE A 1 153 ? 7.842   -3.190  14.334  1.00 24.77 ? 153 ILE A CA  1 
ATOM   1132 C C   . ILE A 1 153 ? 7.208   -1.924  14.911  1.00 26.37 ? 153 ILE A C   1 
ATOM   1133 O O   . ILE A 1 153 ? 6.356   -1.308  14.283  1.00 23.34 ? 153 ILE A O   1 
ATOM   1134 C CB  . ILE A 1 153 ? 8.513   -2.963  12.975  1.00 24.55 ? 153 ILE A CB  1 
ATOM   1135 C CG1 . ILE A 1 153 ? 9.236   -4.241  12.549  1.00 28.65 ? 153 ILE A CG1 1 
ATOM   1136 C CG2 . ILE A 1 153 ? 9.477   -1.728  13.050  1.00 27.44 ? 153 ILE A CG2 1 
ATOM   1137 C CD1 . ILE A 1 153 ? 9.518   -4.352  11.082  1.00 26.37 ? 153 ILE A CD1 1 
ATOM   1138 N N   . GLN A 1 154 ? 7.635   -1.564  16.135  1.00 28.47 ? 154 GLN A N   1 
ATOM   1139 C CA  . GLN A 1 154 ? 6.953   -0.570  17.014  1.00 34.70 ? 154 GLN A CA  1 
ATOM   1140 C C   . GLN A 1 154 ? 7.519   0.903   17.003  1.00 39.58 ? 154 GLN A C   1 
ATOM   1141 O O   . GLN A 1 154 ? 6.716   1.842   17.182  1.00 43.86 ? 154 GLN A O   1 
ATOM   1142 C CB  . GLN A 1 154 ? 7.050   -1.037  18.461  1.00 38.82 ? 154 GLN A CB  1 
ATOM   1143 C CG  . GLN A 1 154 ? 5.826   -1.755  18.992  1.00 44.72 ? 154 GLN A CG  1 
ATOM   1144 C CD  . GLN A 1 154 ? 5.965   -1.983  20.489  1.00 49.50 ? 154 GLN A CD  1 
ATOM   1145 O OE1 . GLN A 1 154 ? 5.470   -1.187  21.296  1.00 54.54 ? 154 GLN A OE1 1 
ATOM   1146 N NE2 . GLN A 1 154 ? 6.681   -3.040  20.862  1.00 53.87 ? 154 GLN A NE2 1 
ATOM   1147 N N   . SER A 1 155 ? 8.843   1.079   16.789  1.00 40.19 ? 155 SER A N   1 
ATOM   1148 C CA  . SER A 1 155 ? 9.379   2.411   16.482  1.00 40.71 ? 155 SER A CA  1 
ATOM   1149 C C   . SER A 1 155 ? 10.649  2.403   15.610  1.00 40.93 ? 155 SER A C   1 
ATOM   1150 O O   . SER A 1 155 ? 11.338  1.396   15.457  1.00 42.70 ? 155 SER A O   1 
ATOM   1151 C CB  . SER A 1 155 ? 9.721   3.123   17.772  1.00 44.45 ? 155 SER A CB  1 
ATOM   1152 O OG  . SER A 1 155 ? 10.676  2.310   18.450  1.00 44.88 ? 155 SER A OG  1 
ATOM   1153 N N   . GLY A 1 156 ? 10.841  3.556   14.951  1.00 37.50 ? 156 GLY A N   1 
ATOM   1154 C CA  . GLY A 1 156 ? 12.069  3.838   14.020  1.00 25.89 ? 156 GLY A CA  1 
ATOM   1155 C C   . GLY A 1 156 ? 11.810  3.895   12.446  1.00 21.62 ? 156 GLY A C   1 
ATOM   1156 O O   . GLY A 1 156 ? 12.773  3.987   11.686  1.00 16.34 ? 156 GLY A O   1 
ATOM   1157 N N   . TYR A 1 157 ? 10.557  3.872   11.986  1.00 18.68 ? 157 TYR A N   1 
ATOM   1158 C CA  . TYR A 1 157 ? 10.263  4.156   10.529  1.00 16.08 ? 157 TYR A CA  1 
ATOM   1159 C C   . TYR A 1 157 ? 9.286   5.306   10.348  1.00 16.99 ? 157 TYR A C   1 
ATOM   1160 O O   . TYR A 1 157 ? 8.383   5.479   11.138  1.00 16.53 ? 157 TYR A O   1 
ATOM   1161 C CB  . TYR A 1 157 ? 9.822   2.893   9.800   1.00 17.85 ? 157 TYR A CB  1 
ATOM   1162 C CG  . TYR A 1 157 ? 8.428   2.396   10.113  1.00 20.17 ? 157 TYR A CG  1 
ATOM   1163 C CD1 . TYR A 1 157 ? 7.315   2.825   9.370   1.00 21.69 ? 157 TYR A CD1 1 
ATOM   1164 C CD2 . TYR A 1 157 ? 8.218   1.483   11.155  1.00 16.17 ? 157 TYR A CD2 1 
ATOM   1165 C CE1 . TYR A 1 157 ? 6.048   2.380   9.664   1.00 17.03 ? 157 TYR A CE1 1 
ATOM   1166 C CE2 . TYR A 1 157 ? 6.921   1.046   11.461  1.00 19.80 ? 157 TYR A CE2 1 
ATOM   1167 C CZ  . TYR A 1 157 ? 5.848   1.481   10.666  1.00 17.16 ? 157 TYR A CZ  1 
ATOM   1168 O OH  . TYR A 1 157 ? 4.608   1.027   10.932  1.00 20.25 ? 157 TYR A OH  1 
ATOM   1169 N N   . SER A 1 158 ? 9.497   6.091   9.283   1.00 19.68 ? 158 SER A N   1 
ATOM   1170 C CA  . SER A 1 158 ? 8.650   7.207   8.873   1.00 19.75 ? 158 SER A CA  1 
ATOM   1171 C C   . SER A 1 158 ? 7.532   6.703   7.932   1.00 19.31 ? 158 SER A C   1 
ATOM   1172 O O   . SER A 1 158 ? 7.760   5.809   7.142   1.00 18.08 ? 158 SER A O   1 
ATOM   1173 C CB  . SER A 1 158 ? 9.509   8.231   8.105   1.00 18.04 ? 158 SER A CB  1 
ATOM   1174 O OG  . SER A 1 158 ? 10.540  8.768   8.898   1.00 37.58 ? 158 SER A OG  1 
ATOM   1175 N N   . VAL A 1 159 ? 6.337   7.250   8.059   1.00 20.75 ? 159 VAL A N   1 
ATOM   1176 C CA  . VAL A 1 159 ? 5.269   7.029   7.088   1.00 22.36 ? 159 VAL A CA  1 
ATOM   1177 C C   . VAL A 1 159 ? 5.174   8.295   6.275   1.00 22.71 ? 159 VAL A C   1 
ATOM   1178 O O   . VAL A 1 159 ? 4.753   9.325   6.785   1.00 23.64 ? 159 VAL A O   1 
ATOM   1179 C CB  . VAL A 1 159 ? 3.944   6.695   7.787   1.00 23.68 ? 159 VAL A CB  1 
ATOM   1180 C CG1 . VAL A 1 159 ? 2.840   6.441   6.745   1.00 23.54 ? 159 VAL A CG1 1 
ATOM   1181 C CG2 . VAL A 1 159 ? 4.141   5.483   8.703   1.00 25.66 ? 159 VAL A CG2 1 
ATOM   1182 N N   . ILE A 1 160 ? 5.612   8.228   5.024   1.00 19.94 ? 160 ILE A N   1 
ATOM   1183 C CA  . ILE A 1 160 ? 5.641   9.382   4.118   1.00 21.67 ? 160 ILE A CA  1 
ATOM   1184 C C   . ILE A 1 160 ? 4.382   9.406   3.265   1.00 21.05 ? 160 ILE A C   1 
ATOM   1185 O O   . ILE A 1 160 ? 4.137   8.532   2.387   1.00 22.12 ? 160 ILE A O   1 
ATOM   1186 C CB  . ILE A 1 160 ? 6.913   9.342   3.230   1.00 22.17 ? 160 ILE A CB  1 
ATOM   1187 C CG1 . ILE A 1 160 ? 8.161   9.232   4.138   1.00 25.93 ? 160 ILE A CG1 1 
ATOM   1188 C CG2 . ILE A 1 160 ? 6.987   10.593  2.325   1.00 27.31 ? 160 ILE A CG2 1 
ATOM   1189 C CD1 . ILE A 1 160 ? 9.430   8.934   3.397   1.00 30.88 ? 160 ILE A CD1 1 
ATOM   1190 N N   . GLN A 1 161 ? 3.562   10.404  3.563   1.00 21.25 ? 161 GLN A N   1 
ATOM   1191 C CA  . GLN A 1 161 ? 2.269   10.585  2.909   1.00 22.70 ? 161 GLN A CA  1 
ATOM   1192 C C   . GLN A 1 161 ? 1.778   11.977  3.267   1.00 25.52 ? 161 GLN A C   1 
ATOM   1193 O O   . GLN A 1 161 ? 2.321   12.597  4.203   1.00 21.95 ? 161 GLN A O   1 
ATOM   1194 C CB  . GLN A 1 161 ? 1.304   9.551   3.449   1.00 23.76 ? 161 GLN A CB  1 
ATOM   1195 C CG  . GLN A 1 161 ? 1.069   9.701   4.983   1.00 31.63 ? 161 GLN A CG  1 
ATOM   1196 C CD  . GLN A 1 161 ? 0.151   8.643   5.507   1.00 33.51 ? 161 GLN A CD  1 
ATOM   1197 O OE1 . GLN A 1 161 ? -0.110  7.662   4.804   1.00 40.17 ? 161 GLN A OE1 1 
ATOM   1198 N NE2 . GLN A 1 161 ? -0.302  8.793   6.736   1.00 34.06 ? 161 GLN A NE2 1 
ATOM   1199 N N   . PRO A 1 162 ? 0.744   12.480  2.600   1.00 26.00 ? 162 PRO A N   1 
ATOM   1200 C CA  . PRO A 1 162 ? -0.014  11.822  1.536   1.00 21.72 ? 162 PRO A CA  1 
ATOM   1201 C C   . PRO A 1 162 ? 0.646   11.953  0.180   1.00 23.17 ? 162 PRO A C   1 
ATOM   1202 O O   . PRO A 1 162 ? 1.499   12.801  -0.046  1.00 23.20 ? 162 PRO A O   1 
ATOM   1203 C CB  . PRO A 1 162 ? -1.329  12.614  1.535   1.00 24.20 ? 162 PRO A CB  1 
ATOM   1204 C CG  . PRO A 1 162 ? -0.965  13.978  2.049   1.00 28.59 ? 162 PRO A CG  1 
ATOM   1205 C CD  . PRO A 1 162 ? 0.221   13.825  2.910   1.00 27.50 ? 162 PRO A CD  1 
ATOM   1206 N N   . ALA A 1 163 ? 0.218   11.109  -0.735  1.00 20.03 ? 163 ALA A N   1 
ATOM   1207 C CA  . ALA A 1 163 ? 0.575   11.223  -2.123  1.00 22.09 ? 163 ALA A CA  1 
ATOM   1208 C C   . ALA A 1 163 ? -0.571  12.029  -2.707  1.00 21.95 ? 163 ALA A C   1 
ATOM   1209 O O   . ALA A 1 163 ? -1.720  11.785  -2.372  1.00 22.14 ? 163 ALA A O   1 
ATOM   1210 C CB  . ALA A 1 163 ? 0.656   9.858   -2.763  1.00 22.62 ? 163 ALA A CB  1 
ATOM   1211 N N   . VAL A 1 164 ? -0.238  13.018  -3.530  1.00 19.20 ? 164 VAL A N   1 
ATOM   1212 C CA  . VAL A 1 164 ? -1.220  13.948  -4.068  1.00 21.50 ? 164 VAL A CA  1 
ATOM   1213 C C   . VAL A 1 164 ? -1.099  13.962  -5.577  1.00 23.15 ? 164 VAL A C   1 
ATOM   1214 O O   . VAL A 1 164 ? -0.004  14.033  -6.126  1.00 24.40 ? 164 VAL A O   1 
ATOM   1215 C CB  . VAL A 1 164 ? -1.006  15.385  -3.528  1.00 20.92 ? 164 VAL A CB  1 
ATOM   1216 C CG1 . VAL A 1 164 ? -2.111  16.270  -3.966  1.00 20.93 ? 164 VAL A CG1 1 
ATOM   1217 C CG2 . VAL A 1 164 ? -0.917  15.367  -2.023  1.00 25.38 ? 164 VAL A CG2 1 
ATOM   1218 N N   . ILE A 1 165 ? -2.233  13.864  -6.234  1.00 21.31 ? 165 ILE A N   1 
ATOM   1219 C CA  . ILE A 1 165 ? -2.329  14.022  -7.666  1.00 23.25 ? 165 ILE A CA  1 
ATOM   1220 C C   . ILE A 1 165 ? -2.989  15.381  -7.976  1.00 21.62 ? 165 ILE A C   1 
ATOM   1221 O O   . ILE A 1 165 ? -3.889  15.827  -7.270  1.00 20.48 ? 165 ILE A O   1 
ATOM   1222 C CB  . ILE A 1 165 ? -3.143  12.815  -8.247  1.00 26.61 ? 165 ILE A CB  1 
ATOM   1223 C CG1 . ILE A 1 165 ? -3.070  12.769  -9.770  1.00 34.52 ? 165 ILE A CG1 1 
ATOM   1224 C CG2 . ILE A 1 165 ? -4.632  12.865  -7.875  1.00 30.05 ? 165 ILE A CG2 1 
ATOM   1225 C CD1 . ILE A 1 165 ? -1.841  12.087  -10.288 1.00 42.49 ? 165 ILE A CD1 1 
ATOM   1226 N N   . ASN A 1 166 ? -2.542  16.018  -9.053  1.00 20.25 ? 166 ASN A N   1 
ATOM   1227 C CA  . ASN A 1 166 ? -3.128  17.267  -9.550  1.00 21.53 ? 166 ASN A CA  1 
ATOM   1228 C C   . ASN A 1 166 ? -3.090  18.407  -8.542  1.00 20.35 ? 166 ASN A C   1 
ATOM   1229 O O   . ASN A 1 166 ? -4.032  19.204  -8.421  1.00 20.33 ? 166 ASN A O   1 
ATOM   1230 C CB  . ASN A 1 166 ? -4.555  17.050  -10.087 1.00 20.47 ? 166 ASN A CB  1 
ATOM   1231 C CG  . ASN A 1 166 ? -4.571  16.239  -11.365 1.00 25.54 ? 166 ASN A CG  1 
ATOM   1232 O OD1 . ASN A 1 166 ? -3.664  16.351  -12.191 1.00 17.68 ? 166 ASN A OD1 1 
ATOM   1233 N ND2 . ASN A 1 166 ? -5.624  15.440  -11.556 1.00 22.85 ? 166 ASN A ND2 1 
ATOM   1234 N N   . LEU A 1 167 ? -1.975  18.456  -7.829  1.00 21.05 ? 167 LEU A N   1 
ATOM   1235 C CA  . LEU A 1 167 ? -1.684  19.526  -6.879  1.00 24.31 ? 167 LEU A CA  1 
ATOM   1236 C C   . LEU A 1 167 ? -1.802  20.905  -7.510  1.00 24.47 ? 167 LEU A C   1 
ATOM   1237 O O   . LEU A 1 167 ? -2.298  21.818  -6.875  1.00 22.04 ? 167 LEU A O   1 
ATOM   1238 C CB  . LEU A 1 167 ? -0.285  19.311  -6.262  1.00 26.18 ? 167 LEU A CB  1 
ATOM   1239 C CG  . LEU A 1 167 ? 0.104   20.370  -5.221  1.00 31.11 ? 167 LEU A CG  1 
ATOM   1240 C CD1 . LEU A 1 167 ? -0.820  20.213  -4.002  1.00 28.35 ? 167 LEU A CD1 1 
ATOM   1241 C CD2 . LEU A 1 167 ? 1.584   20.269  -4.847  1.00 32.68 ? 167 LEU A CD2 1 
ATOM   1242 N N   . ASP A 1 168 ? -1.421  21.030  -8.786  1.00 30.34 ? 168 ASP A N   1 
ATOM   1243 C CA  . ASP A 1 168 ? -1.508  22.302  -9.529  1.00 34.85 ? 168 ASP A CA  1 
ATOM   1244 C C   . ASP A 1 168 ? -2.911  22.877  -9.593  1.00 33.12 ? 168 ASP A C   1 
ATOM   1245 O O   . ASP A 1 168 ? -3.072  24.061  -9.851  1.00 34.28 ? 168 ASP A O   1 
ATOM   1246 C CB  . ASP A 1 168 ? -0.931  22.175  -10.962 1.00 38.31 ? 168 ASP A CB  1 
ATOM   1247 C CG  . ASP A 1 168 ? -1.766  21.248  -11.874 1.00 46.59 ? 168 ASP A CG  1 
ATOM   1248 O OD1 . ASP A 1 168 ? -2.058  20.094  -11.485 1.00 54.40 ? 168 ASP A OD1 1 
ATOM   1249 O OD2 . ASP A 1 168 ? -2.175  21.588  -13.012 1.00 55.65 ? 168 ASP A OD2 1 
ATOM   1250 N N   . MET A 1 169 ? -3.929  22.037  -9.398  1.00 28.86 ? 169 MET A N   1 
ATOM   1251 C CA  . MET A 1 169 ? -5.318  22.481  -9.418  1.00 28.19 ? 169 MET A CA  1 
ATOM   1252 C C   . MET A 1 169 ? -5.920  22.715  -8.044  1.00 22.95 ? 169 MET A C   1 
ATOM   1253 O O   . MET A 1 169 ? -7.139  22.801  -7.910  1.00 24.45 ? 169 MET A O   1 
ATOM   1254 C CB  . MET A 1 169 ? -6.175  21.435  -10.141 1.00 31.79 ? 169 MET A CB  1 
ATOM   1255 C CG  . MET A 1 169 ? -5.622  21.101  -11.501 1.00 43.38 ? 169 MET A CG  1 
ATOM   1256 S SD  . MET A 1 169 ? -6.642  19.913  -12.306 1.00 44.47 ? 169 MET A SD  1 
ATOM   1257 C CE  . MET A 1 169 ? -7.817  21.114  -13.040 1.00 43.79 ? 169 MET A CE  1 
ATOM   1258 N N   . ILE A 1 170 ? -5.083  22.832  -7.029  1.00 22.98 ? 170 ILE A N   1 
ATOM   1259 C CA  . ILE A 1 170 ? -5.569  22.853  -5.665  1.00 23.60 ? 170 ILE A CA  1 
ATOM   1260 C C   . ILE A 1 170 ? -6.477  24.025  -5.343  1.00 24.58 ? 170 ILE A C   1 
ATOM   1261 O O   . ILE A 1 170 ? -7.445  23.866  -4.617  1.00 25.04 ? 170 ILE A O   1 
ATOM   1262 C CB  . ILE A 1 170 ? -4.398  22.745  -4.675  1.00 24.07 ? 170 ILE A CB  1 
ATOM   1263 C CG1 . ILE A 1 170 ? -4.924  22.481  -3.276  1.00 27.07 ? 170 ILE A CG1 1 
ATOM   1264 C CG2 . ILE A 1 170 ? -3.507  24.008  -4.687  1.00 27.45 ? 170 ILE A CG2 1 
ATOM   1265 C CD1 . ILE A 1 170 ? -3.842  21.947  -2.364  1.00 27.21 ? 170 ILE A CD1 1 
ATOM   1266 N N   . LYS A 1 171 ? -6.193  25.204  -5.879  1.00 28.37 ? 171 LYS A N   1 
ATOM   1267 C CA  . LYS A 1 171 ? -7.009  26.380  -5.551  1.00 31.47 ? 171 LYS A CA  1 
ATOM   1268 C C   . LYS A 1 171 ? -8.472  26.171  -5.933  1.00 32.75 ? 171 LYS A C   1 
ATOM   1269 O O   . LYS A 1 171 ? -9.391  26.503  -5.155  1.00 33.45 ? 171 LYS A O   1 
ATOM   1270 C CB  . LYS A 1 171 ? -6.445  27.669  -6.199  1.00 33.46 ? 171 LYS A CB  1 
ATOM   1271 C CG  . LYS A 1 171 ? -7.470  28.801  -6.330  1.00 41.36 ? 171 LYS A CG  1 
ATOM   1272 C CD  . LYS A 1 171 ? -6.870  30.077  -6.943  1.00 46.75 ? 171 LYS A CD  1 
ATOM   1273 C CE  . LYS A 1 171 ? -7.908  30.924  -7.726  1.00 47.15 ? 171 LYS A CE  1 
ATOM   1274 N NZ  . LYS A 1 171 ? -9.358  30.578  -7.508  1.00 52.73 ? 171 LYS A NZ  1 
ATOM   1275 N N   . ALA A 1 172 ? -8.704  25.641  -7.131  1.00 34.86 ? 172 ALA A N   1 
ATOM   1276 C CA  . ALA A 1 172 ? -10.077 25.320  -7.546  1.00 36.42 ? 172 ALA A CA  1 
ATOM   1277 C C   . ALA A 1 172 ? -10.801 24.395  -6.522  1.00 38.94 ? 172 ALA A C   1 
ATOM   1278 O O   . ALA A 1 172 ? -11.980 24.595  -6.252  1.00 38.77 ? 172 ALA A O   1 
ATOM   1279 C CB  . ALA A 1 172 ? -10.095 24.709  -8.959  1.00 36.66 ? 172 ALA A CB  1 
ATOM   1280 N N   . SER A 1 173 ? -10.104 23.401  -5.943  1.00 39.79 ? 173 SER A N   1 
ATOM   1281 C CA  . SER A 1 173 ? -10.663 22.674  -4.781  1.00 42.54 ? 173 SER A CA  1 
ATOM   1282 C C   . SER A 1 173 ? -10.626 23.581  -3.512  1.00 45.32 ? 173 SER A C   1 
ATOM   1283 O O   . SER A 1 173 ? -11.619 23.904  -2.837  1.00 50.98 ? 173 SER A O   1 
ATOM   1284 C CB  . SER A 1 173 ? -9.930  21.337  -4.532  1.00 46.55 ? 173 SER A CB  1 
ATOM   1285 O OG  . SER A 1 173 ? -9.557  20.673  -5.740  1.00 41.55 ? 173 SER A OG  1 
ATOM   1286 O OXT . SER A 1 173 ? -9.649  24.164  -3.014  1.00 40.39 ? 173 SER A OXT 1 
HETATM 1287 O O   . HOH B 2 .   ? -8.089  10.004  -3.668  1.00 28.13 ? 174 HOH A O   1 
HETATM 1288 O O   . HOH B 2 .   ? -4.266  -2.457  -9.232  1.00 27.70 ? 175 HOH A O   1 
HETATM 1289 O O   . HOH B 2 .   ? 4.132   -1.373  12.559  1.00 34.35 ? 176 HOH A O   1 
HETATM 1290 O O   . HOH B 2 .   ? -10.365 14.270  -3.445  1.00 37.20 ? 177 HOH A O   1 
HETATM 1291 O O   . HOH B 2 .   ? 10.177  -11.925 -3.449  1.00 33.56 ? 178 HOH A O   1 
HETATM 1292 O O   . HOH B 2 .   ? -14.160 2.853   -5.271  1.00 31.58 ? 179 HOH A O   1 
HETATM 1293 O O   . HOH B 2 .   ? 0.498   16.745  -8.041  1.00 39.11 ? 180 HOH A O   1 
HETATM 1294 O O   . HOH B 2 .   ? 4.178   4.048   -9.012  1.00 33.58 ? 181 HOH A O   1 
HETATM 1295 O O   . HOH B 2 .   ? 4.499   -8.304  -4.014  1.00 36.21 ? 182 HOH A O   1 
HETATM 1296 O O   . HOH B 2 .   ? -6.690  -4.400  -1.551  1.00 37.02 ? 183 HOH A O   1 
HETATM 1297 O O   . HOH B 2 .   ? -14.367 4.940   -7.122  1.00 34.94 ? 184 HOH A O   1 
HETATM 1298 O O   . HOH B 2 .   ? -3.182  6.127   -18.694 1.00 48.06 ? 185 HOH A O   1 
HETATM 1299 O O   . HOH B 2 .   ? 0.062   4.697   -14.572 1.00 36.33 ? 186 HOH A O   1 
HETATM 1300 O O   . HOH B 2 .   ? -0.150  -8.615  -10.285 1.00 50.13 ? 187 HOH A O   1 
HETATM 1301 O O   . HOH B 2 .   ? -9.185  15.953  -17.855 1.00 48.11 ? 188 HOH A O   1 
HETATM 1302 O O   . HOH B 2 .   ? -5.194  -6.070  -8.575  1.00 42.67 ? 189 HOH A O   1 
HETATM 1303 O O   . HOH B 2 .   ? 2.948   -11.710 -4.685  1.00 49.68 ? 190 HOH A O   1 
HETATM 1304 O O   . HOH B 2 .   ? -10.569 -0.706  7.122   1.00 47.54 ? 191 HOH A O   1 
HETATM 1305 O O   . HOH B 2 .   ? 6.446   5.337   -9.301  1.00 49.71 ? 192 HOH A O   1 
HETATM 1306 O O   . HOH B 2 .   ? -7.163  -10.694 -5.798  1.00 43.33 ? 193 HOH A O   1 
HETATM 1307 O O   . HOH B 2 .   ? 4.986   -12.198 8.738   1.00 45.83 ? 194 HOH A O   1 
HETATM 1308 O O   . HOH B 2 .   ? 3.543   -18.824 -1.535  1.00 41.02 ? 195 HOH A O   1 
HETATM 1309 O O   . HOH B 2 .   ? -1.590  -12.114 5.650   1.00 48.39 ? 196 HOH A O   1 
HETATM 1310 O O   . HOH B 2 .   ? -3.585  -16.536 1.313   1.00 48.87 ? 197 HOH A O   1 
HETATM 1311 O O   . HOH B 2 .   ? 8.907   -22.364 8.268   1.00 63.74 ? 198 HOH A O   1 
HETATM 1312 O O   . HOH B 2 .   ? 11.853  1.347   -1.997  1.00 38.64 ? 199 HOH A O   1 
HETATM 1313 O O   . HOH B 2 .   ? 11.464  -9.921  16.732  1.00 62.18 ? 200 HOH A O   1 
HETATM 1314 O O   . HOH B 2 .   ? 15.295  -14.582 3.975   1.00 60.59 ? 201 HOH A O   1 
HETATM 1315 O O   . HOH B 2 .   ? -2.331  -3.907  -10.369 1.00 52.07 ? 202 HOH A O   1 
HETATM 1316 O O   . HOH B 2 .   ? -15.484 -5.401  -10.600 1.00 44.33 ? 203 HOH A O   1 
HETATM 1317 O O   . HOH B 2 .   ? 10.046  -2.517  17.470  1.00 54.58 ? 204 HOH A O   1 
HETATM 1318 O O   . HOH B 2 .   ? 8.719   -23.422 -4.319  1.00 41.99 ? 205 HOH A O   1 
HETATM 1319 O O   . HOH B 2 .   ? 4.304   10.520  -5.547  1.00 47.07 ? 206 HOH A O   1 
HETATM 1320 O O   . HOH B 2 .   ? 10.040  4.294   1.284   1.00 35.86 ? 207 HOH A O   1 
HETATM 1321 O O   . HOH B 2 .   ? 2.602   12.880  -4.368  1.00 54.66 ? 208 HOH A O   1 
HETATM 1322 O O   . HOH B 2 .   ? 12.400  0.044   13.211  1.00 58.82 ? 209 HOH A O   1 
HETATM 1323 O O   . HOH B 2 .   ? 6.370   -17.431 -5.593  1.00 50.43 ? 210 HOH A O   1 
HETATM 1324 O O   . HOH B 2 .   ? -0.013  -6.801  16.085  1.00 63.13 ? 211 HOH A O   1 
HETATM 1325 O O   . HOH B 2 .   ? -17.509 -6.098  -4.180  1.00 54.45 ? 212 HOH A O   1 
HETATM 1326 O O   . HOH B 2 .   ? 11.938  -2.568  -5.922  1.00 57.92 ? 213 HOH A O   1 
HETATM 1327 O O   . HOH B 2 .   ? 13.423  -4.703  -4.624  1.00 49.00 ? 214 HOH A O   1 
HETATM 1328 O O   . HOH B 2 .   ? -10.854 10.672  1.242   1.00 57.39 ? 215 HOH A O   1 
HETATM 1329 O O   . HOH B 2 .   ? 15.124  -6.213  -0.833  1.00 45.29 ? 216 HOH A O   1 
HETATM 1330 O O   . HOH B 2 .   ? 5.350   -22.618 0.603   1.00 51.43 ? 217 HOH A O   1 
HETATM 1331 O O   . HOH B 2 .   ? -13.846 0.338   -14.219 1.00 52.63 ? 218 HOH A O   1 
HETATM 1332 O O   . HOH B 2 .   ? 16.285  -11.066 -0.157  1.00 54.93 ? 219 HOH A O   1 
HETATM 1333 O O   . HOH B 2 .   ? 4.821   2.525   -11.513 1.00 52.23 ? 220 HOH A O   1 
HETATM 1334 O O   . HOH B 2 .   ? -8.740  -11.554 -0.576  1.00 41.02 ? 221 HOH A O   1 
HETATM 1335 O O   . HOH B 2 .   ? 2.878   10.335  8.350   1.00 54.91 ? 222 HOH A O   1 
HETATM 1336 O O   . HOH B 2 .   ? 5.543   -4.524  -9.545  1.00 56.63 ? 223 HOH A O   1 
HETATM 1337 O O   . HOH B 2 .   ? -8.398  23.449  -1.013  1.00 59.07 ? 224 HOH A O   1 
HETATM 1338 O O   . HOH B 2 .   ? -2.060  -7.982  -11.154 1.00 60.87 ? 225 HOH A O   1 
HETATM 1339 O O   . HOH B 2 .   ? 4.379   -22.674 6.891   1.00 71.35 ? 226 HOH A O   1 
HETATM 1340 O O   . HOH B 2 .   ? -6.700  10.196  1.640   1.00 53.05 ? 227 HOH A O   1 
HETATM 1341 O O   . HOH B 2 .   ? -11.013 26.142  -1.628  1.00 61.53 ? 228 HOH A O   1 
HETATM 1342 O O   . HOH B 2 .   ? -12.363 3.712   12.430  1.00 66.78 ? 229 HOH A O   1 
HETATM 1343 O O   . HOH B 2 .   ? -15.492 -10.222 -3.854  1.00 65.72 ? 230 HOH A O   1 
HETATM 1344 O O   . HOH B 2 .   ? 6.156   0.199   -9.123  1.00 47.23 ? 231 HOH A O   1 
HETATM 1345 O O   . HOH B 2 .   ? -3.736  25.663  -8.125  1.00 60.18 ? 232 HOH A O   1 
HETATM 1346 O O   . HOH B 2 .   ? 3.169   13.782  -14.587 1.00 55.20 ? 233 HOH A O   1 
HETATM 1347 O O   . HOH B 2 .   ? -1.236  0.321   19.508  1.00 79.38 ? 234 HOH A O   1 
HETATM 1348 O O   . HOH B 2 .   ? -11.090 16.716  -4.561  1.00 45.29 ? 235 HOH A O   1 
HETATM 1349 O O   . HOH B 2 .   ? 6.011   9.206   10.207  1.00 48.25 ? 236 HOH A O   1 
HETATM 1350 O O   . HOH B 2 .   ? -12.615 -9.921  2.694   1.00 68.79 ? 237 HOH A O   1 
HETATM 1351 O O   . HOH B 2 .   ? -2.211  14.356  -18.453 1.00 61.26 ? 238 HOH A O   1 
HETATM 1352 O O   . HOH B 2 .   ? -4.160  17.329  -15.497 1.00 64.34 ? 239 HOH A O   1 
HETATM 1353 O O   . HOH B 2 .   ? -14.618 9.411   1.706   1.00 71.66 ? 240 HOH A O   1 
HETATM 1354 O O   . HOH B 2 .   ? 8.451   3.437   -7.083  1.00 51.57 ? 241 HOH A O   1 
HETATM 1355 O O   . HOH B 2 .   ? 2.034   -5.419  -10.364 1.00 50.85 ? 242 HOH A O   1 
HETATM 1356 O O   . HOH B 2 .   ? 10.178  -2.906  20.032  1.00 67.45 ? 243 HOH A O   1 
HETATM 1357 O O   . HOH B 2 .   ? -11.638 -11.545 5.148   1.00 63.86 ? 244 HOH A O   1 
HETATM 1358 O O   . HOH B 2 .   ? -2.999  -9.353  -7.111  1.00 56.88 ? 245 HOH A O   1 
HETATM 1359 O O   . HOH B 2 .   ? 3.509   -12.639 -7.788  1.00 65.26 ? 246 HOH A O   1 
HETATM 1360 O O   . HOH B 2 .   ? -3.512  -6.168  -10.812 1.00 65.18 ? 247 HOH A O   1 
HETATM 1361 O O   . HOH B 2 .   ? -14.470 14.873  -4.139  1.00 51.03 ? 248 HOH A O   1 
HETATM 1362 O O   . HOH B 2 .   ? -2.646  8.400   12.433  1.00 70.27 ? 249 HOH A O   1 
HETATM 1363 O O   . HOH B 2 .   ? 11.397  0.068   -4.437  1.00 53.66 ? 250 HOH A O   1 
HETATM 1364 O O   . HOH B 2 .   ? -5.984  25.825  -9.590  1.00 60.26 ? 251 HOH A O   1 
HETATM 1365 O O   . HOH B 2 .   ? 4.505   -7.882  18.568  1.00 56.56 ? 252 HOH A O   1 
HETATM 1366 O O   . HOH B 2 .   ? 0.571   12.862  -16.895 1.00 65.35 ? 253 HOH A O   1 
HETATM 1367 O O   . HOH B 2 .   ? 1.593   -7.382  19.743  1.00 70.02 ? 254 HOH A O   1 
HETATM 1368 O O   . HOH B 2 .   ? 10.278  -10.735 -5.628  1.00 62.42 ? 255 HOH A O   1 
HETATM 1369 O O   . HOH B 2 .   ? -7.480  13.899  -10.179 1.00 41.93 ? 256 HOH A O   1 
HETATM 1370 O O   . HOH B 2 .   ? -15.982 11.566  -1.806  1.00 59.16 ? 257 HOH A O   1 
HETATM 1371 O O   . HOH B 2 .   ? -8.505  13.577  -1.201  1.00 42.94 ? 258 HOH A O   1 
HETATM 1372 O O   . HOH B 2 .   ? -0.311  -8.304  -3.823  1.00 48.10 ? 259 HOH A O   1 
HETATM 1373 O O   . HOH B 2 .   ? -8.999  20.741  -7.566  1.00 39.04 ? 260 HOH A O   1 
HETATM 1374 O O   . HOH B 2 .   ? 7.570   4.056   13.368  1.00 49.28 ? 261 HOH A O   1 
HETATM 1375 O O   . HOH B 2 .   ? 5.014   -19.441 -4.474  1.00 75.01 ? 262 HOH A O   1 
HETATM 1376 O O   . HOH B 2 .   ? -4.898  11.972  2.167   1.00 71.20 ? 263 HOH A O   1 
HETATM 1377 O O   . HOH B 2 .   ? -6.469  9.854   -20.917 1.00 68.68 ? 264 HOH A O   1 
HETATM 1378 O O   . HOH B 2 .   ? 0.335   18.854  -10.200 1.00 65.61 ? 265 HOH A O   1 
HETATM 1379 O O   . HOH B 2 .   ? 15.113  -21.481 4.033   1.00 59.43 ? 266 HOH A O   1 
HETATM 1380 O O   . HOH B 2 .   ? 0.888   20.636  -13.398 1.00 77.19 ? 267 HOH A O   1 
HETATM 1381 O O   . HOH B 2 .   ? 19.148  -10.148 9.147   1.00 60.07 ? 268 HOH A O   1 
HETATM 1382 O O   . HOH B 2 .   ? -6.138  9.505   6.086   1.00 62.07 ? 269 HOH A O   1 
# 
